data_1KLP
#
_entry.id   1KLP
#
_entity_poly.entity_id   1
_entity_poly.type   'polypeptide(L)'
_entity_poly.pdbx_seq_one_letter_code
;MPVTQEEIIAGIAEIIEEVTGIEPSEITPEKSFVDDLDIDSLSMVEIAVQTEDKYGVKIPDEDLAGLRTVGDVVAYIQKL
EEENPEAAQALRAKIESENPDAVANVQARLEAESK
;
_entity_poly.pdbx_strand_id   A
#
# COMPACT_ATOMS: atom_id res chain seq x y z
N MET A 1 14.26 -8.20 -8.89
CA MET A 1 13.72 -8.73 -10.13
C MET A 1 12.19 -8.70 -10.12
N PRO A 2 11.61 -9.32 -9.07
CA PRO A 2 10.16 -9.37 -8.94
C PRO A 2 9.61 -8.02 -8.49
N VAL A 3 8.29 -7.95 -8.42
CA VAL A 3 7.62 -6.72 -8.01
C VAL A 3 7.93 -6.45 -6.53
N THR A 4 8.80 -5.49 -6.32
CA THR A 4 9.19 -5.12 -4.97
C THR A 4 8.34 -3.96 -4.46
N GLN A 5 8.72 -3.44 -3.30
CA GLN A 5 8.00 -2.32 -2.70
C GLN A 5 8.07 -1.10 -3.61
N GLU A 6 9.30 -0.62 -3.80
CA GLU A 6 9.52 0.54 -4.63
C GLU A 6 8.85 0.35 -6.00
N GLU A 7 8.55 -0.90 -6.30
CA GLU A 7 7.91 -1.23 -7.57
C GLU A 7 6.43 -0.86 -7.53
N ILE A 8 5.78 -1.26 -6.44
CA ILE A 8 4.37 -0.99 -6.27
C ILE A 8 4.21 0.37 -5.58
N ILE A 9 5.33 0.95 -5.21
CA ILE A 9 5.32 2.25 -4.54
C ILE A 9 5.77 3.32 -5.52
N ALA A 10 6.79 3.00 -6.30
CA ALA A 10 7.31 3.93 -7.28
C ALA A 10 6.65 3.66 -8.64
N GLY A 11 6.45 2.40 -8.92
CA GLY A 11 5.82 2.00 -10.18
C GLY A 11 4.37 2.47 -10.23
N ILE A 12 3.69 2.33 -9.10
CA ILE A 12 2.29 2.73 -9.01
C ILE A 12 2.22 4.25 -8.86
N ALA A 13 2.97 4.76 -7.90
CA ALA A 13 3.00 6.19 -7.64
C ALA A 13 3.06 6.94 -8.97
N GLU A 14 3.95 6.47 -9.83
CA GLU A 14 4.12 7.10 -11.13
C GLU A 14 2.81 7.04 -11.92
N ILE A 15 2.21 5.87 -11.92
CA ILE A 15 0.94 5.68 -12.62
C ILE A 15 -0.12 6.58 -12.02
N ILE A 16 -0.12 6.64 -10.68
CA ILE A 16 -1.08 7.46 -9.97
C ILE A 16 -0.98 8.90 -10.48
N GLU A 17 0.22 9.29 -10.84
CA GLU A 17 0.46 10.63 -11.34
C GLU A 17 -0.07 10.77 -12.78
N GLU A 18 -0.63 9.68 -13.27
CA GLU A 18 -1.17 9.65 -14.62
C GLU A 18 -2.70 9.68 -14.57
N VAL A 19 -3.25 8.87 -13.68
CA VAL A 19 -4.70 8.78 -13.53
C VAL A 19 -5.17 9.91 -12.61
N THR A 20 -4.75 9.82 -11.35
CA THR A 20 -5.13 10.82 -10.37
C THR A 20 -4.31 12.10 -10.55
N GLY A 21 -3.18 11.94 -11.24
CA GLY A 21 -2.29 13.06 -11.49
C GLY A 21 -1.60 13.52 -10.20
N ILE A 22 -1.54 12.62 -9.24
CA ILE A 22 -0.91 12.90 -7.96
C ILE A 22 0.60 12.77 -8.10
N GLU A 23 1.31 13.29 -7.12
CA GLU A 23 2.75 13.23 -7.11
C GLU A 23 3.22 11.79 -6.88
N PRO A 24 4.45 11.50 -7.39
CA PRO A 24 5.02 10.17 -7.24
C PRO A 24 5.52 9.94 -5.82
N SER A 25 6.29 10.89 -5.33
CA SER A 25 6.84 10.81 -3.98
C SER A 25 5.71 10.95 -2.96
N GLU A 26 4.64 11.59 -3.38
CA GLU A 26 3.50 11.80 -2.52
C GLU A 26 2.87 10.46 -2.13
N ILE A 27 2.70 9.62 -3.13
CA ILE A 27 2.11 8.30 -2.91
C ILE A 27 3.01 7.50 -1.96
N THR A 28 2.37 6.90 -0.97
CA THR A 28 3.10 6.12 0.01
C THR A 28 2.34 4.82 0.32
N PRO A 29 3.05 3.89 1.01
CA PRO A 29 2.45 2.61 1.38
C PRO A 29 1.47 2.78 2.54
N GLU A 30 1.31 4.03 2.97
CA GLU A 30 0.42 4.33 4.07
C GLU A 30 -0.95 4.78 3.53
N LYS A 31 -1.07 4.75 2.21
CA LYS A 31 -2.30 5.15 1.56
C LYS A 31 -3.43 4.22 2.01
N SER A 32 -4.65 4.63 1.70
CA SER A 32 -5.82 3.84 2.07
C SER A 32 -6.70 3.61 0.84
N PHE A 33 -6.14 3.92 -0.32
CA PHE A 33 -6.86 3.75 -1.57
C PHE A 33 -7.82 4.91 -1.82
N VAL A 34 -8.41 5.38 -0.73
CA VAL A 34 -9.35 6.49 -0.80
C VAL A 34 -9.09 7.46 0.34
N ASP A 35 -9.13 6.93 1.55
CA ASP A 35 -8.89 7.74 2.74
C ASP A 35 -7.77 8.75 2.44
N ASP A 36 -6.86 8.34 1.58
CA ASP A 36 -5.74 9.19 1.20
C ASP A 36 -5.96 9.72 -0.21
N LEU A 37 -5.91 8.81 -1.17
CA LEU A 37 -6.10 9.19 -2.56
C LEU A 37 -7.26 10.18 -2.66
N ASP A 38 -8.40 9.77 -2.14
CA ASP A 38 -9.58 10.62 -2.16
C ASP A 38 -10.08 10.75 -3.60
N ILE A 39 -9.53 9.91 -4.46
CA ILE A 39 -9.91 9.92 -5.87
C ILE A 39 -11.05 8.93 -6.09
N ASP A 40 -11.21 8.03 -5.13
CA ASP A 40 -12.26 7.03 -5.21
C ASP A 40 -11.73 5.81 -5.96
N SER A 41 -12.66 4.90 -6.27
CA SER A 41 -12.29 3.68 -6.98
C SER A 41 -12.34 3.94 -8.49
N LEU A 42 -12.69 5.16 -8.84
CA LEU A 42 -12.77 5.55 -10.25
C LEU A 42 -11.36 5.53 -10.85
N SER A 43 -10.55 6.47 -10.41
CA SER A 43 -9.18 6.58 -10.89
C SER A 43 -8.38 5.33 -10.49
N MET A 44 -8.48 5.00 -9.21
CA MET A 44 -7.78 3.85 -8.68
C MET A 44 -7.97 2.63 -9.58
N VAL A 45 -9.15 2.54 -10.16
CA VAL A 45 -9.47 1.42 -11.04
C VAL A 45 -8.52 1.44 -12.24
N GLU A 46 -8.14 2.65 -12.63
CA GLU A 46 -7.23 2.83 -13.76
C GLU A 46 -5.81 2.44 -13.36
N ILE A 47 -5.35 3.07 -12.28
CA ILE A 47 -4.01 2.81 -11.79
C ILE A 47 -3.75 1.31 -11.80
N ALA A 48 -4.78 0.56 -11.46
CA ALA A 48 -4.68 -0.89 -11.43
C ALA A 48 -4.65 -1.43 -12.87
N VAL A 49 -5.59 -0.94 -13.66
CA VAL A 49 -5.69 -1.36 -15.04
C VAL A 49 -4.32 -1.27 -15.70
N GLN A 50 -3.49 -0.39 -15.15
CA GLN A 50 -2.15 -0.19 -15.68
C GLN A 50 -1.17 -1.15 -14.99
N THR A 51 -1.09 -1.02 -13.67
CA THR A 51 -0.20 -1.86 -12.89
C THR A 51 -0.43 -3.33 -13.22
N GLU A 52 -1.70 -3.68 -13.40
CA GLU A 52 -2.08 -5.04 -13.72
C GLU A 52 -1.74 -5.35 -15.17
N ASP A 53 -1.22 -4.35 -15.87
CA ASP A 53 -0.85 -4.51 -17.26
C ASP A 53 0.66 -4.32 -17.40
N LYS A 54 1.11 -3.13 -17.03
CA LYS A 54 2.53 -2.81 -17.11
C LYS A 54 3.36 -4.02 -16.66
N TYR A 55 2.89 -4.64 -15.58
CA TYR A 55 3.56 -5.80 -15.03
C TYR A 55 2.77 -7.08 -15.32
N GLY A 56 1.50 -7.05 -14.95
CA GLY A 56 0.64 -8.20 -15.17
C GLY A 56 0.25 -8.86 -13.84
N VAL A 57 0.27 -8.05 -12.79
CA VAL A 57 -0.07 -8.54 -11.46
C VAL A 57 -1.53 -8.97 -11.44
N LYS A 58 -1.85 -9.83 -10.48
CA LYS A 58 -3.21 -10.33 -10.35
C LYS A 58 -3.92 -9.57 -9.23
N ILE A 59 -4.78 -8.65 -9.64
CA ILE A 59 -5.53 -7.86 -8.68
C ILE A 59 -6.90 -7.51 -9.27
N PRO A 60 -7.73 -8.57 -9.46
CA PRO A 60 -9.06 -8.39 -10.01
C PRO A 60 -10.01 -7.80 -8.97
N ASP A 61 -11.19 -7.40 -9.44
CA ASP A 61 -12.19 -6.82 -8.57
C ASP A 61 -12.36 -7.70 -7.33
N GLU A 62 -12.38 -9.00 -7.58
CA GLU A 62 -12.55 -9.96 -6.49
C GLU A 62 -11.53 -9.69 -5.39
N ASP A 63 -10.46 -8.99 -5.77
CA ASP A 63 -9.42 -8.66 -4.81
C ASP A 63 -9.39 -7.15 -4.59
N LEU A 64 -9.71 -6.42 -5.66
CA LEU A 64 -9.72 -4.97 -5.59
C LEU A 64 -10.77 -4.52 -4.55
N ALA A 65 -11.62 -5.46 -4.18
CA ALA A 65 -12.67 -5.17 -3.22
C ALA A 65 -12.07 -5.21 -1.80
N GLY A 66 -11.15 -6.16 -1.61
CA GLY A 66 -10.49 -6.30 -0.32
C GLY A 66 -9.39 -5.26 -0.14
N LEU A 67 -8.57 -5.13 -1.18
CA LEU A 67 -7.47 -4.18 -1.15
C LEU A 67 -7.94 -2.89 -0.47
N ARG A 68 -7.33 -2.61 0.67
CA ARG A 68 -7.67 -1.41 1.43
C ARG A 68 -6.53 -0.39 1.35
N THR A 69 -5.32 -0.89 1.42
CA THR A 69 -4.15 -0.05 1.36
C THR A 69 -3.11 -0.63 0.40
N VAL A 70 -2.04 0.13 0.20
CA VAL A 70 -0.97 -0.30 -0.68
C VAL A 70 -0.43 -1.66 -0.21
N GLY A 71 -0.13 -1.71 1.08
CA GLY A 71 0.38 -2.94 1.67
C GLY A 71 -0.48 -4.14 1.29
N ASP A 72 -1.77 -3.90 1.23
CA ASP A 72 -2.72 -4.95 0.89
C ASP A 72 -2.74 -5.13 -0.63
N VAL A 73 -2.59 -4.02 -1.34
CA VAL A 73 -2.59 -4.03 -2.79
C VAL A 73 -1.29 -4.66 -3.28
N VAL A 74 -0.32 -4.74 -2.38
CA VAL A 74 0.97 -5.31 -2.70
C VAL A 74 0.99 -6.79 -2.33
N ALA A 75 0.69 -7.05 -1.06
CA ALA A 75 0.67 -8.41 -0.56
C ALA A 75 -0.10 -9.29 -1.54
N TYR A 76 -1.33 -8.88 -1.83
CA TYR A 76 -2.17 -9.63 -2.75
C TYR A 76 -1.37 -10.10 -3.96
N ILE A 77 -0.33 -9.34 -4.27
CA ILE A 77 0.53 -9.67 -5.41
C ILE A 77 1.59 -10.67 -4.97
N GLN A 78 2.58 -10.17 -4.25
CA GLN A 78 3.67 -11.00 -3.77
C GLN A 78 3.10 -12.25 -3.09
N LYS A 79 2.23 -12.02 -2.12
CA LYS A 79 1.61 -13.12 -1.39
C LYS A 79 1.18 -14.20 -2.37
N LEU A 80 0.54 -13.76 -3.45
CA LEU A 80 0.07 -14.68 -4.47
C LEU A 80 1.23 -15.54 -4.95
N GLU A 81 2.39 -14.90 -5.09
CA GLU A 81 3.58 -15.60 -5.54
C GLU A 81 4.25 -16.30 -4.36
N GLU A 82 5.13 -15.56 -3.70
CA GLU A 82 5.86 -16.08 -2.56
C GLU A 82 7.07 -15.20 -2.24
N GLU A 83 6.83 -14.25 -1.34
CA GLU A 83 7.89 -13.34 -0.94
C GLU A 83 7.97 -13.25 0.58
N ASN A 84 7.01 -12.54 1.16
CA ASN A 84 6.95 -12.37 2.60
C ASN A 84 5.69 -13.04 3.14
N PRO A 85 5.84 -14.35 3.48
CA PRO A 85 4.72 -15.11 4.01
C PRO A 85 4.42 -14.73 5.46
N GLU A 86 4.25 -13.43 5.67
CA GLU A 86 3.97 -12.92 7.00
C GLU A 86 2.64 -12.14 7.01
N ALA A 87 2.62 -11.10 6.19
CA ALA A 87 1.43 -10.27 6.09
C ALA A 87 1.59 -9.29 4.92
N ALA A 88 2.72 -8.59 4.93
CA ALA A 88 3.01 -7.63 3.87
C ALA A 88 4.10 -6.68 4.35
N GLN A 89 4.33 -5.65 3.56
CA GLN A 89 5.36 -4.67 3.88
C GLN A 89 4.73 -3.45 4.56
N ALA A 90 4.57 -3.56 5.87
CA ALA A 90 3.98 -2.47 6.65
C ALA A 90 3.53 -3.01 8.00
N LEU A 91 2.83 -4.13 7.95
CA LEU A 91 2.34 -4.75 9.17
C LEU A 91 3.40 -4.65 10.26
N ARG A 92 2.95 -4.32 11.47
CA ARG A 92 3.86 -4.19 12.59
C ARG A 92 3.07 -4.19 13.91
N ALA A 93 2.32 -5.27 14.10
CA ALA A 93 1.51 -5.40 15.30
C ALA A 93 0.46 -6.49 15.09
N LYS A 94 0.93 -7.73 15.09
CA LYS A 94 0.04 -8.87 14.88
C LYS A 94 -0.50 -8.84 13.46
N ILE A 95 -0.60 -10.03 12.87
CA ILE A 95 -1.11 -10.16 11.51
C ILE A 95 -2.51 -9.56 11.44
N GLU A 96 -3.48 -10.36 11.83
CA GLU A 96 -4.87 -9.93 11.81
C GLU A 96 -4.98 -8.47 12.24
N SER A 97 -4.30 -8.16 13.34
CA SER A 97 -4.31 -6.81 13.87
C SER A 97 -3.40 -5.91 13.03
N GLU A 98 -3.69 -5.87 11.73
CA GLU A 98 -2.91 -5.06 10.82
C GLU A 98 -3.21 -3.58 11.04
N ASN A 99 -2.20 -2.75 10.76
CA ASN A 99 -2.34 -1.32 10.93
C ASN A 99 -1.13 -0.62 10.28
N PRO A 100 -1.25 -0.39 8.95
CA PRO A 100 -0.19 0.27 8.20
C PRO A 100 -0.16 1.77 8.49
N ASP A 101 0.22 2.09 9.71
CA ASP A 101 0.29 3.49 10.13
C ASP A 101 1.26 3.62 11.31
N ALA A 102 0.94 2.89 12.37
CA ALA A 102 1.76 2.91 13.57
C ALA A 102 1.43 4.16 14.39
N VAL A 103 0.14 4.43 14.48
CA VAL A 103 -0.33 5.59 15.24
C VAL A 103 0.41 5.66 16.57
N ALA A 104 0.31 6.81 17.21
CA ALA A 104 0.96 7.03 18.49
C ALA A 104 0.61 8.41 19.02
N ASN A 105 -0.70 8.64 19.15
CA ASN A 105 -1.19 9.91 19.64
C ASN A 105 -2.72 9.93 19.58
N VAL A 106 -3.27 11.13 19.52
CA VAL A 106 -4.71 11.30 19.47
C VAL A 106 -5.07 12.08 18.20
N GLN A 107 -6.36 12.10 17.91
CA GLN A 107 -6.86 12.81 16.74
C GLN A 107 -8.05 13.69 17.11
N ALA A 108 -8.89 13.95 16.12
CA ALA A 108 -10.06 14.77 16.33
C ALA A 108 -9.65 16.24 16.42
N ARG A 109 -8.50 16.54 15.83
CA ARG A 109 -7.99 17.90 15.83
C ARG A 109 -7.86 18.43 14.40
N LEU A 110 -8.57 17.79 13.50
CA LEU A 110 -8.55 18.18 12.10
C LEU A 110 -9.80 18.99 11.78
N GLU A 111 -9.77 19.67 10.65
CA GLU A 111 -10.89 20.48 10.22
C GLU A 111 -11.28 20.12 8.78
N ALA A 112 -11.77 21.13 8.06
CA ALA A 112 -12.19 20.92 6.69
C ALA A 112 -12.33 22.29 6.01
N GLU A 113 -12.60 22.24 4.71
CA GLU A 113 -12.75 23.46 3.93
C GLU A 113 -14.22 23.65 3.52
N SER A 114 -14.72 22.66 2.79
CA SER A 114 -16.11 22.70 2.34
C SER A 114 -16.29 23.85 1.35
N LYS A 115 -17.17 23.62 0.38
CA LYS A 115 -17.45 24.62 -0.63
C LYS A 115 -17.97 25.89 0.05
N MET A 1 8.87 -7.49 -12.81
CA MET A 1 9.36 -8.82 -12.47
C MET A 1 9.51 -8.96 -10.95
N PRO A 2 10.24 -7.98 -10.35
CA PRO A 2 10.47 -7.98 -8.91
C PRO A 2 9.21 -7.56 -8.16
N VAL A 3 8.47 -6.65 -8.77
CA VAL A 3 7.24 -6.15 -8.17
C VAL A 3 7.47 -5.89 -6.68
N THR A 4 8.64 -5.33 -6.38
CA THR A 4 8.99 -5.03 -5.01
C THR A 4 8.22 -3.81 -4.51
N GLN A 5 8.46 -3.47 -3.25
CA GLN A 5 7.79 -2.33 -2.64
C GLN A 5 7.91 -1.11 -3.56
N GLU A 6 9.13 -0.60 -3.67
CA GLU A 6 9.39 0.56 -4.49
C GLU A 6 8.78 0.36 -5.89
N GLU A 7 8.56 -0.91 -6.23
CA GLU A 7 7.99 -1.25 -7.52
C GLU A 7 6.50 -0.92 -7.55
N ILE A 8 5.83 -1.27 -6.46
CA ILE A 8 4.40 -1.01 -6.35
C ILE A 8 4.18 0.33 -5.65
N ILE A 9 5.29 0.94 -5.24
CA ILE A 9 5.22 2.22 -4.57
C ILE A 9 5.69 3.32 -5.52
N ALA A 10 6.74 3.00 -6.26
CA ALA A 10 7.30 3.95 -7.22
C ALA A 10 6.68 3.71 -8.59
N GLY A 11 6.42 2.44 -8.87
CA GLY A 11 5.83 2.06 -10.14
C GLY A 11 4.37 2.53 -10.22
N ILE A 12 3.66 2.33 -9.13
CA ILE A 12 2.26 2.72 -9.06
C ILE A 12 2.17 4.24 -8.90
N ALA A 13 2.86 4.74 -7.89
CA ALA A 13 2.87 6.16 -7.62
C ALA A 13 2.94 6.94 -8.93
N GLU A 14 3.85 6.50 -9.79
CA GLU A 14 4.03 7.13 -11.09
C GLU A 14 2.74 7.05 -11.90
N ILE A 15 2.11 5.88 -11.86
CA ILE A 15 0.87 5.68 -12.58
C ILE A 15 -0.21 6.57 -11.99
N ILE A 16 -0.26 6.59 -10.66
CA ILE A 16 -1.25 7.40 -9.96
C ILE A 16 -1.16 8.84 -10.46
N GLU A 17 0.05 9.25 -10.82
CA GLU A 17 0.29 10.59 -11.30
C GLU A 17 -0.19 10.72 -12.75
N GLU A 18 -0.77 9.64 -13.25
CA GLU A 18 -1.26 9.61 -14.61
C GLU A 18 -2.80 9.60 -14.62
N VAL A 19 -3.35 8.76 -13.75
CA VAL A 19 -4.80 8.64 -13.66
C VAL A 19 -5.34 9.80 -12.82
N THR A 20 -4.92 9.84 -11.57
CA THR A 20 -5.34 10.89 -10.66
C THR A 20 -4.54 12.16 -10.89
N GLY A 21 -3.29 11.98 -11.31
CA GLY A 21 -2.41 13.09 -11.59
C GLY A 21 -1.76 13.60 -10.29
N ILE A 22 -1.67 12.70 -9.33
CA ILE A 22 -1.06 13.03 -8.05
C ILE A 22 0.45 12.84 -8.13
N GLU A 23 1.13 13.39 -7.14
CA GLU A 23 2.59 13.30 -7.09
C GLU A 23 3.01 11.84 -6.83
N PRO A 24 4.19 11.48 -7.40
CA PRO A 24 4.72 10.14 -7.23
C PRO A 24 5.29 9.95 -5.83
N SER A 25 6.15 10.88 -5.44
CA SER A 25 6.77 10.84 -4.13
C SER A 25 5.72 10.94 -3.04
N GLU A 26 4.59 11.54 -3.41
CA GLU A 26 3.49 11.72 -2.46
C GLU A 26 2.96 10.35 -2.01
N ILE A 27 2.84 9.45 -2.99
CA ILE A 27 2.34 8.11 -2.71
C ILE A 27 3.29 7.42 -1.74
N THR A 28 2.70 6.84 -0.70
CA THR A 28 3.48 6.14 0.30
C THR A 28 2.75 4.88 0.76
N PRO A 29 3.51 3.99 1.47
CA PRO A 29 2.95 2.75 1.97
C PRO A 29 2.05 3.00 3.17
N GLU A 30 1.29 4.08 3.10
CA GLU A 30 0.38 4.43 4.18
C GLU A 30 -0.96 4.91 3.61
N LYS A 31 -1.12 4.73 2.30
CA LYS A 31 -2.33 5.13 1.64
C LYS A 31 -3.48 4.21 2.07
N SER A 32 -4.70 4.61 1.72
CA SER A 32 -5.87 3.84 2.07
C SER A 32 -6.74 3.62 0.83
N PHE A 33 -6.16 3.93 -0.32
CA PHE A 33 -6.87 3.78 -1.58
C PHE A 33 -7.82 4.94 -1.82
N VAL A 34 -8.42 5.42 -0.74
CA VAL A 34 -9.36 6.52 -0.82
C VAL A 34 -9.08 7.50 0.33
N ASP A 35 -9.13 6.97 1.54
CA ASP A 35 -8.89 7.78 2.72
C ASP A 35 -7.76 8.77 2.44
N ASP A 36 -6.85 8.33 1.57
CA ASP A 36 -5.71 9.16 1.21
C ASP A 36 -5.92 9.72 -0.20
N LEU A 37 -5.89 8.81 -1.16
CA LEU A 37 -6.07 9.20 -2.55
C LEU A 37 -7.21 10.22 -2.65
N ASP A 38 -8.36 9.83 -2.12
CA ASP A 38 -9.52 10.70 -2.13
C ASP A 38 -10.03 10.85 -3.56
N ILE A 39 -9.50 10.01 -4.43
CA ILE A 39 -9.88 10.02 -5.84
C ILE A 39 -11.01 9.02 -6.06
N ASP A 40 -11.20 8.16 -5.08
CA ASP A 40 -12.24 7.14 -5.16
C ASP A 40 -11.67 5.89 -5.83
N SER A 41 -12.57 4.96 -6.12
CA SER A 41 -12.17 3.72 -6.76
C SER A 41 -12.25 3.87 -8.28
N LEU A 42 -12.67 5.05 -8.71
CA LEU A 42 -12.81 5.33 -10.13
C LEU A 42 -11.41 5.33 -10.77
N SER A 43 -10.62 6.32 -10.40
CA SER A 43 -9.27 6.45 -10.92
C SER A 43 -8.43 5.25 -10.50
N MET A 44 -8.52 4.94 -9.21
CA MET A 44 -7.77 3.83 -8.66
C MET A 44 -7.94 2.57 -9.51
N VAL A 45 -9.13 2.44 -10.10
CA VAL A 45 -9.43 1.29 -10.94
C VAL A 45 -8.48 1.29 -12.14
N GLU A 46 -8.14 2.50 -12.58
CA GLU A 46 -7.24 2.64 -13.72
C GLU A 46 -5.80 2.30 -13.32
N ILE A 47 -5.34 2.97 -12.27
CA ILE A 47 -3.99 2.75 -11.78
C ILE A 47 -3.69 1.25 -11.82
N ALA A 48 -4.64 0.47 -11.34
CA ALA A 48 -4.48 -0.98 -11.32
C ALA A 48 -4.57 -1.52 -12.75
N VAL A 49 -5.56 -1.04 -13.48
CA VAL A 49 -5.77 -1.45 -14.85
C VAL A 49 -4.45 -1.38 -15.61
N GLN A 50 -3.59 -0.48 -15.14
CA GLN A 50 -2.29 -0.29 -15.76
C GLN A 50 -1.27 -1.24 -15.15
N THR A 51 -1.08 -1.10 -13.84
CA THR A 51 -0.13 -1.95 -13.13
C THR A 51 -0.40 -3.42 -13.43
N GLU A 52 -1.69 -3.75 -13.50
CA GLU A 52 -2.10 -5.11 -13.77
C GLU A 52 -1.85 -5.46 -15.24
N ASP A 53 -1.39 -4.46 -15.97
CA ASP A 53 -1.11 -4.65 -17.39
C ASP A 53 0.39 -4.45 -17.65
N LYS A 54 0.85 -3.25 -17.40
CA LYS A 54 2.25 -2.92 -17.59
C LYS A 54 3.10 -4.06 -17.02
N TYR A 55 2.69 -4.56 -15.88
CA TYR A 55 3.41 -5.63 -15.22
C TYR A 55 2.68 -6.97 -15.41
N GLY A 56 1.36 -6.92 -15.24
CA GLY A 56 0.54 -8.10 -15.37
C GLY A 56 0.15 -8.66 -14.01
N VAL A 57 0.48 -7.91 -12.98
CA VAL A 57 0.16 -8.30 -11.62
C VAL A 57 -1.28 -8.84 -11.57
N LYS A 58 -1.49 -9.77 -10.65
CA LYS A 58 -2.80 -10.38 -10.50
C LYS A 58 -3.57 -9.67 -9.38
N ILE A 59 -4.40 -8.73 -9.79
CA ILE A 59 -5.20 -7.97 -8.85
C ILE A 59 -6.56 -7.64 -9.47
N PRO A 60 -7.43 -8.68 -9.54
CA PRO A 60 -8.75 -8.49 -10.12
C PRO A 60 -9.67 -7.75 -9.15
N ASP A 61 -10.83 -7.36 -9.66
CA ASP A 61 -11.81 -6.64 -8.86
C ASP A 61 -12.17 -7.47 -7.63
N GLU A 62 -12.30 -8.78 -7.85
CA GLU A 62 -12.65 -9.69 -6.79
C GLU A 62 -11.66 -9.53 -5.62
N ASP A 63 -10.52 -8.94 -5.93
CA ASP A 63 -9.50 -8.72 -4.92
C ASP A 63 -9.36 -7.21 -4.66
N LEU A 64 -9.53 -6.45 -5.72
CA LEU A 64 -9.43 -5.01 -5.62
C LEU A 64 -10.48 -4.49 -4.64
N ALA A 65 -11.44 -5.35 -4.33
CA ALA A 65 -12.51 -4.99 -3.41
C ALA A 65 -11.97 -5.03 -1.98
N GLY A 66 -11.09 -6.00 -1.73
CA GLY A 66 -10.49 -6.15 -0.42
C GLY A 66 -9.37 -5.14 -0.20
N LEU A 67 -8.51 -5.03 -1.20
CA LEU A 67 -7.39 -4.11 -1.14
C LEU A 67 -7.85 -2.80 -0.48
N ARG A 68 -7.21 -2.48 0.64
CA ARG A 68 -7.55 -1.26 1.36
C ARG A 68 -6.39 -0.28 1.31
N THR A 69 -5.18 -0.82 1.38
CA THR A 69 -3.99 0.00 1.34
C THR A 69 -2.95 -0.62 0.41
N VAL A 70 -1.91 0.15 0.13
CA VAL A 70 -0.84 -0.31 -0.74
C VAL A 70 -0.33 -1.66 -0.23
N GLY A 71 0.05 -1.67 1.05
CA GLY A 71 0.56 -2.88 1.67
C GLY A 71 -0.29 -4.09 1.28
N ASP A 72 -1.59 -3.86 1.20
CA ASP A 72 -2.51 -4.93 0.85
C ASP A 72 -2.51 -5.11 -0.67
N VAL A 73 -2.43 -3.99 -1.38
CA VAL A 73 -2.41 -4.01 -2.82
C VAL A 73 -1.08 -4.61 -3.30
N VAL A 74 -0.13 -4.67 -2.39
CA VAL A 74 1.18 -5.21 -2.71
C VAL A 74 1.24 -6.67 -2.26
N ALA A 75 0.95 -6.89 -0.98
CA ALA A 75 0.97 -8.23 -0.43
C ALA A 75 0.18 -9.16 -1.34
N TYR A 76 -1.06 -8.78 -1.60
CA TYR A 76 -1.92 -9.58 -2.46
C TYR A 76 -1.17 -10.07 -3.69
N ILE A 77 -0.18 -9.30 -4.09
CA ILE A 77 0.62 -9.64 -5.25
C ILE A 77 1.67 -10.68 -4.85
N GLN A 78 2.70 -10.20 -4.17
CA GLN A 78 3.78 -11.07 -3.73
C GLN A 78 3.20 -12.30 -3.01
N LYS A 79 2.36 -12.02 -2.02
CA LYS A 79 1.75 -13.08 -1.25
C LYS A 79 1.31 -14.21 -2.19
N LEU A 80 0.76 -13.81 -3.33
CA LEU A 80 0.29 -14.77 -4.31
C LEU A 80 1.50 -15.55 -4.85
N GLU A 81 2.54 -14.80 -5.18
CA GLU A 81 3.76 -15.41 -5.71
C GLU A 81 4.50 -16.16 -4.60
N GLU A 82 4.16 -15.82 -3.38
CA GLU A 82 4.78 -16.46 -2.22
C GLU A 82 6.11 -15.78 -1.90
N GLU A 83 6.04 -14.77 -1.05
CA GLU A 83 7.25 -14.04 -0.67
C GLU A 83 7.32 -13.94 0.86
N ASN A 84 6.42 -13.14 1.42
CA ASN A 84 6.37 -12.94 2.85
C ASN A 84 5.10 -13.56 3.42
N PRO A 85 5.24 -14.83 3.89
CA PRO A 85 4.11 -15.54 4.46
C PRO A 85 3.76 -15.02 5.85
N GLU A 86 3.58 -13.70 5.92
CA GLU A 86 3.24 -13.06 7.18
C GLU A 86 2.01 -12.17 7.01
N ALA A 87 2.16 -11.14 6.19
CA ALA A 87 1.07 -10.22 5.93
C ALA A 87 1.45 -9.30 4.77
N ALA A 88 2.49 -8.51 5.00
CA ALA A 88 2.97 -7.58 3.99
C ALA A 88 4.20 -6.85 4.50
N GLN A 89 4.58 -5.81 3.80
CA GLN A 89 5.75 -5.02 4.17
C GLN A 89 5.37 -3.96 5.21
N ALA A 90 6.05 -4.01 6.34
CA ALA A 90 5.79 -3.06 7.40
C ALA A 90 4.51 -3.47 8.14
N LEU A 91 4.20 -4.75 8.07
CA LEU A 91 3.01 -5.27 8.71
C LEU A 91 3.22 -5.28 10.23
N ARG A 92 2.17 -4.90 10.95
CA ARG A 92 2.22 -4.86 12.40
C ARG A 92 0.87 -4.45 12.97
N ALA A 93 -0.18 -5.08 12.45
CA ALA A 93 -1.52 -4.79 12.89
C ALA A 93 -2.32 -6.08 12.97
N LYS A 94 -2.64 -6.61 11.79
CA LYS A 94 -3.40 -7.84 11.71
C LYS A 94 -2.71 -8.80 10.73
N ILE A 95 -3.23 -10.02 10.68
CA ILE A 95 -2.68 -11.03 9.80
C ILE A 95 -3.46 -11.03 8.48
N GLU A 96 -4.77 -11.13 8.62
CA GLU A 96 -5.64 -11.15 7.46
C GLU A 96 -5.65 -9.78 6.77
N SER A 97 -5.05 -8.82 7.46
CA SER A 97 -4.98 -7.47 6.93
C SER A 97 -3.58 -6.88 7.16
N GLU A 98 -3.53 -5.56 7.27
CA GLU A 98 -2.27 -4.87 7.50
C GLU A 98 -2.52 -3.44 7.95
N ASN A 99 -1.49 -2.83 8.50
CA ASN A 99 -1.59 -1.46 8.98
C ASN A 99 -0.22 -1.01 9.53
N PRO A 100 0.49 -0.21 8.70
CA PRO A 100 1.80 0.29 9.10
C PRO A 100 1.68 1.40 10.13
N ASP A 101 1.01 1.07 11.23
CA ASP A 101 0.81 2.03 12.31
C ASP A 101 0.25 1.31 13.53
N ALA A 102 0.96 1.46 14.64
CA ALA A 102 0.55 0.84 15.89
C ALA A 102 1.03 1.68 17.06
N VAL A 103 0.93 3.00 16.88
CA VAL A 103 1.35 3.92 17.92
C VAL A 103 0.21 4.88 18.22
N ALA A 104 0.25 5.43 19.43
CA ALA A 104 -0.78 6.37 19.85
C ALA A 104 -0.31 7.09 21.12
N ASN A 105 0.93 7.56 21.07
CA ASN A 105 1.50 8.27 22.21
C ASN A 105 0.48 9.26 22.75
N VAL A 106 0.76 9.75 23.95
CA VAL A 106 -0.13 10.71 24.59
C VAL A 106 0.66 11.99 24.91
N GLN A 107 -0.09 13.01 25.31
CA GLN A 107 0.52 14.28 25.64
C GLN A 107 -0.55 15.28 26.08
N ALA A 108 -0.80 15.30 27.38
CA ALA A 108 -1.79 16.20 27.94
C ALA A 108 -1.80 16.07 29.47
N ARG A 109 -0.59 16.06 30.02
CA ARG A 109 -0.44 15.94 31.47
C ARG A 109 0.74 16.78 31.94
N LEU A 110 0.69 18.06 31.62
CA LEU A 110 1.75 18.98 32.00
C LEU A 110 1.13 20.23 32.63
N GLU A 111 1.79 20.74 33.65
CA GLU A 111 1.32 21.93 34.34
C GLU A 111 2.50 22.82 34.73
N ALA A 112 2.75 23.82 33.90
CA ALA A 112 3.84 24.75 34.13
C ALA A 112 3.39 26.16 33.76
N GLU A 113 3.11 26.95 34.80
CA GLU A 113 2.68 28.32 34.60
C GLU A 113 3.14 29.20 35.75
N SER A 114 2.62 28.91 36.93
CA SER A 114 2.97 29.65 38.13
C SER A 114 2.73 31.15 37.89
N LYS A 115 2.84 31.91 38.97
CA LYS A 115 2.64 33.35 38.90
C LYS A 115 3.70 33.96 37.97
N MET A 1 10.56 -4.55 -13.90
CA MET A 1 10.58 -5.99 -14.08
C MET A 1 10.04 -6.72 -12.84
N PRO A 2 10.64 -6.35 -11.67
CA PRO A 2 10.23 -6.95 -10.42
C PRO A 2 8.89 -6.39 -9.95
N VAL A 3 8.62 -6.59 -8.67
CA VAL A 3 7.36 -6.11 -8.08
C VAL A 3 7.56 -5.88 -6.59
N THR A 4 8.72 -5.30 -6.26
CA THR A 4 9.03 -5.01 -4.87
C THR A 4 8.28 -3.78 -4.39
N GLN A 5 8.49 -3.45 -3.12
CA GLN A 5 7.84 -2.29 -2.53
C GLN A 5 7.99 -1.08 -3.44
N GLU A 6 9.21 -0.59 -3.53
CA GLU A 6 9.50 0.58 -4.36
C GLU A 6 8.89 0.39 -5.75
N GLU A 7 8.65 -0.86 -6.09
CA GLU A 7 8.08 -1.18 -7.38
C GLU A 7 6.59 -0.83 -7.40
N ILE A 8 5.90 -1.24 -6.35
CA ILE A 8 4.47 -0.98 -6.23
C ILE A 8 4.27 0.39 -5.56
N ILE A 9 5.38 0.99 -5.16
CA ILE A 9 5.33 2.28 -4.51
C ILE A 9 5.80 3.37 -5.50
N ALA A 10 6.84 3.04 -6.23
CA ALA A 10 7.39 3.96 -7.21
C ALA A 10 6.75 3.70 -8.58
N GLY A 11 6.51 2.42 -8.84
CA GLY A 11 5.90 2.02 -10.10
C GLY A 11 4.44 2.47 -10.17
N ILE A 12 3.73 2.30 -9.07
CA ILE A 12 2.34 2.69 -9.00
C ILE A 12 2.24 4.21 -8.88
N ALA A 13 2.95 4.74 -7.90
CA ALA A 13 2.94 6.17 -7.67
C ALA A 13 3.05 6.90 -9.01
N GLU A 14 3.97 6.42 -9.84
CA GLU A 14 4.18 7.02 -11.14
C GLU A 14 2.89 6.96 -11.96
N ILE A 15 2.25 5.81 -11.92
CA ILE A 15 1.01 5.61 -12.65
C ILE A 15 -0.08 6.51 -12.05
N ILE A 16 -0.10 6.55 -10.73
CA ILE A 16 -1.08 7.36 -10.03
C ILE A 16 -1.01 8.81 -10.55
N GLU A 17 0.20 9.22 -10.89
CA GLU A 17 0.42 10.56 -11.40
C GLU A 17 -0.12 10.67 -12.83
N GLU A 18 -0.66 9.57 -13.32
CA GLU A 18 -1.22 9.54 -14.66
C GLU A 18 -2.74 9.54 -14.60
N VAL A 19 -3.28 8.73 -13.72
CA VAL A 19 -4.72 8.63 -13.56
C VAL A 19 -5.21 9.76 -12.64
N THR A 20 -4.81 9.66 -11.38
CA THR A 20 -5.19 10.65 -10.39
C THR A 20 -4.39 11.94 -10.59
N GLY A 21 -3.24 11.79 -11.24
CA GLY A 21 -2.38 12.92 -11.50
C GLY A 21 -1.69 13.40 -10.21
N ILE A 22 -1.59 12.49 -9.26
CA ILE A 22 -0.97 12.80 -7.99
C ILE A 22 0.56 12.67 -8.13
N GLU A 23 1.26 13.24 -7.17
CA GLU A 23 2.71 13.19 -7.17
C GLU A 23 3.20 11.77 -6.93
N PRO A 24 4.43 11.49 -7.43
CA PRO A 24 5.02 10.16 -7.27
C PRO A 24 5.51 9.95 -5.84
N SER A 25 6.27 10.93 -5.36
CA SER A 25 6.81 10.86 -4.01
C SER A 25 5.69 10.98 -2.99
N GLU A 26 4.59 11.58 -3.43
CA GLU A 26 3.43 11.77 -2.56
C GLU A 26 2.89 10.41 -2.11
N ILE A 27 2.84 9.49 -3.06
CA ILE A 27 2.33 8.15 -2.77
C ILE A 27 3.27 7.47 -1.78
N THR A 28 2.67 6.78 -0.82
CA THR A 28 3.43 6.09 0.20
C THR A 28 2.69 4.83 0.65
N PRO A 29 3.44 3.93 1.34
CA PRO A 29 2.87 2.69 1.84
C PRO A 29 1.99 2.94 3.06
N GLU A 30 1.21 4.01 2.97
CA GLU A 30 0.31 4.37 4.07
C GLU A 30 -1.04 4.84 3.52
N LYS A 31 -1.21 4.67 2.22
CA LYS A 31 -2.44 5.06 1.56
C LYS A 31 -3.58 4.15 2.02
N SER A 32 -4.80 4.61 1.76
CA SER A 32 -5.97 3.85 2.14
C SER A 32 -6.88 3.64 0.93
N PHE A 33 -6.33 3.95 -0.24
CA PHE A 33 -7.08 3.80 -1.47
C PHE A 33 -8.04 4.97 -1.67
N VAL A 34 -8.51 5.51 -0.56
CA VAL A 34 -9.44 6.64 -0.61
C VAL A 34 -9.08 7.62 0.51
N ASP A 35 -9.11 7.10 1.73
CA ASP A 35 -8.79 7.93 2.89
C ASP A 35 -7.64 8.87 2.54
N ASP A 36 -6.78 8.41 1.65
CA ASP A 36 -5.64 9.20 1.24
C ASP A 36 -5.87 9.71 -0.19
N LEU A 37 -5.89 8.75 -1.12
CA LEU A 37 -6.11 9.10 -2.52
C LEU A 37 -7.24 10.12 -2.63
N ASP A 38 -8.37 9.77 -2.03
CA ASP A 38 -9.52 10.66 -2.06
C ASP A 38 -10.03 10.79 -3.49
N ILE A 39 -9.58 9.88 -4.34
CA ILE A 39 -9.98 9.88 -5.74
C ILE A 39 -11.09 8.87 -5.95
N ASP A 40 -11.25 8.00 -4.96
CA ASP A 40 -12.28 6.97 -5.03
C ASP A 40 -11.71 5.74 -5.75
N SER A 41 -12.61 4.80 -6.05
CA SER A 41 -12.21 3.59 -6.74
C SER A 41 -12.30 3.77 -8.24
N LEU A 42 -12.61 5.01 -8.63
CA LEU A 42 -12.73 5.33 -10.05
C LEU A 42 -11.35 5.32 -10.69
N SER A 43 -10.55 6.30 -10.32
CA SER A 43 -9.20 6.42 -10.86
C SER A 43 -8.38 5.19 -10.44
N MET A 44 -8.45 4.87 -9.16
CA MET A 44 -7.71 3.73 -8.63
C MET A 44 -7.92 2.49 -9.50
N VAL A 45 -9.11 2.41 -10.10
CA VAL A 45 -9.44 1.29 -10.96
C VAL A 45 -8.52 1.30 -12.18
N GLU A 46 -8.14 2.50 -12.58
CA GLU A 46 -7.26 2.65 -13.73
C GLU A 46 -5.82 2.28 -13.36
N ILE A 47 -5.33 2.93 -12.31
CA ILE A 47 -3.97 2.68 -11.84
C ILE A 47 -3.70 1.18 -11.87
N ALA A 48 -4.70 0.41 -11.47
CA ALA A 48 -4.58 -1.03 -11.45
C ALA A 48 -4.67 -1.57 -12.89
N VAL A 49 -5.71 -1.11 -13.59
CA VAL A 49 -5.92 -1.54 -14.96
C VAL A 49 -4.62 -1.42 -15.73
N GLN A 50 -3.77 -0.53 -15.27
CA GLN A 50 -2.48 -0.31 -15.92
C GLN A 50 -1.44 -1.27 -15.33
N THR A 51 -1.22 -1.14 -14.03
CA THR A 51 -0.25 -1.98 -13.34
C THR A 51 -0.51 -3.45 -13.67
N GLU A 52 -1.79 -3.81 -13.73
CA GLU A 52 -2.17 -5.18 -14.02
C GLU A 52 -1.96 -5.48 -15.50
N ASP A 53 -1.50 -4.47 -16.22
CA ASP A 53 -1.25 -4.60 -17.65
C ASP A 53 0.23 -4.37 -17.94
N LYS A 54 0.67 -3.15 -17.67
CA LYS A 54 2.06 -2.78 -17.90
C LYS A 54 2.96 -3.89 -17.35
N TYR A 55 2.58 -4.40 -16.20
CA TYR A 55 3.35 -5.46 -15.56
C TYR A 55 2.65 -6.81 -15.72
N GLY A 56 1.35 -6.80 -15.45
CA GLY A 56 0.57 -8.02 -15.55
C GLY A 56 0.37 -8.66 -14.18
N VAL A 57 0.27 -7.82 -13.16
CA VAL A 57 0.08 -8.29 -11.81
C VAL A 57 -1.32 -8.86 -11.66
N LYS A 58 -1.49 -9.72 -10.66
CA LYS A 58 -2.77 -10.34 -10.39
C LYS A 58 -3.49 -9.56 -9.30
N ILE A 59 -4.40 -8.69 -9.74
CA ILE A 59 -5.16 -7.88 -8.81
C ILE A 59 -6.53 -7.56 -9.43
N PRO A 60 -7.37 -8.63 -9.54
CA PRO A 60 -8.71 -8.48 -10.09
C PRO A 60 -9.65 -7.80 -9.10
N ASP A 61 -10.82 -7.43 -9.60
CA ASP A 61 -11.81 -6.76 -8.77
C ASP A 61 -12.08 -7.62 -7.54
N GLU A 62 -12.15 -8.92 -7.76
CA GLU A 62 -12.40 -9.86 -6.68
C GLU A 62 -11.45 -9.59 -5.52
N ASP A 63 -10.34 -8.94 -5.84
CA ASP A 63 -9.35 -8.63 -4.82
C ASP A 63 -9.27 -7.10 -4.65
N LEU A 64 -9.46 -6.41 -5.76
CA LEU A 64 -9.41 -4.96 -5.75
C LEU A 64 -10.47 -4.42 -4.78
N ALA A 65 -11.41 -5.30 -4.45
CA ALA A 65 -12.48 -4.93 -3.53
C ALA A 65 -11.94 -4.94 -2.11
N GLY A 66 -11.15 -5.95 -1.80
CA GLY A 66 -10.58 -6.09 -0.48
C GLY A 66 -9.45 -5.07 -0.26
N LEU A 67 -8.62 -4.94 -1.29
CA LEU A 67 -7.51 -4.00 -1.23
C LEU A 67 -7.96 -2.73 -0.51
N ARG A 68 -7.32 -2.46 0.62
CA ARG A 68 -7.64 -1.29 1.40
C ARG A 68 -6.49 -0.28 1.35
N THR A 69 -5.28 -0.82 1.41
CA THR A 69 -4.09 0.02 1.37
C THR A 69 -3.04 -0.60 0.45
N VAL A 70 -2.01 0.19 0.16
CA VAL A 70 -0.94 -0.26 -0.70
C VAL A 70 -0.42 -1.61 -0.20
N GLY A 71 -0.17 -1.66 1.10
CA GLY A 71 0.32 -2.88 1.72
C GLY A 71 -0.53 -4.08 1.33
N ASP A 72 -1.83 -3.84 1.25
CA ASP A 72 -2.76 -4.89 0.88
C ASP A 72 -2.75 -5.09 -0.64
N VAL A 73 -2.59 -3.97 -1.34
CA VAL A 73 -2.55 -4.01 -2.79
C VAL A 73 -1.22 -4.61 -3.25
N VAL A 74 -0.28 -4.67 -2.32
CA VAL A 74 1.04 -5.21 -2.61
C VAL A 74 1.08 -6.68 -2.19
N ALA A 75 0.82 -6.90 -0.91
CA ALA A 75 0.83 -8.25 -0.36
C ALA A 75 0.05 -9.18 -1.31
N TYR A 76 -1.20 -8.81 -1.56
CA TYR A 76 -2.04 -9.60 -2.44
C TYR A 76 -1.28 -10.07 -3.67
N ILE A 77 -0.27 -9.29 -4.04
CA ILE A 77 0.55 -9.61 -5.19
C ILE A 77 1.63 -10.62 -4.77
N GLN A 78 2.64 -10.10 -4.10
CA GLN A 78 3.73 -10.95 -3.64
C GLN A 78 3.20 -12.18 -2.91
N LYS A 79 2.35 -11.93 -1.93
CA LYS A 79 1.76 -13.01 -1.15
C LYS A 79 1.37 -14.15 -2.09
N LEU A 80 0.66 -13.77 -3.15
CA LEU A 80 0.23 -14.76 -4.14
C LEU A 80 1.45 -15.45 -4.74
N GLU A 81 2.45 -14.65 -5.06
CA GLU A 81 3.67 -15.17 -5.64
C GLU A 81 4.46 -15.97 -4.59
N GLU A 82 4.18 -15.67 -3.34
CA GLU A 82 4.85 -16.35 -2.25
C GLU A 82 6.21 -15.71 -1.98
N GLU A 83 6.21 -14.71 -1.12
CA GLU A 83 7.42 -14.01 -0.77
C GLU A 83 7.51 -13.81 0.75
N ASN A 84 6.63 -12.98 1.25
CA ASN A 84 6.60 -12.68 2.68
C ASN A 84 5.27 -13.17 3.25
N PRO A 85 5.25 -14.48 3.64
CA PRO A 85 4.05 -15.09 4.20
C PRO A 85 3.86 -14.62 5.65
N GLU A 86 3.84 -13.31 5.83
CA GLU A 86 3.65 -12.74 7.15
C GLU A 86 2.48 -11.76 7.14
N ALA A 87 2.64 -10.70 6.35
CA ALA A 87 1.60 -9.69 6.25
C ALA A 87 2.17 -8.47 5.50
N ALA A 88 2.62 -8.73 4.28
CA ALA A 88 3.18 -7.66 3.46
C ALA A 88 4.40 -7.07 4.17
N GLN A 89 4.81 -5.91 3.68
CA GLN A 89 5.97 -5.23 4.25
C GLN A 89 5.52 -4.02 5.08
N ALA A 90 4.87 -4.33 6.20
CA ALA A 90 4.39 -3.29 7.09
C ALA A 90 3.55 -3.93 8.19
N LEU A 91 4.17 -4.85 8.90
CA LEU A 91 3.49 -5.54 10.00
C LEU A 91 4.46 -5.69 11.17
N ARG A 92 3.91 -5.56 12.37
CA ARG A 92 4.70 -5.68 13.59
C ARG A 92 3.80 -5.59 14.82
N ALA A 93 2.70 -6.32 14.77
CA ALA A 93 1.76 -6.33 15.88
C ALA A 93 0.62 -7.31 15.56
N LYS A 94 -0.14 -6.98 14.54
CA LYS A 94 -1.26 -7.81 14.12
C LYS A 94 -1.12 -8.14 12.63
N ILE A 95 -1.33 -9.41 12.31
CA ILE A 95 -1.23 -9.87 10.94
C ILE A 95 -2.20 -9.05 10.07
N GLU A 96 -3.48 -9.17 10.38
CA GLU A 96 -4.50 -8.47 9.64
C GLU A 96 -4.42 -6.96 9.93
N SER A 97 -4.71 -6.61 11.17
CA SER A 97 -4.67 -5.22 11.58
C SER A 97 -3.23 -4.71 11.58
N GLU A 98 -2.67 -4.61 10.38
CA GLU A 98 -1.31 -4.14 10.23
C GLU A 98 -1.15 -2.74 10.82
N ASN A 99 -0.12 -2.59 11.65
CA ASN A 99 0.14 -1.32 12.29
C ASN A 99 -0.08 -0.19 11.27
N PRO A 100 -1.26 0.47 11.39
CA PRO A 100 -1.61 1.56 10.49
C PRO A 100 -0.83 2.83 10.85
N ASP A 101 0.49 2.69 10.88
CA ASP A 101 1.35 3.81 11.20
C ASP A 101 2.80 3.42 10.94
N ALA A 102 3.22 2.33 11.57
CA ALA A 102 4.57 1.84 11.40
C ALA A 102 5.51 2.61 12.34
N VAL A 103 4.99 2.90 13.53
CA VAL A 103 5.75 3.64 14.51
C VAL A 103 5.67 2.92 15.87
N ALA A 104 5.93 3.67 16.93
CA ALA A 104 5.88 3.12 18.27
C ALA A 104 6.36 4.18 19.26
N ASN A 105 5.72 5.33 19.20
CA ASN A 105 6.06 6.43 20.09
C ASN A 105 5.29 7.68 19.67
N VAL A 106 5.02 8.54 20.65
CA VAL A 106 4.30 9.76 20.40
C VAL A 106 5.13 10.95 20.86
N GLN A 107 4.45 12.03 21.21
CA GLN A 107 5.11 13.23 21.66
C GLN A 107 4.09 14.31 22.02
N ALA A 108 4.44 15.14 22.99
CA ALA A 108 3.57 16.21 23.43
C ALA A 108 2.56 15.65 24.44
N ARG A 109 2.96 14.58 25.10
CA ARG A 109 2.11 13.95 26.09
C ARG A 109 2.89 12.90 26.88
N LEU A 110 3.96 13.36 27.52
CA LEU A 110 4.81 12.47 28.31
C LEU A 110 5.19 13.18 29.62
N GLU A 111 5.15 12.41 30.69
CA GLU A 111 5.49 12.94 32.00
C GLU A 111 6.12 11.84 32.87
N ALA A 112 7.42 12.01 33.11
CA ALA A 112 8.15 11.05 33.92
C ALA A 112 9.22 11.78 34.74
N GLU A 113 8.74 12.51 35.73
CA GLU A 113 9.65 13.26 36.59
C GLU A 113 8.85 14.11 37.58
N SER A 114 8.01 13.45 38.35
CA SER A 114 7.19 14.13 39.34
C SER A 114 7.54 13.63 40.74
N LYS A 115 8.20 14.49 41.49
CA LYS A 115 8.60 14.16 42.85
C LYS A 115 9.18 12.74 42.88
N MET A 1 13.76 -7.65 -14.04
CA MET A 1 13.57 -7.12 -12.71
C MET A 1 12.18 -7.49 -12.17
N PRO A 2 12.18 -8.17 -10.99
CA PRO A 2 10.93 -8.60 -10.37
C PRO A 2 10.22 -7.41 -9.72
N VAL A 3 9.13 -7.71 -9.04
CA VAL A 3 8.34 -6.69 -8.37
C VAL A 3 8.95 -6.41 -6.99
N THR A 4 8.46 -5.35 -6.38
CA THR A 4 8.94 -4.96 -5.05
C THR A 4 8.19 -3.73 -4.55
N GLN A 5 8.45 -3.39 -3.30
CA GLN A 5 7.82 -2.24 -2.68
C GLN A 5 7.94 -1.02 -3.59
N GLU A 6 9.16 -0.51 -3.69
CA GLU A 6 9.44 0.65 -4.52
C GLU A 6 8.84 0.46 -5.91
N GLU A 7 8.60 -0.80 -6.25
CA GLU A 7 8.03 -1.13 -7.54
C GLU A 7 6.55 -0.79 -7.58
N ILE A 8 5.87 -1.12 -6.49
CA ILE A 8 4.44 -0.86 -6.37
C ILE A 8 4.23 0.48 -5.68
N ILE A 9 5.34 1.07 -5.26
CA ILE A 9 5.28 2.36 -4.58
C ILE A 9 5.77 3.45 -5.53
N ALA A 10 6.82 3.13 -6.28
CA ALA A 10 7.37 4.07 -7.23
C ALA A 10 6.76 3.83 -8.61
N GLY A 11 6.47 2.57 -8.88
CA GLY A 11 5.87 2.19 -10.16
C GLY A 11 4.42 2.66 -10.24
N ILE A 12 3.72 2.51 -9.12
CA ILE A 12 2.32 2.91 -9.06
C ILE A 12 2.25 4.43 -8.89
N ALA A 13 2.94 4.92 -7.88
CA ALA A 13 2.96 6.34 -7.59
C ALA A 13 3.08 7.12 -8.91
N GLU A 14 4.03 6.68 -9.73
CA GLU A 14 4.26 7.32 -11.02
C GLU A 14 2.99 7.28 -11.86
N ILE A 15 2.38 6.09 -11.91
CA ILE A 15 1.16 5.91 -12.68
C ILE A 15 0.06 6.80 -12.10
N ILE A 16 0.01 6.83 -10.77
CA ILE A 16 -0.99 7.62 -10.09
C ILE A 16 -0.92 9.07 -10.58
N GLU A 17 0.30 9.49 -10.90
CA GLU A 17 0.51 10.85 -11.39
C GLU A 17 0.02 10.98 -12.82
N GLU A 18 -0.51 9.88 -13.34
CA GLU A 18 -1.03 9.86 -14.70
C GLU A 18 -2.56 9.85 -14.68
N VAL A 19 -3.11 9.03 -13.81
CA VAL A 19 -4.55 8.91 -13.67
C VAL A 19 -5.06 10.02 -12.76
N THR A 20 -4.68 9.93 -11.50
CA THR A 20 -5.09 10.91 -10.51
C THR A 20 -4.30 12.21 -10.68
N GLY A 21 -3.10 12.07 -11.22
CA GLY A 21 -2.25 13.21 -11.45
C GLY A 21 -1.59 13.68 -10.15
N ILE A 22 -1.55 12.76 -9.19
CA ILE A 22 -0.96 13.06 -7.89
C ILE A 22 0.57 12.93 -7.99
N GLU A 23 1.24 13.43 -6.97
CA GLU A 23 2.68 13.38 -6.93
C GLU A 23 3.16 11.95 -6.71
N PRO A 24 4.38 11.66 -7.23
CA PRO A 24 4.96 10.33 -7.11
C PRO A 24 5.48 10.10 -5.68
N SER A 25 6.26 11.06 -5.21
CA SER A 25 6.83 10.97 -3.87
C SER A 25 5.72 11.04 -2.83
N GLU A 26 4.62 11.68 -3.22
CA GLU A 26 3.48 11.83 -2.33
C GLU A 26 2.92 10.46 -1.96
N ILE A 27 2.81 9.60 -2.96
CA ILE A 27 2.29 8.26 -2.75
C ILE A 27 3.22 7.50 -1.80
N THR A 28 2.60 6.76 -0.88
CA THR A 28 3.35 5.99 0.09
C THR A 28 2.56 4.75 0.51
N PRO A 29 3.28 3.81 1.18
CA PRO A 29 2.66 2.58 1.64
C PRO A 29 1.78 2.84 2.87
N GLU A 30 1.04 3.93 2.81
CA GLU A 30 0.16 4.30 3.90
C GLU A 30 -1.18 4.79 3.36
N LYS A 31 -1.35 4.64 2.06
CA LYS A 31 -2.58 5.06 1.40
C LYS A 31 -3.72 4.15 1.85
N SER A 32 -4.94 4.60 1.59
CA SER A 32 -6.12 3.85 1.97
C SER A 32 -7.02 3.64 0.75
N PHE A 33 -6.45 3.91 -0.42
CA PHE A 33 -7.19 3.77 -1.67
C PHE A 33 -8.09 4.98 -1.91
N VAL A 34 -8.66 5.48 -0.83
CA VAL A 34 -9.55 6.63 -0.91
C VAL A 34 -9.23 7.59 0.23
N ASP A 35 -9.31 7.06 1.44
CA ASP A 35 -9.04 7.86 2.63
C ASP A 35 -7.88 8.82 2.35
N ASP A 36 -6.98 8.37 1.49
CA ASP A 36 -5.83 9.17 1.12
C ASP A 36 -6.02 9.71 -0.30
N LEU A 37 -5.98 8.78 -1.26
CA LEU A 37 -6.15 9.15 -2.65
C LEU A 37 -7.28 10.17 -2.78
N ASP A 38 -8.43 9.80 -2.23
CA ASP A 38 -9.59 10.68 -2.28
C ASP A 38 -10.04 10.85 -3.73
N ILE A 39 -9.53 9.96 -4.58
CA ILE A 39 -9.87 10.01 -6.00
C ILE A 39 -11.00 9.02 -6.27
N ASP A 40 -11.22 8.12 -5.31
CA ASP A 40 -12.27 7.13 -5.44
C ASP A 40 -11.70 5.89 -6.16
N SER A 41 -12.60 4.99 -6.52
CA SER A 41 -12.21 3.78 -7.21
C SER A 41 -12.23 4.00 -8.73
N LEU A 42 -12.57 5.23 -9.11
CA LEU A 42 -12.63 5.58 -10.51
C LEU A 42 -11.22 5.57 -11.10
N SER A 43 -10.43 6.55 -10.68
CA SER A 43 -9.07 6.66 -11.16
C SER A 43 -8.26 5.45 -10.72
N MET A 44 -8.41 5.09 -9.45
CA MET A 44 -7.70 3.94 -8.91
C MET A 44 -7.87 2.72 -9.81
N VAL A 45 -9.02 2.65 -10.46
CA VAL A 45 -9.32 1.54 -11.35
C VAL A 45 -8.31 1.55 -12.51
N GLU A 46 -7.93 2.75 -12.91
CA GLU A 46 -6.99 2.92 -14.00
C GLU A 46 -5.59 2.53 -13.55
N ILE A 47 -5.14 3.17 -12.48
CA ILE A 47 -3.83 2.91 -11.93
C ILE A 47 -3.57 1.40 -11.91
N ALA A 48 -4.64 0.66 -11.60
CA ALA A 48 -4.54 -0.78 -11.54
C ALA A 48 -4.58 -1.35 -12.96
N VAL A 49 -5.53 -0.85 -13.74
CA VAL A 49 -5.68 -1.30 -15.12
C VAL A 49 -4.32 -1.29 -15.80
N GLN A 50 -3.44 -0.42 -15.33
CA GLN A 50 -2.11 -0.29 -15.88
C GLN A 50 -1.16 -1.26 -15.18
N THR A 51 -1.04 -1.08 -13.87
CA THR A 51 -0.16 -1.92 -13.07
C THR A 51 -0.48 -3.40 -13.33
N GLU A 52 -1.76 -3.68 -13.49
CA GLU A 52 -2.20 -5.05 -13.75
C GLU A 52 -1.89 -5.45 -15.18
N ASP A 53 -1.34 -4.49 -15.93
CA ASP A 53 -1.00 -4.73 -17.32
C ASP A 53 0.52 -4.59 -17.49
N LYS A 54 1.01 -3.39 -17.22
CA LYS A 54 2.43 -3.11 -17.35
C LYS A 54 3.22 -4.28 -16.76
N TYR A 55 2.73 -4.79 -15.64
CA TYR A 55 3.37 -5.90 -14.96
C TYR A 55 2.62 -7.21 -15.21
N GLY A 56 1.29 -7.10 -15.20
CA GLY A 56 0.44 -8.26 -15.42
C GLY A 56 0.08 -8.92 -14.10
N VAL A 57 -0.01 -8.11 -13.07
CA VAL A 57 -0.35 -8.61 -11.74
C VAL A 57 -1.84 -8.93 -11.69
N LYS A 58 -2.19 -9.87 -10.83
CA LYS A 58 -3.57 -10.29 -10.68
C LYS A 58 -4.17 -9.59 -9.45
N ILE A 59 -5.05 -8.64 -9.70
CA ILE A 59 -5.69 -7.91 -8.64
C ILE A 59 -7.14 -7.61 -9.03
N PRO A 60 -7.94 -8.69 -9.19
CA PRO A 60 -9.33 -8.55 -9.58
C PRO A 60 -10.18 -8.07 -8.39
N ASP A 61 -11.43 -7.77 -8.68
CA ASP A 61 -12.35 -7.30 -7.65
C ASP A 61 -12.33 -8.28 -6.47
N GLU A 62 -12.26 -9.56 -6.81
CA GLU A 62 -12.24 -10.60 -5.79
C GLU A 62 -11.32 -10.20 -4.64
N ASP A 63 -10.34 -9.37 -4.97
CA ASP A 63 -9.39 -8.90 -3.98
C ASP A 63 -9.45 -7.37 -3.90
N LEU A 64 -9.46 -6.75 -5.08
CA LEU A 64 -9.52 -5.31 -5.15
C LEU A 64 -10.59 -4.79 -4.19
N ALA A 65 -11.56 -5.64 -3.92
CA ALA A 65 -12.65 -5.28 -3.02
C ALA A 65 -12.12 -5.25 -1.59
N GLY A 66 -11.33 -6.27 -1.26
CA GLY A 66 -10.75 -6.36 0.07
C GLY A 66 -9.62 -5.35 0.25
N LEU A 67 -8.74 -5.32 -0.73
CA LEU A 67 -7.60 -4.41 -0.70
C LEU A 67 -8.05 -3.07 -0.11
N ARG A 68 -7.31 -2.62 0.90
CA ARG A 68 -7.63 -1.36 1.55
C ARG A 68 -6.50 -0.35 1.31
N THR A 69 -5.28 -0.81 1.53
CA THR A 69 -4.11 0.04 1.36
C THR A 69 -3.11 -0.63 0.40
N VAL A 70 -2.13 0.15 -0.01
CA VAL A 70 -1.10 -0.34 -0.92
C VAL A 70 -0.52 -1.65 -0.36
N GLY A 71 -0.26 -1.63 0.93
CA GLY A 71 0.29 -2.80 1.60
C GLY A 71 -0.59 -4.03 1.36
N ASP A 72 -1.89 -3.79 1.26
CA ASP A 72 -2.84 -4.86 1.04
C ASP A 72 -2.94 -5.13 -0.47
N VAL A 73 -2.71 -4.09 -1.24
CA VAL A 73 -2.77 -4.20 -2.69
C VAL A 73 -1.44 -4.76 -3.21
N VAL A 74 -0.45 -4.75 -2.34
CA VAL A 74 0.87 -5.26 -2.69
C VAL A 74 1.01 -6.70 -2.21
N ALA A 75 0.71 -6.89 -0.95
CA ALA A 75 0.80 -8.23 -0.35
C ALA A 75 0.19 -9.24 -1.30
N TYR A 76 -1.08 -9.02 -1.63
CA TYR A 76 -1.80 -9.92 -2.53
C TYR A 76 -0.94 -10.24 -3.76
N ILE A 77 -0.03 -9.33 -4.07
CA ILE A 77 0.84 -9.51 -5.21
C ILE A 77 1.99 -10.46 -4.83
N GLN A 78 2.93 -9.92 -4.07
CA GLN A 78 4.07 -10.72 -3.63
C GLN A 78 3.60 -11.99 -2.93
N LYS A 79 2.73 -11.80 -1.95
CA LYS A 79 2.19 -12.93 -1.20
C LYS A 79 1.94 -14.10 -2.15
N LEU A 80 1.28 -13.79 -3.25
CA LEU A 80 0.97 -14.80 -4.25
C LEU A 80 2.23 -15.13 -5.04
N GLU A 81 2.85 -14.08 -5.56
CA GLU A 81 4.07 -14.25 -6.34
C GLU A 81 5.00 -15.27 -5.67
N GLU A 82 5.46 -14.91 -4.49
CA GLU A 82 6.36 -15.77 -3.74
C GLU A 82 5.65 -16.31 -2.49
N GLU A 83 5.92 -15.65 -1.37
CA GLU A 83 5.33 -16.04 -0.10
C GLU A 83 5.26 -14.85 0.85
N ASN A 84 6.43 -14.46 1.35
CA ASN A 84 6.52 -13.34 2.26
C ASN A 84 5.89 -13.74 3.60
N PRO A 85 6.58 -14.68 4.30
CA PRO A 85 6.10 -15.15 5.59
C PRO A 85 6.35 -14.10 6.68
N GLU A 86 5.87 -12.89 6.43
CA GLU A 86 6.04 -11.81 7.38
C GLU A 86 4.74 -11.00 7.48
N ALA A 87 4.37 -10.38 6.36
CA ALA A 87 3.17 -9.57 6.32
C ALA A 87 2.99 -9.01 4.90
N ALA A 88 3.67 -7.91 4.65
CA ALA A 88 3.59 -7.27 3.34
C ALA A 88 4.48 -6.03 3.34
N GLN A 89 5.65 -6.17 3.94
CA GLN A 89 6.61 -5.08 4.01
C GLN A 89 6.07 -3.97 4.92
N ALA A 90 6.94 -3.51 5.82
CA ALA A 90 6.57 -2.46 6.74
C ALA A 90 5.83 -3.07 7.93
N LEU A 91 6.39 -4.15 8.46
CA LEU A 91 5.80 -4.84 9.59
C LEU A 91 6.86 -5.06 10.66
N ARG A 92 6.60 -4.49 11.84
CA ARG A 92 7.52 -4.62 12.95
C ARG A 92 6.80 -4.34 14.27
N ALA A 93 5.72 -5.07 14.48
CA ALA A 93 4.93 -4.90 15.69
C ALA A 93 3.85 -5.99 15.75
N LYS A 94 2.94 -5.92 14.79
CA LYS A 94 1.85 -6.88 14.72
C LYS A 94 1.62 -7.27 13.26
N ILE A 95 1.48 -8.57 13.03
CA ILE A 95 1.26 -9.08 11.69
C ILE A 95 -0.03 -8.47 11.13
N GLU A 96 -1.14 -9.07 11.52
CA GLU A 96 -2.44 -8.60 11.06
C GLU A 96 -2.50 -7.07 11.11
N SER A 97 -2.33 -6.54 12.32
CA SER A 97 -2.35 -5.10 12.51
C SER A 97 -1.13 -4.47 11.85
N GLU A 98 -1.13 -4.48 10.52
CA GLU A 98 -0.04 -3.90 9.76
C GLU A 98 0.19 -2.45 10.18
N ASN A 99 1.46 -2.10 10.29
CA ASN A 99 1.83 -0.74 10.68
C ASN A 99 3.36 -0.64 10.75
N PRO A 100 3.89 0.47 10.18
CA PRO A 100 5.32 0.71 10.19
C PRO A 100 5.81 1.14 11.56
N ASP A 101 5.84 0.19 12.48
CA ASP A 101 6.28 0.47 13.84
C ASP A 101 5.35 1.51 14.47
N ALA A 102 5.10 1.34 15.75
CA ALA A 102 4.23 2.24 16.48
C ALA A 102 4.22 1.87 17.96
N VAL A 103 5.42 1.70 18.50
CA VAL A 103 5.55 1.34 19.90
C VAL A 103 4.56 0.22 20.24
N ALA A 104 4.40 -0.03 21.53
CA ALA A 104 3.50 -1.06 22.00
C ALA A 104 3.16 -0.81 23.46
N ASN A 105 4.21 -0.77 24.28
CA ASN A 105 4.04 -0.55 25.70
C ASN A 105 3.18 0.71 25.92
N VAL A 106 2.36 0.64 26.95
CA VAL A 106 1.47 1.75 27.28
C VAL A 106 1.64 2.11 28.76
N GLN A 107 0.89 3.11 29.17
CA GLN A 107 0.94 3.56 30.56
C GLN A 107 -0.26 4.47 30.86
N ALA A 108 -1.18 3.94 31.66
CA ALA A 108 -2.36 4.68 32.04
C ALA A 108 -3.13 3.90 33.10
N ARG A 109 -2.39 3.43 34.09
CA ARG A 109 -2.99 2.67 35.18
C ARG A 109 -2.30 3.00 36.50
N LEU A 110 -2.57 4.21 36.99
CA LEU A 110 -1.99 4.66 38.24
C LEU A 110 -2.96 4.35 39.38
N GLU A 111 -2.38 4.06 40.54
CA GLU A 111 -3.17 3.75 41.72
C GLU A 111 -2.43 4.16 42.99
N ALA A 112 -2.90 5.26 43.58
CA ALA A 112 -2.29 5.77 44.79
C ALA A 112 -3.38 6.10 45.81
N GLU A 113 -2.95 6.34 47.04
CA GLU A 113 -3.89 6.67 48.10
C GLU A 113 -4.60 5.41 48.58
N SER A 114 -3.97 4.27 48.33
CA SER A 114 -4.54 3.00 48.73
C SER A 114 -3.58 2.27 49.69
N LYS A 115 -4.12 1.90 50.84
CA LYS A 115 -3.33 1.21 51.85
C LYS A 115 -3.60 -0.29 51.76
N MET A 1 13.95 -5.36 -11.94
CA MET A 1 13.72 -6.45 -11.00
C MET A 1 12.24 -6.84 -10.97
N PRO A 2 11.95 -7.94 -10.22
CA PRO A 2 10.59 -8.43 -10.10
C PRO A 2 9.78 -7.53 -9.16
N VAL A 3 8.46 -7.75 -9.16
CA VAL A 3 7.57 -6.98 -8.33
C VAL A 3 8.22 -6.76 -6.96
N THR A 4 7.94 -5.59 -6.40
CA THR A 4 8.48 -5.23 -5.10
C THR A 4 7.84 -3.95 -4.58
N GLN A 5 8.03 -3.71 -3.29
CA GLN A 5 7.47 -2.54 -2.65
C GLN A 5 7.65 -1.31 -3.55
N GLU A 6 8.89 -0.85 -3.61
CA GLU A 6 9.21 0.31 -4.42
C GLU A 6 8.63 0.16 -5.82
N GLU A 7 8.38 -1.08 -6.19
CA GLU A 7 7.82 -1.39 -7.49
C GLU A 7 6.33 -1.02 -7.54
N ILE A 8 5.64 -1.35 -6.46
CA ILE A 8 4.22 -1.07 -6.36
C ILE A 8 4.02 0.28 -5.66
N ILE A 9 5.13 0.85 -5.23
CA ILE A 9 5.10 2.12 -4.52
C ILE A 9 5.63 3.22 -5.46
N ALA A 10 6.67 2.88 -6.19
CA ALA A 10 7.27 3.82 -7.12
C ALA A 10 6.66 3.61 -8.51
N GLY A 11 6.36 2.36 -8.81
CA GLY A 11 5.79 2.02 -10.10
C GLY A 11 4.34 2.50 -10.19
N ILE A 12 3.63 2.37 -9.09
CA ILE A 12 2.24 2.79 -9.03
C ILE A 12 2.18 4.30 -8.86
N ALA A 13 2.88 4.79 -7.85
CA ALA A 13 2.91 6.21 -7.56
C ALA A 13 3.06 6.98 -8.87
N GLU A 14 4.03 6.54 -9.68
CA GLU A 14 4.29 7.17 -10.96
C GLU A 14 3.01 7.16 -11.82
N ILE A 15 2.38 6.01 -11.86
CA ILE A 15 1.15 5.85 -12.63
C ILE A 15 0.07 6.76 -12.05
N ILE A 16 -0.02 6.76 -10.73
CA ILE A 16 -1.00 7.58 -10.05
C ILE A 16 -0.88 9.03 -10.52
N GLU A 17 0.35 9.42 -10.79
CA GLU A 17 0.62 10.78 -11.25
C GLU A 17 0.17 10.95 -12.70
N GLU A 18 -0.37 9.87 -13.25
CA GLU A 18 -0.85 9.88 -14.62
C GLU A 18 -2.37 9.91 -14.65
N VAL A 19 -2.97 9.05 -13.83
CA VAL A 19 -4.41 8.96 -13.76
C VAL A 19 -4.93 10.06 -12.82
N THR A 20 -4.61 9.91 -11.54
CA THR A 20 -5.05 10.87 -10.55
C THR A 20 -4.24 12.17 -10.68
N GLY A 21 -3.02 12.03 -11.18
CA GLY A 21 -2.15 13.18 -11.37
C GLY A 21 -1.52 13.61 -10.04
N ILE A 22 -1.47 12.66 -9.11
CA ILE A 22 -0.90 12.92 -7.80
C ILE A 22 0.63 12.79 -7.89
N GLU A 23 1.29 13.28 -6.85
CA GLU A 23 2.74 13.23 -6.79
C GLU A 23 3.20 11.78 -6.59
N PRO A 24 4.43 11.49 -7.10
CA PRO A 24 5.00 10.16 -6.98
C PRO A 24 5.49 9.90 -5.55
N SER A 25 6.26 10.85 -5.04
CA SER A 25 6.79 10.73 -3.70
C SER A 25 5.66 10.80 -2.68
N GLU A 26 4.57 11.42 -3.09
CA GLU A 26 3.41 11.57 -2.22
C GLU A 26 2.85 10.19 -1.86
N ILE A 27 2.77 9.34 -2.87
CA ILE A 27 2.25 8.00 -2.68
C ILE A 27 3.16 7.24 -1.72
N THR A 28 2.55 6.59 -0.75
CA THR A 28 3.30 5.82 0.23
C THR A 28 2.48 4.60 0.69
N PRO A 29 3.19 3.67 1.38
CA PRO A 29 2.55 2.46 1.88
C PRO A 29 1.70 2.75 3.10
N GLU A 30 0.97 3.86 3.02
CA GLU A 30 0.10 4.27 4.11
C GLU A 30 -1.24 4.76 3.57
N LYS A 31 -1.41 4.61 2.26
CA LYS A 31 -2.63 5.03 1.61
C LYS A 31 -3.78 4.10 2.02
N SER A 32 -5.00 4.56 1.75
CA SER A 32 -6.18 3.78 2.09
C SER A 32 -7.03 3.57 0.84
N PHE A 33 -6.43 3.85 -0.30
CA PHE A 33 -7.13 3.69 -1.57
C PHE A 33 -8.03 4.88 -1.85
N VAL A 34 -8.64 5.39 -0.79
CA VAL A 34 -9.53 6.53 -0.90
C VAL A 34 -9.27 7.50 0.25
N ASP A 35 -9.37 6.97 1.46
CA ASP A 35 -9.15 7.77 2.65
C ASP A 35 -8.01 8.76 2.39
N ASP A 36 -7.06 8.31 1.57
CA ASP A 36 -5.92 9.13 1.24
C ASP A 36 -6.08 9.66 -0.19
N LEU A 37 -6.00 8.74 -1.14
CA LEU A 37 -6.13 9.10 -2.54
C LEU A 37 -7.25 10.14 -2.69
N ASP A 38 -8.41 9.79 -2.17
CA ASP A 38 -9.56 10.68 -2.25
C ASP A 38 -9.98 10.85 -3.70
N ILE A 39 -9.46 9.97 -4.54
CA ILE A 39 -9.77 10.02 -5.97
C ILE A 39 -10.91 9.05 -6.27
N ASP A 40 -11.09 8.09 -5.36
CA ASP A 40 -12.14 7.10 -5.52
C ASP A 40 -11.59 5.91 -6.30
N SER A 41 -12.51 5.02 -6.67
CA SER A 41 -12.14 3.84 -7.43
C SER A 41 -12.17 4.15 -8.93
N LEU A 42 -12.45 5.40 -9.24
CA LEU A 42 -12.51 5.84 -10.62
C LEU A 42 -11.10 5.80 -11.23
N SER A 43 -10.28 6.74 -10.77
CA SER A 43 -8.91 6.82 -11.26
C SER A 43 -8.13 5.58 -10.85
N MET A 44 -8.29 5.20 -9.59
CA MET A 44 -7.61 4.03 -9.06
C MET A 44 -7.81 2.82 -9.98
N VAL A 45 -8.99 2.76 -10.57
CA VAL A 45 -9.33 1.67 -11.46
C VAL A 45 -8.33 1.63 -12.62
N GLU A 46 -7.94 2.83 -13.05
CA GLU A 46 -6.98 2.95 -14.14
C GLU A 46 -5.58 2.55 -13.68
N ILE A 47 -5.14 3.19 -12.61
CA ILE A 47 -3.83 2.91 -12.06
C ILE A 47 -3.60 1.40 -12.02
N ALA A 48 -4.69 0.68 -11.75
CA ALA A 48 -4.63 -0.77 -11.68
C ALA A 48 -4.69 -1.35 -13.10
N VAL A 49 -5.63 -0.83 -13.87
CA VAL A 49 -5.81 -1.29 -15.24
C VAL A 49 -4.46 -1.26 -15.96
N GLN A 50 -3.57 -0.41 -15.45
CA GLN A 50 -2.24 -0.29 -16.03
C GLN A 50 -1.28 -1.25 -15.36
N THR A 51 -1.12 -1.06 -14.06
CA THR A 51 -0.23 -1.91 -13.27
C THR A 51 -0.53 -3.38 -13.53
N GLU A 52 -1.82 -3.67 -13.66
CA GLU A 52 -2.26 -5.03 -13.89
C GLU A 52 -2.00 -5.43 -15.35
N ASP A 53 -1.50 -4.47 -16.11
CA ASP A 53 -1.20 -4.70 -17.51
C ASP A 53 0.31 -4.58 -17.74
N LYS A 54 0.82 -3.39 -17.47
CA LYS A 54 2.25 -3.13 -17.64
C LYS A 54 3.04 -4.33 -17.13
N TYR A 55 2.60 -4.86 -15.99
CA TYR A 55 3.25 -6.00 -15.39
C TYR A 55 2.43 -7.27 -15.59
N GLY A 56 1.16 -7.18 -15.25
CA GLY A 56 0.26 -8.32 -15.39
C GLY A 56 -0.16 -8.86 -14.03
N VAL A 57 0.03 -8.03 -13.01
CA VAL A 57 -0.32 -8.41 -11.67
C VAL A 57 -1.78 -8.88 -11.63
N LYS A 58 -2.05 -9.81 -10.73
CA LYS A 58 -3.40 -10.34 -10.57
C LYS A 58 -4.07 -9.68 -9.37
N ILE A 59 -4.95 -8.74 -9.68
CA ILE A 59 -5.67 -8.03 -8.64
C ILE A 59 -7.10 -7.73 -9.12
N PRO A 60 -7.93 -8.82 -9.15
CA PRO A 60 -9.30 -8.69 -9.58
C PRO A 60 -10.15 -8.03 -8.50
N ASP A 61 -11.39 -7.71 -8.88
CA ASP A 61 -12.31 -7.07 -7.96
C ASP A 61 -12.47 -7.94 -6.72
N GLU A 62 -12.53 -9.24 -6.96
CA GLU A 62 -12.69 -10.19 -5.87
C GLU A 62 -11.73 -9.85 -4.72
N ASP A 63 -10.65 -9.17 -5.08
CA ASP A 63 -9.66 -8.77 -4.10
C ASP A 63 -9.62 -7.25 -4.00
N LEU A 64 -9.73 -6.61 -5.15
CA LEU A 64 -9.71 -5.15 -5.21
C LEU A 64 -10.76 -4.60 -4.25
N ALA A 65 -11.72 -5.45 -3.92
CA ALA A 65 -12.78 -5.05 -3.01
C ALA A 65 -12.24 -5.01 -1.58
N GLY A 66 -11.44 -6.01 -1.26
CA GLY A 66 -10.85 -6.10 0.07
C GLY A 66 -9.69 -5.11 0.22
N LEU A 67 -8.84 -5.09 -0.80
CA LEU A 67 -7.69 -4.19 -0.78
C LEU A 67 -8.11 -2.84 -0.19
N ARG A 68 -7.47 -2.49 0.91
CA ARG A 68 -7.76 -1.23 1.58
C ARG A 68 -6.57 -0.27 1.44
N THR A 69 -5.38 -0.84 1.54
CA THR A 69 -4.17 -0.04 1.42
C THR A 69 -3.19 -0.70 0.44
N VAL A 70 -2.15 0.05 0.12
CA VAL A 70 -1.13 -0.45 -0.80
C VAL A 70 -0.56 -1.76 -0.26
N GLY A 71 -0.16 -1.72 1.00
CA GLY A 71 0.41 -2.89 1.64
C GLY A 71 -0.42 -4.13 1.33
N ASP A 72 -1.72 -3.93 1.20
CA ASP A 72 -2.62 -5.02 0.90
C ASP A 72 -2.68 -5.24 -0.61
N VAL A 73 -2.57 -4.14 -1.35
CA VAL A 73 -2.61 -4.19 -2.80
C VAL A 73 -1.26 -4.69 -3.31
N VAL A 74 -0.30 -4.73 -2.41
CA VAL A 74 1.04 -5.19 -2.77
C VAL A 74 1.22 -6.64 -2.32
N ALA A 75 1.03 -6.85 -1.02
CA ALA A 75 1.17 -8.18 -0.45
C ALA A 75 0.45 -9.19 -1.35
N TYR A 76 -0.83 -8.91 -1.60
CA TYR A 76 -1.63 -9.78 -2.43
C TYR A 76 -0.91 -10.14 -3.72
N ILE A 77 0.02 -9.28 -4.10
CA ILE A 77 0.80 -9.48 -5.31
C ILE A 77 1.97 -10.41 -4.99
N GLN A 78 2.90 -9.89 -4.21
CA GLN A 78 4.08 -10.65 -3.83
C GLN A 78 3.67 -11.93 -3.09
N LYS A 79 2.98 -11.74 -1.98
CA LYS A 79 2.52 -12.87 -1.19
C LYS A 79 1.98 -13.95 -2.12
N LEU A 80 1.32 -13.51 -3.17
CA LEU A 80 0.75 -14.43 -4.14
C LEU A 80 1.86 -15.30 -4.74
N GLU A 81 2.93 -14.63 -5.14
CA GLU A 81 4.06 -15.32 -5.73
C GLU A 81 4.81 -16.11 -4.66
N GLU A 82 5.68 -15.39 -3.94
CA GLU A 82 6.47 -16.00 -2.89
C GLU A 82 7.56 -15.04 -2.42
N GLU A 83 7.19 -14.22 -1.44
CA GLU A 83 8.12 -13.26 -0.88
C GLU A 83 8.02 -13.23 0.64
N ASN A 84 6.93 -12.66 1.12
CA ASN A 84 6.71 -12.56 2.55
C ASN A 84 5.33 -13.15 2.89
N PRO A 85 5.24 -14.50 2.79
CA PRO A 85 4.00 -15.19 3.08
C PRO A 85 3.73 -15.24 4.58
N GLU A 86 3.79 -14.08 5.21
CA GLU A 86 3.56 -13.97 6.64
C GLU A 86 2.80 -12.69 6.97
N ALA A 87 3.37 -11.57 6.52
CA ALA A 87 2.75 -10.27 6.75
C ALA A 87 3.32 -9.25 5.76
N ALA A 88 2.41 -8.59 5.07
CA ALA A 88 2.81 -7.59 4.09
C ALA A 88 3.95 -6.74 4.67
N GLN A 89 4.61 -6.01 3.78
CA GLN A 89 5.73 -5.16 4.18
C GLN A 89 5.19 -3.85 4.76
N ALA A 90 4.91 -3.88 6.05
CA ALA A 90 4.40 -2.70 6.74
C ALA A 90 3.79 -3.12 8.08
N LEU A 91 4.52 -3.96 8.79
CA LEU A 91 4.06 -4.45 10.08
C LEU A 91 5.23 -4.43 11.07
N ARG A 92 4.90 -4.19 12.32
CA ARG A 92 5.91 -4.15 13.37
C ARG A 92 5.25 -4.23 14.75
N ALA A 93 4.32 -5.17 14.86
CA ALA A 93 3.61 -5.37 16.12
C ALA A 93 2.79 -6.65 16.03
N LYS A 94 1.75 -6.60 15.21
CA LYS A 94 0.88 -7.75 15.03
C LYS A 94 1.27 -8.49 13.75
N ILE A 95 0.61 -9.62 13.52
CA ILE A 95 0.88 -10.42 12.35
C ILE A 95 0.15 -9.81 11.14
N GLU A 96 -1.16 -9.71 11.27
CA GLU A 96 -1.98 -9.15 10.21
C GLU A 96 -1.44 -7.78 9.80
N SER A 97 -1.73 -6.79 10.63
CA SER A 97 -1.28 -5.43 10.36
C SER A 97 -1.67 -4.51 11.53
N GLU A 98 -0.66 -3.86 12.07
CA GLU A 98 -0.88 -2.95 13.20
C GLU A 98 -0.57 -1.51 12.77
N ASN A 99 0.64 -1.32 12.27
CA ASN A 99 1.06 -0.01 11.83
C ASN A 99 2.54 -0.06 11.44
N PRO A 100 2.83 0.36 10.18
CA PRO A 100 4.19 0.37 9.68
C PRO A 100 4.99 1.54 10.28
N ASP A 101 4.28 2.39 11.01
CA ASP A 101 4.90 3.54 11.64
C ASP A 101 3.93 4.16 12.64
N ALA A 102 4.40 4.29 13.86
CA ALA A 102 3.58 4.87 14.92
C ALA A 102 4.48 5.29 16.09
N VAL A 103 5.61 5.87 15.73
CA VAL A 103 6.57 6.32 16.73
C VAL A 103 7.09 7.71 16.34
N ALA A 104 7.68 8.38 17.32
CA ALA A 104 8.23 9.71 17.09
C ALA A 104 7.08 10.73 17.09
N ASN A 105 6.06 10.42 17.87
CA ASN A 105 4.91 11.30 17.96
C ASN A 105 5.36 12.70 18.39
N VAL A 106 5.68 13.51 17.39
CA VAL A 106 6.13 14.86 17.65
C VAL A 106 5.24 15.86 16.89
N GLN A 107 5.42 17.13 17.20
CA GLN A 107 4.64 18.17 16.54
C GLN A 107 5.56 19.32 16.12
N ALA A 108 4.96 20.51 16.01
CA ALA A 108 5.70 21.69 15.61
C ALA A 108 5.84 21.71 14.09
N ARG A 109 4.77 21.31 13.42
CA ARG A 109 4.75 21.28 11.97
C ARG A 109 3.81 22.35 11.43
N LEU A 110 3.93 23.55 11.98
CA LEU A 110 3.09 24.65 11.56
C LEU A 110 3.97 25.84 11.18
N GLU A 111 3.51 26.59 10.18
CA GLU A 111 4.25 27.76 9.72
C GLU A 111 3.29 28.91 9.43
N ALA A 112 3.39 29.94 10.26
CA ALA A 112 2.54 31.11 10.12
C ALA A 112 3.11 32.26 10.97
N GLU A 113 3.33 33.38 10.31
CA GLU A 113 3.86 34.54 11.00
C GLU A 113 3.64 35.80 10.15
N SER A 114 4.22 35.79 8.96
CA SER A 114 4.08 36.91 8.04
C SER A 114 4.57 38.19 8.73
N LYS A 115 4.77 39.22 7.91
CA LYS A 115 5.23 40.50 8.42
C LYS A 115 4.03 41.38 8.74
N MET A 1 10.73 -8.68 -15.14
CA MET A 1 11.40 -8.37 -13.88
C MET A 1 10.43 -8.51 -12.70
N PRO A 2 11.02 -8.53 -11.47
CA PRO A 2 10.22 -8.66 -10.26
C PRO A 2 9.50 -7.35 -9.94
N VAL A 3 8.72 -7.39 -8.88
CA VAL A 3 7.97 -6.21 -8.46
C VAL A 3 8.23 -5.96 -6.96
N THR A 4 9.17 -5.05 -6.71
CA THR A 4 9.53 -4.71 -5.35
C THR A 4 8.63 -3.59 -4.83
N GLN A 5 8.94 -3.14 -3.61
CA GLN A 5 8.17 -2.08 -2.99
C GLN A 5 8.22 -0.83 -3.87
N GLU A 6 9.42 -0.28 -4.02
CA GLU A 6 9.61 0.91 -4.81
C GLU A 6 8.99 0.73 -6.19
N GLU A 7 8.76 -0.53 -6.55
CA GLU A 7 8.17 -0.86 -7.83
C GLU A 7 6.68 -0.55 -7.83
N ILE A 8 6.02 -0.95 -6.74
CA ILE A 8 4.60 -0.72 -6.60
C ILE A 8 4.36 0.61 -5.87
N ILE A 9 5.47 1.21 -5.45
CA ILE A 9 5.40 2.48 -4.74
C ILE A 9 5.83 3.61 -5.66
N ALA A 10 6.89 3.33 -6.42
CA ALA A 10 7.41 4.32 -7.35
C ALA A 10 6.78 4.10 -8.72
N GLY A 11 6.53 2.83 -9.04
CA GLY A 11 5.94 2.49 -10.31
C GLY A 11 4.48 2.92 -10.37
N ILE A 12 3.79 2.75 -9.24
CA ILE A 12 2.39 3.12 -9.15
C ILE A 12 2.28 4.63 -8.94
N ALA A 13 2.98 5.10 -7.92
CA ALA A 13 2.97 6.53 -7.60
C ALA A 13 3.07 7.34 -8.90
N GLU A 14 4.01 6.93 -9.74
CA GLU A 14 4.22 7.60 -11.01
C GLU A 14 2.94 7.55 -11.86
N ILE A 15 2.36 6.37 -11.91
CA ILE A 15 1.14 6.17 -12.68
C ILE A 15 0.02 7.02 -12.07
N ILE A 16 -0.01 7.05 -10.75
CA ILE A 16 -1.02 7.82 -10.05
C ILE A 16 -0.95 9.28 -10.49
N GLU A 17 0.27 9.72 -10.76
CA GLU A 17 0.50 11.09 -11.20
C GLU A 17 0.06 11.26 -12.64
N GLU A 18 -0.41 10.18 -13.22
CA GLU A 18 -0.86 10.19 -14.60
C GLU A 18 -2.40 10.18 -14.67
N VAL A 19 -2.98 9.31 -13.85
CA VAL A 19 -4.42 9.19 -13.81
C VAL A 19 -4.99 10.26 -12.87
N THR A 20 -4.69 10.09 -11.58
CA THR A 20 -5.16 11.03 -10.58
C THR A 20 -4.40 12.36 -10.70
N GLY A 21 -3.18 12.26 -11.20
CA GLY A 21 -2.34 13.43 -11.36
C GLY A 21 -1.72 13.86 -10.03
N ILE A 22 -1.65 12.90 -9.11
CA ILE A 22 -1.09 13.16 -7.80
C ILE A 22 0.44 13.07 -7.89
N GLU A 23 1.09 13.54 -6.83
CA GLU A 23 2.53 13.52 -6.76
C GLU A 23 3.03 12.08 -6.59
N PRO A 24 4.27 11.84 -7.09
CA PRO A 24 4.88 10.52 -6.99
C PRO A 24 5.38 10.26 -5.58
N SER A 25 6.12 11.22 -5.06
CA SER A 25 6.67 11.11 -3.71
C SER A 25 5.54 11.14 -2.69
N GLU A 26 4.42 11.74 -3.09
CA GLU A 26 3.27 11.85 -2.22
C GLU A 26 2.73 10.46 -1.86
N ILE A 27 2.67 9.61 -2.88
CA ILE A 27 2.19 8.25 -2.69
C ILE A 27 3.13 7.51 -1.72
N THR A 28 2.52 6.69 -0.87
CA THR A 28 3.27 5.93 0.10
C THR A 28 2.49 4.69 0.53
N PRO A 29 3.21 3.75 1.20
CA PRO A 29 2.60 2.52 1.68
C PRO A 29 1.72 2.79 2.91
N GLU A 30 0.96 3.88 2.83
CA GLU A 30 0.08 4.25 3.92
C GLU A 30 -1.28 4.70 3.38
N LYS A 31 -1.44 4.54 2.07
CA LYS A 31 -2.68 4.92 1.42
C LYS A 31 -3.80 3.99 1.88
N SER A 32 -5.02 4.38 1.55
CA SER A 32 -6.19 3.60 1.93
C SER A 32 -7.12 3.45 0.73
N PHE A 33 -6.55 3.65 -0.45
CA PHE A 33 -7.32 3.53 -1.68
C PHE A 33 -8.14 4.81 -1.93
N VAL A 34 -8.70 5.33 -0.86
CA VAL A 34 -9.50 6.54 -0.95
C VAL A 34 -9.17 7.46 0.23
N ASP A 35 -9.29 6.91 1.42
CA ASP A 35 -9.00 7.66 2.64
C ASP A 35 -7.80 8.57 2.39
N ASP A 36 -6.90 8.11 1.53
CA ASP A 36 -5.72 8.88 1.20
C ASP A 36 -5.86 9.44 -0.22
N LEU A 37 -5.85 8.54 -1.18
CA LEU A 37 -5.97 8.93 -2.58
C LEU A 37 -7.08 9.98 -2.71
N ASP A 38 -8.24 9.64 -2.18
CA ASP A 38 -9.38 10.53 -2.22
C ASP A 38 -9.78 10.76 -3.68
N ILE A 39 -9.26 9.90 -4.54
CA ILE A 39 -9.55 9.99 -5.97
C ILE A 39 -10.72 9.07 -6.30
N ASP A 40 -10.95 8.10 -5.43
CA ASP A 40 -12.02 7.15 -5.61
C ASP A 40 -11.52 5.96 -6.44
N SER A 41 -12.45 5.10 -6.80
CA SER A 41 -12.11 3.92 -7.59
C SER A 41 -12.14 4.26 -9.08
N LEU A 42 -12.39 5.52 -9.37
CA LEU A 42 -12.45 5.99 -10.74
C LEU A 42 -11.05 5.95 -11.34
N SER A 43 -10.22 6.88 -10.88
CA SER A 43 -8.85 6.98 -11.36
C SER A 43 -8.05 5.74 -10.93
N MET A 44 -8.31 5.32 -9.69
CA MET A 44 -7.63 4.16 -9.15
C MET A 44 -7.78 2.95 -10.07
N VAL A 45 -8.94 2.87 -10.71
CA VAL A 45 -9.23 1.78 -11.62
C VAL A 45 -8.20 1.78 -12.75
N GLU A 46 -7.84 2.98 -13.18
CA GLU A 46 -6.87 3.14 -14.24
C GLU A 46 -5.47 2.73 -13.76
N ILE A 47 -5.05 3.36 -12.67
CA ILE A 47 -3.75 3.07 -12.09
C ILE A 47 -3.56 1.56 -12.00
N ALA A 48 -4.67 0.86 -11.81
CA ALA A 48 -4.64 -0.59 -11.70
C ALA A 48 -4.68 -1.20 -13.11
N VAL A 49 -5.60 -0.70 -13.91
CA VAL A 49 -5.76 -1.19 -15.27
C VAL A 49 -4.39 -1.20 -15.96
N GLN A 50 -3.51 -0.35 -15.45
CA GLN A 50 -2.16 -0.25 -16.00
C GLN A 50 -1.22 -1.23 -15.30
N THR A 51 -1.09 -1.04 -13.99
CA THR A 51 -0.23 -1.89 -13.19
C THR A 51 -0.56 -3.36 -13.43
N GLU A 52 -1.85 -3.63 -13.56
CA GLU A 52 -2.32 -4.98 -13.79
C GLU A 52 -2.04 -5.40 -15.24
N ASP A 53 -1.48 -4.47 -15.99
CA ASP A 53 -1.16 -4.72 -17.39
C ASP A 53 0.36 -4.63 -17.57
N LYS A 54 0.88 -3.45 -17.29
CA LYS A 54 2.31 -3.21 -17.43
C LYS A 54 3.08 -4.44 -16.93
N TYR A 55 2.60 -4.99 -15.83
CA TYR A 55 3.22 -6.16 -15.24
C TYR A 55 2.37 -7.42 -15.47
N GLY A 56 1.08 -7.28 -15.18
CA GLY A 56 0.15 -8.38 -15.36
C GLY A 56 -0.26 -8.96 -14.00
N VAL A 57 -0.20 -8.12 -12.99
CA VAL A 57 -0.56 -8.53 -11.64
C VAL A 57 -2.03 -8.94 -11.62
N LYS A 58 -2.35 -9.87 -10.73
CA LYS A 58 -3.71 -10.36 -10.60
C LYS A 58 -4.36 -9.71 -9.36
N ILE A 59 -5.35 -8.89 -9.62
CA ILE A 59 -6.06 -8.21 -8.55
C ILE A 59 -7.51 -7.93 -8.97
N PRO A 60 -8.32 -9.03 -9.00
CA PRO A 60 -9.70 -8.91 -9.39
C PRO A 60 -10.54 -8.29 -8.28
N ASP A 61 -11.78 -7.96 -8.62
CA ASP A 61 -12.69 -7.36 -7.66
C ASP A 61 -12.84 -8.28 -6.45
N GLU A 62 -12.92 -9.56 -6.73
CA GLU A 62 -13.06 -10.56 -5.68
C GLU A 62 -11.99 -10.34 -4.60
N ASP A 63 -10.92 -9.66 -5.00
CA ASP A 63 -9.83 -9.37 -4.07
C ASP A 63 -9.76 -7.87 -3.83
N LEU A 64 -10.09 -7.11 -4.87
CA LEU A 64 -10.06 -5.66 -4.77
C LEU A 64 -11.02 -5.22 -3.67
N ALA A 65 -11.88 -6.13 -3.27
CA ALA A 65 -12.85 -5.84 -2.22
C ALA A 65 -12.14 -5.81 -0.87
N GLY A 66 -11.04 -6.53 -0.80
CA GLY A 66 -10.25 -6.59 0.42
C GLY A 66 -9.10 -5.57 0.39
N LEU A 67 -8.25 -5.71 -0.61
CA LEU A 67 -7.12 -4.83 -0.77
C LEU A 67 -7.59 -3.38 -0.56
N ARG A 68 -7.02 -2.75 0.45
CA ARG A 68 -7.36 -1.37 0.77
C ARG A 68 -6.14 -0.47 0.57
N THR A 69 -5.07 -0.81 1.27
CA THR A 69 -3.84 -0.03 1.19
C THR A 69 -2.87 -0.69 0.20
N VAL A 70 -1.77 0.01 -0.04
CA VAL A 70 -0.76 -0.48 -0.95
C VAL A 70 -0.15 -1.77 -0.39
N GLY A 71 0.00 -1.79 0.93
CA GLY A 71 0.56 -2.95 1.60
C GLY A 71 -0.36 -4.17 1.46
N ASP A 72 -1.62 -3.88 1.18
CA ASP A 72 -2.61 -4.94 1.02
C ASP A 72 -2.81 -5.22 -0.47
N VAL A 73 -2.62 -4.18 -1.27
CA VAL A 73 -2.78 -4.31 -2.70
C VAL A 73 -1.47 -4.83 -3.32
N VAL A 74 -0.42 -4.79 -2.50
CA VAL A 74 0.88 -5.24 -2.94
C VAL A 74 1.11 -6.67 -2.45
N ALA A 75 0.82 -6.88 -1.18
CA ALA A 75 0.99 -8.20 -0.57
C ALA A 75 0.43 -9.26 -1.52
N TYR A 76 -0.84 -9.11 -1.86
CA TYR A 76 -1.50 -10.04 -2.76
C TYR A 76 -0.65 -10.28 -4.01
N ILE A 77 0.25 -9.35 -4.28
CA ILE A 77 1.12 -9.45 -5.43
C ILE A 77 2.31 -10.33 -5.09
N GLN A 78 3.15 -9.84 -4.19
CA GLN A 78 4.33 -10.57 -3.77
C GLN A 78 3.92 -11.83 -3.01
N LYS A 79 3.07 -11.65 -2.01
CA LYS A 79 2.60 -12.76 -1.21
C LYS A 79 2.35 -13.97 -2.12
N LEU A 80 1.53 -13.74 -3.14
CA LEU A 80 1.21 -14.80 -4.09
C LEU A 80 2.49 -15.30 -4.75
N GLU A 81 3.36 -14.35 -5.07
CA GLU A 81 4.62 -14.68 -5.71
C GLU A 81 5.39 -15.70 -4.86
N GLU A 82 5.54 -15.36 -3.59
CA GLU A 82 6.26 -16.22 -2.67
C GLU A 82 5.31 -16.72 -1.57
N GLU A 83 5.42 -16.09 -0.41
CA GLU A 83 4.57 -16.46 0.72
C GLU A 83 4.51 -15.32 1.73
N ASN A 84 5.57 -15.20 2.53
CA ASN A 84 5.63 -14.17 3.53
C ASN A 84 4.52 -14.38 4.56
N PRO A 85 4.79 -15.32 5.50
CA PRO A 85 3.82 -15.63 6.54
C PRO A 85 3.80 -14.54 7.61
N GLU A 86 3.57 -13.31 7.14
CA GLU A 86 3.52 -12.17 8.05
C GLU A 86 2.39 -11.23 7.64
N ALA A 87 2.61 -10.54 6.53
CA ALA A 87 1.61 -9.61 6.03
C ALA A 87 2.11 -9.01 4.71
N ALA A 88 3.10 -8.13 4.83
CA ALA A 88 3.68 -7.49 3.66
C ALA A 88 4.73 -6.47 4.10
N GLN A 89 5.13 -5.62 3.17
CA GLN A 89 6.13 -4.61 3.46
C GLN A 89 5.46 -3.39 4.11
N ALA A 90 5.29 -3.48 5.42
CA ALA A 90 4.67 -2.40 6.17
C ALA A 90 4.61 -2.79 7.66
N LEU A 91 3.95 -3.90 7.91
CA LEU A 91 3.80 -4.39 9.27
C LEU A 91 5.19 -4.67 9.86
N ARG A 92 5.21 -4.89 11.17
CA ARG A 92 6.46 -5.16 11.86
C ARG A 92 6.20 -5.31 13.36
N ALA A 93 5.16 -6.06 13.67
CA ALA A 93 4.80 -6.29 15.07
C ALA A 93 3.53 -7.16 15.12
N LYS A 94 2.48 -6.66 14.48
CA LYS A 94 1.22 -7.38 14.45
C LYS A 94 1.09 -8.12 13.13
N ILE A 95 0.00 -8.87 13.00
CA ILE A 95 -0.26 -9.63 11.80
C ILE A 95 -0.68 -8.69 10.68
N GLU A 96 -1.88 -8.16 10.82
CA GLU A 96 -2.43 -7.24 9.83
C GLU A 96 -1.46 -6.08 9.60
N SER A 97 -1.49 -5.14 10.55
CA SER A 97 -0.63 -3.97 10.47
C SER A 97 -0.85 -3.07 11.69
N GLU A 98 0.21 -2.91 12.47
CA GLU A 98 0.14 -2.08 13.66
C GLU A 98 1.54 -1.61 14.06
N ASN A 99 2.42 -1.57 13.07
CA ASN A 99 3.78 -1.15 13.30
C ASN A 99 3.79 0.07 14.24
N PRO A 100 4.11 -0.22 15.53
CA PRO A 100 4.14 0.84 16.54
C PRO A 100 5.40 1.70 16.38
N ASP A 101 5.39 2.50 15.32
CA ASP A 101 6.52 3.38 15.04
C ASP A 101 6.07 4.47 14.07
N ALA A 102 5.78 4.04 12.85
CA ALA A 102 5.35 4.97 11.82
C ALA A 102 6.57 5.73 11.26
N VAL A 103 7.68 5.01 11.20
CA VAL A 103 8.91 5.60 10.69
C VAL A 103 8.72 6.02 9.24
N ALA A 104 9.61 6.88 8.78
CA ALA A 104 9.55 7.37 7.41
C ALA A 104 10.80 8.20 7.11
N ASN A 105 11.09 9.13 8.02
CA ASN A 105 12.25 9.99 7.87
C ASN A 105 12.18 11.12 8.90
N VAL A 106 13.29 11.31 9.60
CA VAL A 106 13.38 12.35 10.61
C VAL A 106 14.77 12.97 10.60
N GLN A 107 14.94 13.98 11.43
CA GLN A 107 16.22 14.67 11.52
C GLN A 107 16.15 15.78 12.57
N ALA A 108 16.63 15.46 13.77
CA ALA A 108 16.62 16.42 14.85
C ALA A 108 17.36 15.82 16.05
N ARG A 109 18.42 15.08 15.75
CA ARG A 109 19.21 14.45 16.79
C ARG A 109 20.67 14.90 16.69
N LEU A 110 20.85 16.22 16.66
CA LEU A 110 22.18 16.79 16.56
C LEU A 110 22.68 17.14 17.97
N GLU A 111 23.96 17.46 18.04
CA GLU A 111 24.58 17.82 19.31
C GLU A 111 25.58 18.96 19.12
N ALA A 112 25.03 20.17 19.08
CA ALA A 112 25.87 21.35 18.90
C ALA A 112 25.27 22.51 19.69
N GLU A 113 25.69 22.62 20.95
CA GLU A 113 25.20 23.68 21.81
C GLU A 113 26.30 24.11 22.79
N SER A 114 26.64 23.19 23.69
CA SER A 114 27.66 23.46 24.68
C SER A 114 27.23 24.63 25.57
N LYS A 115 27.97 24.80 26.66
CA LYS A 115 27.67 25.87 27.60
C LYS A 115 27.81 27.22 26.89
N MET A 1 12.42 -6.71 -14.08
CA MET A 1 11.08 -6.16 -13.89
C MET A 1 10.37 -6.83 -12.72
N PRO A 2 10.94 -6.62 -11.50
CA PRO A 2 10.38 -7.20 -10.30
C PRO A 2 9.11 -6.44 -9.87
N VAL A 3 8.72 -6.66 -8.62
CA VAL A 3 7.54 -6.01 -8.08
C VAL A 3 7.75 -5.75 -6.59
N THR A 4 8.86 -5.12 -6.27
CA THR A 4 9.19 -4.80 -4.90
C THR A 4 8.39 -3.59 -4.43
N GLN A 5 8.64 -3.19 -3.19
CA GLN A 5 7.96 -2.05 -2.61
C GLN A 5 8.04 -0.84 -3.54
N GLU A 6 9.25 -0.33 -3.69
CA GLU A 6 9.49 0.82 -4.55
C GLU A 6 8.86 0.59 -5.93
N GLU A 7 8.63 -0.68 -6.23
CA GLU A 7 8.04 -1.06 -7.50
C GLU A 7 6.54 -0.74 -7.50
N ILE A 8 5.88 -1.11 -6.41
CA ILE A 8 4.45 -0.86 -6.28
C ILE A 8 4.24 0.49 -5.61
N ILE A 9 5.35 1.13 -5.25
CA ILE A 9 5.29 2.43 -4.60
C ILE A 9 5.73 3.50 -5.59
N ALA A 10 6.78 3.19 -6.33
CA ALA A 10 7.31 4.11 -7.32
C ALA A 10 6.67 3.83 -8.68
N GLY A 11 6.45 2.55 -8.93
CA GLY A 11 5.85 2.13 -10.19
C GLY A 11 4.39 2.56 -10.27
N ILE A 12 3.69 2.37 -9.16
CA ILE A 12 2.29 2.75 -9.08
C ILE A 12 2.17 4.26 -8.97
N ALA A 13 2.87 4.80 -7.98
CA ALA A 13 2.84 6.24 -7.75
C ALA A 13 2.93 6.97 -9.09
N GLU A 14 3.86 6.52 -9.92
CA GLU A 14 4.05 7.12 -11.23
C GLU A 14 2.76 7.05 -12.04
N ILE A 15 2.15 5.87 -12.03
CA ILE A 15 0.91 5.67 -12.76
C ILE A 15 -0.19 6.54 -12.14
N ILE A 16 -0.23 6.54 -10.82
CA ILE A 16 -1.21 7.32 -10.10
C ILE A 16 -1.16 8.77 -10.58
N GLU A 17 0.04 9.22 -10.87
CA GLU A 17 0.24 10.58 -11.34
C GLU A 17 -0.27 10.72 -12.78
N GLU A 18 -0.78 9.61 -13.31
CA GLU A 18 -1.32 9.61 -14.66
C GLU A 18 -2.85 9.56 -14.62
N VAL A 19 -3.37 8.69 -13.78
CA VAL A 19 -4.81 8.54 -13.64
C VAL A 19 -5.34 9.61 -12.68
N THR A 20 -4.98 9.46 -11.42
CA THR A 20 -5.41 10.40 -10.40
C THR A 20 -4.70 11.74 -10.59
N GLY A 21 -3.51 11.68 -11.16
CA GLY A 21 -2.73 12.88 -11.40
C GLY A 21 -2.09 13.39 -10.11
N ILE A 22 -1.75 12.44 -9.24
CA ILE A 22 -1.14 12.77 -7.97
C ILE A 22 0.38 12.70 -8.10
N GLU A 23 1.06 13.24 -7.10
CA GLU A 23 2.52 13.24 -7.10
C GLU A 23 3.06 11.82 -6.91
N PRO A 24 4.28 11.59 -7.44
CA PRO A 24 4.92 10.29 -7.33
C PRO A 24 5.44 10.04 -5.92
N SER A 25 6.19 11.03 -5.43
CA SER A 25 6.76 10.94 -4.10
C SER A 25 5.65 11.03 -3.04
N GLU A 26 4.54 11.62 -3.46
CA GLU A 26 3.40 11.78 -2.57
C GLU A 26 2.83 10.41 -2.19
N ILE A 27 2.60 9.59 -3.21
CA ILE A 27 2.05 8.27 -2.99
C ILE A 27 2.94 7.51 -2.01
N THR A 28 2.35 7.11 -0.90
CA THR A 28 3.07 6.36 0.12
C THR A 28 2.35 5.06 0.45
N PRO A 29 3.09 4.15 1.14
CA PRO A 29 2.53 2.86 1.51
C PRO A 29 1.57 3.01 2.69
N GLU A 30 1.42 4.25 3.14
CA GLU A 30 0.54 4.54 4.26
C GLU A 30 -0.83 5.01 3.74
N LYS A 31 -0.98 4.98 2.43
CA LYS A 31 -2.22 5.39 1.79
C LYS A 31 -3.34 4.45 2.23
N SER A 32 -4.56 4.84 1.90
CA SER A 32 -5.73 4.04 2.25
C SER A 32 -6.56 3.76 1.00
N PHE A 33 -5.99 4.10 -0.14
CA PHE A 33 -6.67 3.89 -1.41
C PHE A 33 -7.71 4.99 -1.67
N VAL A 34 -8.35 5.42 -0.59
CA VAL A 34 -9.35 6.45 -0.68
C VAL A 34 -9.15 7.46 0.45
N ASP A 35 -9.17 6.95 1.67
CA ASP A 35 -8.99 7.80 2.84
C ASP A 35 -7.91 8.84 2.55
N ASP A 36 -6.98 8.46 1.69
CA ASP A 36 -5.89 9.35 1.32
C ASP A 36 -6.13 9.88 -0.10
N LEU A 37 -6.04 8.98 -1.06
CA LEU A 37 -6.24 9.33 -2.45
C LEU A 37 -7.47 10.23 -2.57
N ASP A 38 -8.59 9.72 -2.06
CA ASP A 38 -9.84 10.46 -2.10
C ASP A 38 -10.34 10.54 -3.55
N ILE A 39 -9.75 9.72 -4.40
CA ILE A 39 -10.11 9.69 -5.81
C ILE A 39 -11.17 8.61 -6.03
N ASP A 40 -11.25 7.69 -5.07
CA ASP A 40 -12.21 6.61 -5.16
C ASP A 40 -11.58 5.43 -5.91
N SER A 41 -12.42 4.45 -6.22
CA SER A 41 -11.95 3.27 -6.93
C SER A 41 -12.06 3.49 -8.44
N LEU A 42 -12.45 4.71 -8.80
CA LEU A 42 -12.59 5.05 -10.21
C LEU A 42 -11.21 5.05 -10.87
N SER A 43 -10.38 5.98 -10.43
CA SER A 43 -9.04 6.11 -10.97
C SER A 43 -8.23 4.83 -10.66
N MET A 44 -8.26 4.46 -9.38
CA MET A 44 -7.54 3.28 -8.95
C MET A 44 -7.72 2.13 -9.93
N VAL A 45 -8.95 1.97 -10.39
CA VAL A 45 -9.26 0.91 -11.34
C VAL A 45 -8.31 1.00 -12.53
N GLU A 46 -8.01 2.23 -12.92
CA GLU A 46 -7.11 2.47 -14.04
C GLU A 46 -5.67 2.14 -13.65
N ILE A 47 -5.24 2.75 -12.54
CA ILE A 47 -3.89 2.53 -12.04
C ILE A 47 -3.58 1.04 -12.07
N ALA A 48 -4.61 0.24 -11.84
CA ALA A 48 -4.47 -1.20 -11.83
C ALA A 48 -4.43 -1.72 -13.26
N VAL A 49 -5.42 -1.30 -14.03
CA VAL A 49 -5.52 -1.71 -15.42
C VAL A 49 -4.15 -1.54 -16.09
N GLN A 50 -3.37 -0.63 -15.55
CA GLN A 50 -2.04 -0.36 -16.07
C GLN A 50 -1.00 -1.26 -15.39
N THR A 51 -0.91 -1.12 -14.08
CA THR A 51 0.02 -1.91 -13.31
C THR A 51 -0.15 -3.40 -13.61
N GLU A 52 -1.39 -3.79 -13.81
CA GLU A 52 -1.70 -5.17 -14.13
C GLU A 52 -1.37 -5.47 -15.59
N ASP A 53 -0.87 -4.47 -16.28
CA ASP A 53 -0.51 -4.61 -17.67
C ASP A 53 0.99 -4.31 -17.84
N LYS A 54 1.35 -3.07 -17.54
CA LYS A 54 2.73 -2.64 -17.66
C LYS A 54 3.64 -3.67 -16.97
N TYR A 55 3.17 -4.13 -15.82
CA TYR A 55 3.93 -5.10 -15.05
C TYR A 55 3.31 -6.50 -15.17
N GLY A 56 1.99 -6.53 -15.06
CA GLY A 56 1.26 -7.79 -15.16
C GLY A 56 0.97 -8.36 -13.77
N VAL A 57 0.89 -7.46 -12.80
CA VAL A 57 0.61 -7.86 -11.43
C VAL A 57 -0.69 -8.66 -11.39
N LYS A 58 -1.14 -8.94 -10.18
CA LYS A 58 -2.36 -9.69 -9.98
C LYS A 58 -3.21 -9.03 -8.89
N ILE A 59 -4.29 -8.40 -9.33
CA ILE A 59 -5.18 -7.72 -8.39
C ILE A 59 -6.58 -7.64 -9.01
N PRO A 60 -7.34 -8.74 -8.83
CA PRO A 60 -8.70 -8.81 -9.36
C PRO A 60 -9.66 -7.98 -8.50
N ASP A 61 -10.86 -7.79 -9.03
CA ASP A 61 -11.87 -7.01 -8.34
C ASP A 61 -12.24 -7.71 -7.03
N GLU A 62 -12.32 -9.03 -7.10
CA GLU A 62 -12.66 -9.83 -5.93
C GLU A 62 -11.69 -9.53 -4.79
N ASP A 63 -10.56 -8.95 -5.15
CA ASP A 63 -9.54 -8.61 -4.19
C ASP A 63 -9.44 -7.09 -4.05
N LEU A 64 -9.70 -6.41 -5.16
CA LEU A 64 -9.65 -4.97 -5.18
C LEU A 64 -10.64 -4.41 -4.16
N ALA A 65 -11.56 -5.27 -3.75
CA ALA A 65 -12.57 -4.89 -2.78
C ALA A 65 -11.95 -4.86 -1.38
N GLY A 66 -11.01 -5.77 -1.17
CA GLY A 66 -10.33 -5.86 0.11
C GLY A 66 -9.20 -4.83 0.20
N LEU A 67 -8.44 -4.73 -0.87
CA LEU A 67 -7.33 -3.78 -0.92
C LEU A 67 -7.75 -2.48 -0.23
N ARG A 68 -7.12 -2.21 0.90
CA ARG A 68 -7.41 -1.01 1.67
C ARG A 68 -6.25 -0.03 1.57
N THR A 69 -5.05 -0.59 1.58
CA THR A 69 -3.84 0.23 1.50
C THR A 69 -2.84 -0.40 0.53
N VAL A 70 -1.75 0.32 0.32
CA VAL A 70 -0.70 -0.16 -0.57
C VAL A 70 -0.19 -1.52 -0.08
N GLY A 71 0.07 -1.58 1.21
CA GLY A 71 0.55 -2.82 1.81
C GLY A 71 -0.34 -4.00 1.45
N ASP A 72 -1.64 -3.73 1.42
CA ASP A 72 -2.60 -4.75 1.08
C ASP A 72 -2.67 -4.91 -0.44
N VAL A 73 -2.42 -3.81 -1.13
CA VAL A 73 -2.45 -3.81 -2.58
C VAL A 73 -1.14 -4.42 -3.11
N VAL A 74 -0.18 -4.55 -2.21
CA VAL A 74 1.11 -5.11 -2.57
C VAL A 74 1.13 -6.59 -2.20
N ALA A 75 0.88 -6.86 -0.93
CA ALA A 75 0.88 -8.23 -0.45
C ALA A 75 0.05 -9.10 -1.40
N TYR A 76 -1.19 -8.69 -1.60
CA TYR A 76 -2.08 -9.43 -2.48
C TYR A 76 -1.35 -9.87 -3.75
N ILE A 77 -0.34 -9.09 -4.12
CA ILE A 77 0.43 -9.39 -5.31
C ILE A 77 1.49 -10.44 -4.97
N GLN A 78 2.54 -9.99 -4.32
CA GLN A 78 3.62 -10.88 -3.93
C GLN A 78 3.06 -12.13 -3.24
N LYS A 79 2.26 -11.88 -2.21
CA LYS A 79 1.64 -12.97 -1.46
C LYS A 79 1.24 -14.08 -2.42
N LEU A 80 0.48 -13.69 -3.44
CA LEU A 80 0.01 -14.65 -4.44
C LEU A 80 1.20 -15.12 -5.27
N GLU A 81 1.98 -14.16 -5.74
CA GLU A 81 3.14 -14.46 -6.55
C GLU A 81 3.93 -15.62 -5.95
N GLU A 82 4.48 -15.36 -4.76
CA GLU A 82 5.25 -16.37 -4.06
C GLU A 82 4.49 -16.86 -2.82
N GLU A 83 4.87 -16.30 -1.68
CA GLU A 83 4.23 -16.66 -0.43
C GLU A 83 4.32 -15.52 0.57
N ASN A 84 5.52 -15.32 1.10
CA ASN A 84 5.76 -14.27 2.06
C ASN A 84 4.94 -14.54 3.32
N PRO A 85 5.40 -15.55 4.10
CA PRO A 85 4.71 -15.92 5.33
C PRO A 85 4.99 -14.91 6.44
N GLU A 86 4.70 -13.65 6.13
CA GLU A 86 4.92 -12.57 7.08
C GLU A 86 3.75 -11.59 7.04
N ALA A 87 3.64 -10.90 5.91
CA ALA A 87 2.57 -9.93 5.72
C ALA A 87 2.71 -9.29 4.34
N ALA A 88 3.73 -8.45 4.21
CA ALA A 88 3.98 -7.77 2.96
C ALA A 88 5.14 -6.79 3.14
N GLN A 89 6.35 -7.30 2.96
CA GLN A 89 7.53 -6.47 3.10
C GLN A 89 7.30 -5.37 4.13
N ALA A 90 6.93 -5.80 5.34
CA ALA A 90 6.67 -4.87 6.42
C ALA A 90 6.00 -5.60 7.57
N LEU A 91 6.71 -6.56 8.12
CA LEU A 91 6.19 -7.34 9.23
C LEU A 91 7.29 -8.29 9.73
N ARG A 92 7.24 -8.56 11.03
CA ARG A 92 8.22 -9.45 11.64
C ARG A 92 7.67 -10.01 12.96
N ALA A 93 6.45 -10.51 12.88
CA ALA A 93 5.79 -11.08 14.06
C ALA A 93 4.56 -11.87 13.62
N LYS A 94 3.59 -11.14 13.11
CA LYS A 94 2.36 -11.76 12.65
C LYS A 94 1.60 -10.77 11.75
N ILE A 95 0.95 -11.32 10.73
CA ILE A 95 0.20 -10.51 9.79
C ILE A 95 -0.57 -9.44 10.57
N GLU A 96 -1.50 -9.89 11.39
CA GLU A 96 -2.30 -8.97 12.18
C GLU A 96 -1.44 -8.27 13.23
N SER A 97 -0.82 -9.09 14.08
CA SER A 97 0.05 -8.57 15.13
C SER A 97 1.27 -7.90 14.51
N GLU A 98 1.04 -6.74 13.92
CA GLU A 98 2.12 -5.99 13.29
C GLU A 98 3.32 -5.89 14.23
N ASN A 99 4.48 -5.67 13.64
CA ASN A 99 5.71 -5.56 14.41
C ASN A 99 5.51 -4.52 15.52
N PRO A 100 6.02 -4.87 16.73
CA PRO A 100 5.91 -3.98 17.88
C PRO A 100 6.88 -2.81 17.76
N ASP A 101 6.75 -2.09 16.65
CA ASP A 101 7.61 -0.94 16.40
C ASP A 101 9.08 -1.35 16.59
N ALA A 102 9.31 -2.65 16.47
CA ALA A 102 10.65 -3.19 16.63
C ALA A 102 11.03 -3.21 18.11
N VAL A 103 10.02 -3.43 18.93
CA VAL A 103 10.23 -3.47 20.38
C VAL A 103 10.25 -4.93 20.84
N ALA A 104 10.70 -5.12 22.07
CA ALA A 104 10.77 -6.45 22.64
C ALA A 104 11.34 -6.36 24.06
N ASN A 105 10.91 -5.33 24.77
CA ASN A 105 11.35 -5.11 26.13
C ASN A 105 12.88 -4.93 26.15
N VAL A 106 13.29 -3.78 26.65
CA VAL A 106 14.71 -3.46 26.72
C VAL A 106 15.10 -3.24 28.19
N GLN A 107 14.09 -3.27 29.05
CA GLN A 107 14.32 -3.08 30.47
C GLN A 107 12.99 -3.10 31.23
N ALA A 108 12.92 -3.98 32.21
CA ALA A 108 11.72 -4.10 33.02
C ALA A 108 11.85 -5.31 33.96
N ARG A 109 13.05 -5.45 34.51
CA ARG A 109 13.33 -6.54 35.43
C ARG A 109 14.24 -6.07 36.56
N LEU A 110 13.70 -5.17 37.37
CA LEU A 110 14.45 -4.64 38.50
C LEU A 110 14.75 -5.77 39.49
N GLU A 111 15.90 -5.64 40.14
CA GLU A 111 16.32 -6.64 41.11
C GLU A 111 16.97 -5.96 42.32
N ALA A 112 16.18 -5.86 43.39
CA ALA A 112 16.66 -5.23 44.61
C ALA A 112 16.58 -6.25 45.75
N GLU A 113 17.54 -6.15 46.66
CA GLU A 113 17.60 -7.04 47.80
C GLU A 113 18.80 -6.72 48.67
N SER A 114 18.90 -5.45 49.06
CA SER A 114 20.00 -5.00 49.89
C SER A 114 19.94 -5.69 51.25
N LYS A 115 20.98 -5.47 52.04
CA LYS A 115 21.06 -6.06 53.36
C LYS A 115 20.13 -5.30 54.31
N MET A 1 12.78 -6.13 -14.05
CA MET A 1 11.44 -5.61 -13.88
C MET A 1 10.70 -6.36 -12.78
N PRO A 2 11.24 -6.25 -11.54
CA PRO A 2 10.64 -6.91 -10.39
C PRO A 2 9.37 -6.19 -9.94
N VAL A 3 8.96 -6.50 -8.72
CA VAL A 3 7.76 -5.89 -8.16
C VAL A 3 7.98 -5.63 -6.67
N THR A 4 9.08 -4.94 -6.37
CA THR A 4 9.41 -4.62 -5.01
C THR A 4 8.56 -3.44 -4.51
N GLN A 5 8.85 -3.02 -3.28
CA GLN A 5 8.13 -1.91 -2.69
C GLN A 5 8.15 -0.70 -3.61
N GLU A 6 9.35 -0.14 -3.76
CA GLU A 6 9.52 1.02 -4.62
C GLU A 6 8.92 0.77 -5.99
N GLU A 7 8.73 -0.50 -6.30
CA GLU A 7 8.15 -0.89 -7.58
C GLU A 7 6.65 -0.62 -7.58
N ILE A 8 6.01 -0.99 -6.49
CA ILE A 8 4.57 -0.79 -6.36
C ILE A 8 4.31 0.55 -5.67
N ILE A 9 5.39 1.21 -5.28
CA ILE A 9 5.29 2.50 -4.62
C ILE A 9 5.71 3.60 -5.59
N ALA A 10 6.79 3.33 -6.31
CA ALA A 10 7.30 4.28 -7.28
C ALA A 10 6.67 4.01 -8.64
N GLY A 11 6.45 2.73 -8.91
CA GLY A 11 5.86 2.32 -10.17
C GLY A 11 4.39 2.72 -10.24
N ILE A 12 3.70 2.51 -9.13
CA ILE A 12 2.28 2.85 -9.06
C ILE A 12 2.12 4.36 -8.96
N ALA A 13 2.82 4.95 -8.00
CA ALA A 13 2.76 6.39 -7.80
C ALA A 13 2.82 7.09 -9.15
N GLU A 14 3.76 6.64 -9.98
CA GLU A 14 3.94 7.21 -11.29
C GLU A 14 2.63 7.12 -12.09
N ILE A 15 2.04 5.95 -12.07
CA ILE A 15 0.79 5.72 -12.77
C ILE A 15 -0.31 6.59 -12.16
N ILE A 16 -0.31 6.62 -10.83
CA ILE A 16 -1.30 7.40 -10.11
C ILE A 16 -1.28 8.84 -10.63
N GLU A 17 -0.09 9.30 -10.96
CA GLU A 17 0.07 10.64 -11.47
C GLU A 17 -0.48 10.75 -12.90
N GLU A 18 -0.99 9.63 -13.39
CA GLU A 18 -1.55 9.57 -14.72
C GLU A 18 -3.07 9.52 -14.66
N VAL A 19 -3.57 8.71 -13.74
CA VAL A 19 -5.00 8.56 -13.56
C VAL A 19 -5.53 9.66 -12.64
N THR A 20 -5.07 9.62 -11.40
CA THR A 20 -5.48 10.61 -10.42
C THR A 20 -4.75 11.93 -10.66
N GLY A 21 -3.58 11.82 -11.27
CA GLY A 21 -2.77 12.99 -11.57
C GLY A 21 -2.08 13.51 -10.30
N ILE A 22 -1.92 12.62 -9.34
CA ILE A 22 -1.28 12.98 -8.08
C ILE A 22 0.23 12.87 -8.24
N GLU A 23 0.94 13.45 -7.28
CA GLU A 23 2.39 13.43 -7.30
C GLU A 23 2.90 12.01 -7.06
N PRO A 24 4.12 11.74 -7.59
CA PRO A 24 4.72 10.42 -7.45
C PRO A 24 5.27 10.23 -6.04
N SER A 25 6.04 11.21 -5.59
CA SER A 25 6.62 11.17 -4.26
C SER A 25 5.53 11.27 -3.20
N GLU A 26 4.41 11.85 -3.60
CA GLU A 26 3.28 12.01 -2.70
C GLU A 26 2.79 10.64 -2.22
N ILE A 27 2.74 9.70 -3.16
CA ILE A 27 2.29 8.35 -2.84
C ILE A 27 3.27 7.71 -1.86
N THR A 28 2.71 7.06 -0.85
CA THR A 28 3.52 6.40 0.17
C THR A 28 2.83 5.13 0.64
N PRO A 29 3.63 4.27 1.34
CA PRO A 29 3.11 3.02 1.86
C PRO A 29 2.23 3.25 3.08
N GLU A 30 1.38 4.28 2.98
CA GLU A 30 0.49 4.61 4.07
C GLU A 30 -0.88 5.03 3.52
N LYS A 31 -1.04 4.82 2.22
CA LYS A 31 -2.30 5.17 1.57
C LYS A 31 -3.40 4.23 2.05
N SER A 32 -4.63 4.61 1.76
CA SER A 32 -5.78 3.82 2.15
C SER A 32 -6.70 3.59 0.95
N PHE A 33 -6.17 3.90 -0.22
CA PHE A 33 -6.93 3.73 -1.45
C PHE A 33 -7.95 4.85 -1.64
N VAL A 34 -8.39 5.40 -0.51
CA VAL A 34 -9.35 6.48 -0.54
C VAL A 34 -9.01 7.50 0.55
N ASP A 35 -8.97 7.01 1.79
CA ASP A 35 -8.66 7.86 2.92
C ASP A 35 -7.54 8.83 2.53
N ASP A 36 -6.67 8.36 1.64
CA ASP A 36 -5.56 9.18 1.17
C ASP A 36 -5.85 9.65 -0.25
N LEU A 37 -5.89 8.68 -1.16
CA LEU A 37 -6.15 8.98 -2.56
C LEU A 37 -7.31 9.97 -2.66
N ASP A 38 -8.40 9.61 -2.02
CA ASP A 38 -9.59 10.45 -2.02
C ASP A 38 -10.12 10.55 -3.45
N ILE A 39 -9.66 9.63 -4.29
CA ILE A 39 -10.09 9.60 -5.68
C ILE A 39 -11.18 8.55 -5.85
N ASP A 40 -11.27 7.67 -4.87
CA ASP A 40 -12.27 6.61 -4.91
C ASP A 40 -11.70 5.41 -5.67
N SER A 41 -12.58 4.46 -5.94
CA SER A 41 -12.18 3.25 -6.67
C SER A 41 -12.31 3.49 -8.18
N LEU A 42 -12.64 4.72 -8.54
CA LEU A 42 -12.79 5.09 -9.93
C LEU A 42 -11.42 5.09 -10.60
N SER A 43 -10.61 6.06 -10.20
CA SER A 43 -9.27 6.20 -10.75
C SER A 43 -8.42 4.97 -10.39
N MET A 44 -8.49 4.62 -9.11
CA MET A 44 -7.74 3.48 -8.62
C MET A 44 -7.89 2.27 -9.54
N VAL A 45 -9.10 2.13 -10.08
CA VAL A 45 -9.40 1.03 -10.97
C VAL A 45 -8.49 1.12 -12.20
N GLU A 46 -8.19 2.35 -12.59
CA GLU A 46 -7.33 2.58 -13.74
C GLU A 46 -5.88 2.25 -13.40
N ILE A 47 -5.40 2.86 -12.32
CA ILE A 47 -4.03 2.64 -11.88
C ILE A 47 -3.73 1.13 -11.95
N ALA A 48 -4.70 0.35 -11.53
CA ALA A 48 -4.54 -1.10 -11.54
C ALA A 48 -4.59 -1.61 -12.98
N VAL A 49 -5.62 -1.18 -13.70
CA VAL A 49 -5.79 -1.59 -15.08
C VAL A 49 -4.46 -1.43 -15.82
N GLN A 50 -3.64 -0.51 -15.31
CA GLN A 50 -2.34 -0.25 -15.91
C GLN A 50 -1.27 -1.18 -15.29
N THR A 51 -1.11 -1.06 -13.99
CA THR A 51 -0.15 -1.87 -13.28
C THR A 51 -0.35 -3.35 -13.61
N GLU A 52 -1.61 -3.73 -13.71
CA GLU A 52 -1.96 -5.11 -14.02
C GLU A 52 -1.68 -5.40 -15.50
N ASP A 53 -1.24 -4.38 -16.21
CA ASP A 53 -0.93 -4.50 -17.62
C ASP A 53 0.56 -4.24 -17.86
N LYS A 54 0.95 -3.01 -17.56
CA LYS A 54 2.34 -2.61 -17.72
C LYS A 54 3.24 -3.69 -17.14
N TYR A 55 2.85 -4.19 -15.98
CA TYR A 55 3.61 -5.22 -15.31
C TYR A 55 2.96 -6.59 -15.47
N GLY A 56 1.66 -6.64 -15.20
CA GLY A 56 0.91 -7.86 -15.31
C GLY A 56 0.61 -8.46 -13.93
N VAL A 57 0.73 -7.62 -12.92
CA VAL A 57 0.47 -8.04 -11.55
C VAL A 57 -0.93 -8.61 -11.45
N LYS A 58 -1.12 -9.45 -10.45
CA LYS A 58 -2.42 -10.08 -10.23
C LYS A 58 -3.17 -9.31 -9.14
N ILE A 59 -4.10 -8.47 -9.60
CA ILE A 59 -4.90 -7.68 -8.68
C ILE A 59 -6.28 -7.43 -9.30
N PRO A 60 -7.08 -8.53 -9.37
CA PRO A 60 -8.42 -8.44 -9.94
C PRO A 60 -9.38 -7.75 -8.96
N ASP A 61 -10.56 -7.42 -9.47
CA ASP A 61 -11.57 -6.78 -8.65
C ASP A 61 -11.82 -7.59 -7.39
N GLU A 62 -11.84 -8.90 -7.57
CA GLU A 62 -12.06 -9.81 -6.45
C GLU A 62 -11.07 -9.52 -5.33
N ASP A 63 -9.99 -8.84 -5.69
CA ASP A 63 -8.96 -8.49 -4.73
C ASP A 63 -8.93 -6.96 -4.55
N LEU A 64 -9.21 -6.27 -5.64
CA LEU A 64 -9.22 -4.82 -5.63
C LEU A 64 -10.27 -4.34 -4.63
N ALA A 65 -11.15 -5.25 -4.24
CA ALA A 65 -12.20 -4.93 -3.30
C ALA A 65 -11.63 -4.93 -1.88
N GLY A 66 -10.74 -5.88 -1.64
CA GLY A 66 -10.12 -6.00 -0.34
C GLY A 66 -8.99 -4.98 -0.17
N LEU A 67 -8.19 -4.85 -1.22
CA LEU A 67 -7.08 -3.92 -1.20
C LEU A 67 -7.51 -2.63 -0.50
N ARG A 68 -6.96 -2.42 0.68
CA ARG A 68 -7.29 -1.23 1.46
C ARG A 68 -6.13 -0.22 1.39
N THR A 69 -4.92 -0.76 1.42
CA THR A 69 -3.73 0.08 1.36
C THR A 69 -2.70 -0.52 0.40
N VAL A 70 -1.64 0.23 0.18
CA VAL A 70 -0.59 -0.21 -0.71
C VAL A 70 -0.05 -1.56 -0.23
N GLY A 71 0.25 -1.62 1.05
CA GLY A 71 0.76 -2.85 1.64
C GLY A 71 -0.10 -4.05 1.25
N ASP A 72 -1.40 -3.80 1.20
CA ASP A 72 -2.35 -4.85 0.86
C ASP A 72 -2.40 -5.00 -0.68
N VAL A 73 -2.09 -3.90 -1.35
CA VAL A 73 -2.09 -3.90 -2.80
C VAL A 73 -0.76 -4.46 -3.31
N VAL A 74 0.19 -4.56 -2.40
CA VAL A 74 1.50 -5.07 -2.75
C VAL A 74 1.58 -6.55 -2.39
N ALA A 75 1.23 -6.85 -1.15
CA ALA A 75 1.25 -8.23 -0.68
C ALA A 75 0.45 -9.10 -1.63
N TYR A 76 -0.80 -8.71 -1.85
CA TYR A 76 -1.67 -9.45 -2.73
C TYR A 76 -0.94 -9.88 -4.00
N ILE A 77 0.12 -9.15 -4.31
CA ILE A 77 0.92 -9.45 -5.49
C ILE A 77 1.92 -10.56 -5.15
N GLN A 78 2.90 -10.20 -4.34
CA GLN A 78 3.93 -11.15 -3.94
C GLN A 78 3.29 -12.31 -3.17
N LYS A 79 2.52 -11.96 -2.16
CA LYS A 79 1.85 -12.95 -1.34
C LYS A 79 1.34 -14.09 -2.23
N LEU A 80 0.58 -13.70 -3.24
CA LEU A 80 0.03 -14.67 -4.17
C LEU A 80 1.17 -15.46 -4.82
N GLU A 81 2.22 -14.72 -5.18
CA GLU A 81 3.37 -15.34 -5.81
C GLU A 81 3.95 -16.43 -4.91
N GLU A 82 4.12 -16.08 -3.65
CA GLU A 82 4.66 -17.01 -2.67
C GLU A 82 3.61 -17.36 -1.62
N GLU A 83 3.79 -16.78 -0.44
CA GLU A 83 2.85 -17.02 0.66
C GLU A 83 2.98 -15.90 1.70
N ASN A 84 4.01 -16.02 2.52
CA ASN A 84 4.25 -15.04 3.56
C ASN A 84 3.06 -15.00 4.52
N PRO A 85 2.78 -16.18 5.14
CA PRO A 85 1.67 -16.29 6.06
C PRO A 85 2.00 -15.62 7.40
N GLU A 86 2.42 -14.37 7.31
CA GLU A 86 2.76 -13.61 8.49
C GLU A 86 2.30 -12.16 8.36
N ALA A 87 2.88 -11.47 7.38
CA ALA A 87 2.53 -10.09 7.12
C ALA A 87 3.32 -9.58 5.92
N ALA A 88 2.61 -8.90 5.03
CA ALA A 88 3.23 -8.36 3.84
C ALA A 88 4.46 -7.55 4.23
N GLN A 89 5.07 -6.94 3.22
CA GLN A 89 6.26 -6.14 3.44
C GLN A 89 5.88 -4.68 3.72
N ALA A 90 6.13 -4.26 4.95
CA ALA A 90 5.81 -2.89 5.35
C ALA A 90 5.79 -2.81 6.88
N LEU A 91 5.47 -3.93 7.49
CA LEU A 91 5.41 -4.00 8.95
C LEU A 91 6.70 -4.62 9.48
N ARG A 92 7.80 -3.92 9.27
CA ARG A 92 9.09 -4.39 9.73
C ARG A 92 9.33 -3.97 11.18
N ALA A 93 8.29 -4.10 11.98
CA ALA A 93 8.37 -3.75 13.39
C ALA A 93 7.32 -4.55 14.17
N LYS A 94 6.06 -4.33 13.81
CA LYS A 94 4.96 -5.00 14.47
C LYS A 94 3.93 -5.41 13.43
N ILE A 95 3.58 -6.70 13.45
CA ILE A 95 2.61 -7.22 12.51
C ILE A 95 1.27 -6.52 12.72
N GLU A 96 0.79 -6.57 13.96
CA GLU A 96 -0.47 -5.94 14.30
C GLU A 96 -0.31 -4.42 14.34
N SER A 97 0.74 -3.98 15.00
CA SER A 97 1.02 -2.56 15.11
C SER A 97 1.83 -2.08 13.91
N GLU A 98 1.20 -2.17 12.75
CA GLU A 98 1.83 -1.75 11.51
C GLU A 98 2.39 -0.34 11.66
N ASN A 99 3.63 -0.18 11.24
CA ASN A 99 4.29 1.12 11.32
C ASN A 99 5.67 1.02 10.65
N PRO A 100 5.81 1.81 9.54
CA PRO A 100 7.07 1.82 8.80
C PRO A 100 8.14 2.61 9.55
N ASP A 101 8.62 2.01 10.63
CA ASP A 101 9.64 2.65 11.45
C ASP A 101 10.89 1.76 11.48
N ALA A 102 10.70 0.55 11.98
CA ALA A 102 11.79 -0.41 12.07
C ALA A 102 12.61 -0.11 13.33
N VAL A 103 11.89 0.15 14.41
CA VAL A 103 12.54 0.45 15.69
C VAL A 103 11.61 0.04 16.83
N ALA A 104 12.19 -0.04 18.01
CA ALA A 104 11.43 -0.41 19.19
C ALA A 104 12.33 -0.34 20.42
N ASN A 105 13.41 -1.10 20.38
CA ASN A 105 14.36 -1.13 21.49
C ASN A 105 13.64 -1.58 22.76
N VAL A 106 14.43 -2.14 23.67
CA VAL A 106 13.89 -2.63 24.93
C VAL A 106 14.94 -2.45 26.03
N GLN A 107 14.88 -3.35 27.01
CA GLN A 107 15.81 -3.31 28.11
C GLN A 107 15.74 -4.61 28.92
N ALA A 108 16.86 -5.33 28.90
CA ALA A 108 16.94 -6.59 29.62
C ALA A 108 18.37 -7.13 29.53
N ARG A 109 19.31 -6.25 29.81
CA ARG A 109 20.71 -6.62 29.77
C ARG A 109 21.45 -6.06 31.00
N LEU A 110 20.83 -6.26 32.15
CA LEU A 110 21.41 -5.79 33.39
C LEU A 110 21.60 -6.97 34.35
N GLU A 111 22.74 -6.96 35.02
CA GLU A 111 23.06 -8.02 35.96
C GLU A 111 23.73 -7.45 37.21
N ALA A 112 23.03 -7.56 38.32
CA ALA A 112 23.54 -7.05 39.59
C ALA A 112 22.87 -7.80 40.74
N GLU A 113 23.71 -8.34 41.63
CA GLU A 113 23.22 -9.08 42.77
C GLU A 113 24.34 -9.33 43.76
N SER A 114 25.38 -10.00 43.29
CA SER A 114 26.53 -10.31 44.12
C SER A 114 26.08 -11.11 45.35
N LYS A 115 27.05 -11.74 45.99
CA LYS A 115 26.77 -12.53 47.18
C LYS A 115 28.08 -13.10 47.72
N MET A 1 11.84 -7.26 -15.79
CA MET A 1 12.19 -7.06 -14.40
C MET A 1 11.06 -7.54 -13.48
N PRO A 2 11.46 -7.99 -12.26
CA PRO A 2 10.51 -8.48 -11.28
C PRO A 2 9.75 -7.33 -10.64
N VAL A 3 9.09 -7.64 -9.53
CA VAL A 3 8.32 -6.64 -8.80
C VAL A 3 8.98 -6.38 -7.44
N THR A 4 8.57 -5.28 -6.82
CA THR A 4 9.11 -4.91 -5.53
C THR A 4 8.38 -3.69 -4.97
N GLN A 5 8.66 -3.39 -3.72
CA GLN A 5 8.04 -2.25 -3.06
C GLN A 5 8.13 -1.01 -3.95
N GLU A 6 9.35 -0.50 -4.07
CA GLU A 6 9.58 0.69 -4.89
C GLU A 6 8.93 0.52 -6.25
N GLU A 7 8.67 -0.73 -6.62
CA GLU A 7 8.06 -1.05 -7.89
C GLU A 7 6.57 -0.70 -7.86
N ILE A 8 5.93 -1.06 -6.76
CA ILE A 8 4.52 -0.79 -6.59
C ILE A 8 4.33 0.54 -5.86
N ILE A 9 5.45 1.12 -5.47
CA ILE A 9 5.44 2.38 -4.76
C ILE A 9 5.89 3.50 -5.70
N ALA A 10 6.90 3.19 -6.49
CA ALA A 10 7.44 4.15 -7.43
C ALA A 10 6.78 3.95 -8.80
N GLY A 11 6.52 2.68 -9.12
CA GLY A 11 5.89 2.35 -10.38
C GLY A 11 4.43 2.81 -10.41
N ILE A 12 3.76 2.63 -9.27
CA ILE A 12 2.37 3.03 -9.16
C ILE A 12 2.29 4.55 -8.94
N ALA A 13 3.02 5.01 -7.94
CA ALA A 13 3.05 6.44 -7.62
C ALA A 13 3.08 7.24 -8.92
N GLU A 14 3.98 6.84 -9.80
CA GLU A 14 4.12 7.52 -11.08
C GLU A 14 2.81 7.43 -11.87
N ILE A 15 2.23 6.24 -11.85
CA ILE A 15 0.98 6.01 -12.56
C ILE A 15 -0.13 6.86 -11.93
N ILE A 16 -0.18 6.82 -10.61
CA ILE A 16 -1.18 7.57 -9.88
C ILE A 16 -1.13 9.04 -10.30
N GLU A 17 0.08 9.46 -10.69
CA GLU A 17 0.28 10.84 -11.12
C GLU A 17 -0.18 11.01 -12.58
N GLU A 18 -0.75 9.94 -13.11
CA GLU A 18 -1.24 9.96 -14.47
C GLU A 18 -2.77 9.92 -14.50
N VAL A 19 -3.32 9.02 -13.69
CA VAL A 19 -4.76 8.86 -13.60
C VAL A 19 -5.34 9.99 -12.75
N THR A 20 -4.89 10.04 -11.50
CA THR A 20 -5.36 11.05 -10.58
C THR A 20 -4.55 12.35 -10.75
N GLY A 21 -3.29 12.17 -11.14
CA GLY A 21 -2.41 13.30 -11.34
C GLY A 21 -1.81 13.78 -10.01
N ILE A 22 -1.65 12.84 -9.10
CA ILE A 22 -1.10 13.14 -7.79
C ILE A 22 0.42 13.00 -7.83
N GLU A 23 1.07 13.53 -6.80
CA GLU A 23 2.51 13.46 -6.71
C GLU A 23 2.97 12.01 -6.54
N PRO A 24 4.18 11.72 -7.09
CA PRO A 24 4.74 10.38 -7.00
C PRO A 24 5.27 10.10 -5.59
N SER A 25 6.10 11.01 -5.12
CA SER A 25 6.69 10.87 -3.79
C SER A 25 5.58 10.87 -2.73
N GLU A 26 4.46 11.48 -3.09
CA GLU A 26 3.33 11.54 -2.18
C GLU A 26 2.81 10.14 -1.88
N ILE A 27 2.71 9.33 -2.93
CA ILE A 27 2.23 7.97 -2.78
C ILE A 27 3.15 7.21 -1.83
N THR A 28 2.54 6.53 -0.87
CA THR A 28 3.29 5.76 0.11
C THR A 28 2.50 4.52 0.54
N PRO A 29 3.23 3.57 1.19
CA PRO A 29 2.60 2.35 1.65
C PRO A 29 1.76 2.61 2.90
N GLU A 30 1.00 3.69 2.85
CA GLU A 30 0.15 4.06 3.96
C GLU A 30 -1.25 4.45 3.46
N LYS A 31 -1.29 4.88 2.21
CA LYS A 31 -2.54 5.28 1.59
C LYS A 31 -3.63 4.25 1.94
N SER A 32 -4.86 4.64 1.69
CA SER A 32 -6.00 3.77 1.97
C SER A 32 -6.81 3.54 0.70
N PHE A 33 -6.22 3.91 -0.43
CA PHE A 33 -6.88 3.76 -1.71
C PHE A 33 -7.90 4.87 -1.95
N VAL A 34 -8.47 5.35 -0.85
CA VAL A 34 -9.46 6.41 -0.92
C VAL A 34 -9.23 7.40 0.22
N ASP A 35 -9.27 6.86 1.44
CA ASP A 35 -9.07 7.68 2.62
C ASP A 35 -7.99 8.73 2.34
N ASP A 36 -7.03 8.32 1.51
CA ASP A 36 -5.93 9.21 1.16
C ASP A 36 -6.16 9.75 -0.25
N LEU A 37 -6.08 8.85 -1.22
CA LEU A 37 -6.27 9.23 -2.62
C LEU A 37 -7.45 10.20 -2.71
N ASP A 38 -8.57 9.77 -2.15
CA ASP A 38 -9.78 10.60 -2.18
C ASP A 38 -10.26 10.75 -3.61
N ILE A 39 -9.73 9.90 -4.48
CA ILE A 39 -10.10 9.92 -5.88
C ILE A 39 -11.19 8.88 -6.14
N ASP A 40 -11.30 7.95 -5.21
CA ASP A 40 -12.29 6.90 -5.32
C ASP A 40 -11.69 5.71 -6.06
N SER A 41 -12.55 4.75 -6.39
CA SER A 41 -12.11 3.57 -7.10
C SER A 41 -12.15 3.82 -8.60
N LEU A 42 -12.65 4.98 -8.97
CA LEU A 42 -12.75 5.36 -10.37
C LEU A 42 -11.35 5.43 -10.98
N SER A 43 -10.57 6.37 -10.47
CA SER A 43 -9.21 6.54 -10.96
C SER A 43 -8.34 5.34 -10.55
N MET A 44 -8.42 5.00 -9.27
CA MET A 44 -7.67 3.89 -8.75
C MET A 44 -7.83 2.65 -9.63
N VAL A 45 -9.00 2.55 -10.26
CA VAL A 45 -9.30 1.44 -11.12
C VAL A 45 -8.35 1.45 -12.32
N GLU A 46 -8.03 2.66 -12.76
CA GLU A 46 -7.13 2.83 -13.89
C GLU A 46 -5.70 2.45 -13.50
N ILE A 47 -5.21 3.10 -12.46
CA ILE A 47 -3.86 2.84 -11.98
C ILE A 47 -3.60 1.33 -11.99
N ALA A 48 -4.61 0.58 -11.53
CA ALA A 48 -4.50 -0.86 -11.50
C ALA A 48 -4.51 -1.41 -12.92
N VAL A 49 -5.48 -0.93 -13.69
CA VAL A 49 -5.63 -1.36 -15.08
C VAL A 49 -4.26 -1.30 -15.77
N GLN A 50 -3.40 -0.44 -15.24
CA GLN A 50 -2.08 -0.27 -15.79
C GLN A 50 -1.09 -1.24 -15.13
N THR A 51 -0.96 -1.08 -13.82
CA THR A 51 -0.06 -1.92 -13.04
C THR A 51 -0.34 -3.40 -13.32
N GLU A 52 -1.63 -3.70 -13.48
CA GLU A 52 -2.05 -5.06 -13.75
C GLU A 52 -1.77 -5.42 -15.21
N ASP A 53 -1.24 -4.45 -15.94
CA ASP A 53 -0.93 -4.65 -17.35
C ASP A 53 0.59 -4.49 -17.54
N LYS A 54 1.07 -3.31 -17.22
CA LYS A 54 2.49 -3.01 -17.36
C LYS A 54 3.30 -4.23 -16.90
N TYR A 55 2.85 -4.82 -15.80
CA TYR A 55 3.52 -5.98 -15.25
C TYR A 55 2.71 -7.25 -15.48
N GLY A 56 1.43 -7.17 -15.14
CA GLY A 56 0.53 -8.30 -15.31
C GLY A 56 0.13 -8.89 -13.95
N VAL A 57 0.27 -8.07 -12.93
CA VAL A 57 -0.07 -8.49 -11.58
C VAL A 57 -1.53 -8.96 -11.54
N LYS A 58 -1.80 -9.90 -10.67
CA LYS A 58 -3.15 -10.43 -10.52
C LYS A 58 -3.84 -9.74 -9.35
N ILE A 59 -4.73 -8.81 -9.69
CA ILE A 59 -5.46 -8.07 -8.68
C ILE A 59 -6.85 -7.72 -9.22
N PRO A 60 -7.72 -8.76 -9.29
CA PRO A 60 -9.08 -8.58 -9.79
C PRO A 60 -9.95 -7.88 -8.74
N ASP A 61 -11.12 -7.46 -9.18
CA ASP A 61 -12.06 -6.78 -8.30
C ASP A 61 -12.35 -7.67 -7.08
N GLU A 62 -12.49 -8.95 -7.35
CA GLU A 62 -12.77 -9.91 -6.29
C GLU A 62 -11.78 -9.74 -5.15
N ASP A 63 -10.65 -9.13 -5.48
CA ASP A 63 -9.61 -8.89 -4.48
C ASP A 63 -9.46 -7.38 -4.25
N LEU A 64 -9.64 -6.64 -5.34
CA LEU A 64 -9.53 -5.19 -5.27
C LEU A 64 -10.49 -4.66 -4.21
N ALA A 65 -11.46 -5.48 -3.87
CA ALA A 65 -12.45 -5.11 -2.87
C ALA A 65 -11.80 -5.12 -1.48
N GLY A 66 -10.93 -6.10 -1.28
CA GLY A 66 -10.23 -6.23 -0.02
C GLY A 66 -9.13 -5.19 0.12
N LEU A 67 -8.30 -5.12 -0.91
CA LEU A 67 -7.20 -4.17 -0.92
C LEU A 67 -7.67 -2.84 -0.33
N ARG A 68 -7.00 -2.45 0.75
CA ARG A 68 -7.34 -1.21 1.43
C ARG A 68 -6.20 -0.20 1.29
N THR A 69 -4.98 -0.72 1.38
CA THR A 69 -3.80 0.12 1.27
C THR A 69 -2.79 -0.52 0.31
N VAL A 70 -1.87 0.32 -0.18
CA VAL A 70 -0.85 -0.15 -1.09
C VAL A 70 -0.24 -1.45 -0.55
N GLY A 71 0.18 -1.39 0.69
CA GLY A 71 0.78 -2.55 1.34
C GLY A 71 -0.06 -3.81 1.09
N ASP A 72 -1.37 -3.60 1.03
CA ASP A 72 -2.29 -4.70 0.80
C ASP A 72 -2.39 -4.97 -0.70
N VAL A 73 -2.32 -3.90 -1.48
CA VAL A 73 -2.40 -4.00 -2.92
C VAL A 73 -1.10 -4.61 -3.46
N VAL A 74 -0.08 -4.59 -2.61
CA VAL A 74 1.21 -5.14 -2.98
C VAL A 74 1.30 -6.60 -2.52
N ALA A 75 1.13 -6.78 -1.22
CA ALA A 75 1.19 -8.11 -0.63
C ALA A 75 0.36 -9.08 -1.50
N TYR A 76 -0.90 -8.72 -1.69
CA TYR A 76 -1.80 -9.54 -2.49
C TYR A 76 -1.11 -10.02 -3.76
N ILE A 77 -0.09 -9.28 -4.17
CA ILE A 77 0.66 -9.62 -5.37
C ILE A 77 1.72 -10.67 -5.02
N GLN A 78 2.73 -10.22 -4.28
CA GLN A 78 3.80 -11.10 -3.88
C GLN A 78 3.26 -12.27 -3.04
N LYS A 79 2.51 -11.91 -2.01
CA LYS A 79 1.93 -12.90 -1.13
C LYS A 79 1.39 -14.06 -1.96
N LEU A 80 0.64 -13.71 -3.00
CA LEU A 80 0.06 -14.70 -3.89
C LEU A 80 1.18 -15.60 -4.44
N GLU A 81 2.27 -14.95 -4.84
CA GLU A 81 3.41 -15.66 -5.39
C GLU A 81 3.98 -16.62 -4.34
N GLU A 82 4.72 -16.05 -3.41
CA GLU A 82 5.34 -16.84 -2.36
C GLU A 82 6.40 -16.01 -1.63
N GLU A 83 5.96 -15.33 -0.58
CA GLU A 83 6.87 -14.51 0.21
C GLU A 83 6.52 -14.61 1.69
N ASN A 84 5.48 -13.90 2.08
CA ASN A 84 5.04 -13.90 3.47
C ASN A 84 3.57 -14.30 3.53
N PRO A 85 3.33 -15.64 3.62
CA PRO A 85 1.98 -16.16 3.69
C PRO A 85 1.37 -15.92 5.07
N GLU A 86 1.40 -14.67 5.49
CA GLU A 86 0.86 -14.29 6.78
C GLU A 86 -0.02 -13.04 6.64
N ALA A 87 0.65 -11.92 6.44
CA ALA A 87 -0.05 -10.65 6.29
C ALA A 87 0.40 -9.96 5.01
N ALA A 88 1.40 -9.10 5.16
CA ALA A 88 1.94 -8.37 4.03
C ALA A 88 3.34 -7.84 4.38
N GLN A 89 3.94 -7.17 3.42
CA GLN A 89 5.28 -6.62 3.61
C GLN A 89 5.17 -5.20 4.17
N ALA A 90 4.42 -5.08 5.25
CA ALA A 90 4.23 -3.79 5.90
C ALA A 90 3.60 -4.00 7.28
N LEU A 91 2.62 -4.89 7.31
CA LEU A 91 1.93 -5.19 8.55
C LEU A 91 2.95 -5.21 9.71
N ARG A 92 2.54 -4.63 10.82
CA ARG A 92 3.39 -4.58 11.99
C ARG A 92 2.56 -4.29 13.24
N ALA A 93 1.61 -5.17 13.51
CA ALA A 93 0.75 -5.01 14.67
C ALA A 93 -0.48 -5.92 14.51
N LYS A 94 -0.25 -7.21 14.69
CA LYS A 94 -1.32 -8.19 14.57
C LYS A 94 -1.77 -8.26 13.10
N ILE A 95 -1.97 -9.49 12.64
CA ILE A 95 -2.40 -9.71 11.27
C ILE A 95 -3.71 -8.96 11.02
N GLU A 96 -4.80 -9.56 11.48
CA GLU A 96 -6.11 -8.96 11.32
C GLU A 96 -6.03 -7.45 11.52
N SER A 97 -5.38 -7.06 12.60
CA SER A 97 -5.21 -5.65 12.91
C SER A 97 -4.16 -5.02 11.99
N GLU A 98 -4.52 -4.91 10.72
CA GLU A 98 -3.62 -4.34 9.74
C GLU A 98 -3.44 -2.84 9.99
N ASN A 99 -2.18 -2.42 9.98
CA ASN A 99 -1.86 -1.03 10.21
C ASN A 99 -0.34 -0.85 10.19
N PRO A 100 0.17 -0.34 9.04
CA PRO A 100 1.59 -0.12 8.87
C PRO A 100 2.04 1.12 9.66
N ASP A 101 1.76 1.10 10.95
CA ASP A 101 2.13 2.21 11.81
C ASP A 101 1.92 1.81 13.27
N ALA A 102 0.75 1.26 13.54
CA ALA A 102 0.41 0.83 14.88
C ALA A 102 0.19 2.07 15.77
N VAL A 103 -0.34 3.10 15.16
CA VAL A 103 -0.61 4.34 15.87
C VAL A 103 -2.09 4.70 15.75
N ALA A 104 -2.38 5.97 15.95
CA ALA A 104 -3.76 6.45 15.86
C ALA A 104 -3.78 7.96 16.05
N ASN A 105 -3.27 8.39 17.18
CA ASN A 105 -3.22 9.81 17.50
C ASN A 105 -2.84 9.99 18.97
N VAL A 106 -2.48 11.22 19.31
CA VAL A 106 -2.10 11.54 20.68
C VAL A 106 -2.72 12.88 21.08
N GLN A 107 -2.68 13.15 22.38
CA GLN A 107 -3.24 14.38 22.91
C GLN A 107 -3.11 14.42 24.43
N ALA A 108 -2.95 15.63 24.95
CA ALA A 108 -2.82 15.81 26.38
C ALA A 108 -1.34 15.62 26.77
N ARG A 109 -0.48 16.34 26.07
CA ARG A 109 0.95 16.25 26.34
C ARG A 109 1.61 17.61 26.10
N LEU A 110 0.80 18.66 26.20
CA LEU A 110 1.30 20.01 26.01
C LEU A 110 1.86 20.54 27.32
N GLU A 111 2.94 21.30 27.21
CA GLU A 111 3.58 21.87 28.38
C GLU A 111 4.00 23.32 28.10
N ALA A 112 5.09 23.72 28.73
CA ALA A 112 5.61 25.06 28.56
C ALA A 112 7.05 25.12 29.08
N GLU A 113 7.65 26.30 28.92
CA GLU A 113 9.02 26.51 29.36
C GLU A 113 9.51 27.90 28.97
N SER A 114 8.76 28.90 29.43
CA SER A 114 9.11 30.28 29.14
C SER A 114 10.08 30.81 30.18
N LYS A 115 11.36 30.52 29.97
CA LYS A 115 12.40 30.95 30.88
C LYS A 115 12.67 32.44 30.65
N MET A 1 10.98 -10.06 -5.97
CA MET A 1 12.15 -9.74 -6.77
C MET A 1 11.76 -8.91 -8.00
N PRO A 2 10.73 -9.40 -8.72
CA PRO A 2 10.26 -8.70 -9.91
C PRO A 2 9.45 -7.45 -9.54
N VAL A 3 8.49 -7.65 -8.65
CA VAL A 3 7.65 -6.55 -8.21
C VAL A 3 7.89 -6.30 -6.72
N THR A 4 8.75 -5.33 -6.45
CA THR A 4 9.08 -4.99 -5.07
C THR A 4 8.19 -3.84 -4.58
N GLN A 5 8.52 -3.35 -3.40
CA GLN A 5 7.75 -2.26 -2.80
C GLN A 5 7.88 -1.00 -3.67
N GLU A 6 9.10 -0.53 -3.79
CA GLU A 6 9.37 0.66 -4.58
C GLU A 6 8.78 0.50 -5.99
N GLU A 7 8.49 -0.74 -6.34
CA GLU A 7 7.92 -1.03 -7.65
C GLU A 7 6.44 -0.65 -7.68
N ILE A 8 5.73 -1.04 -6.62
CA ILE A 8 4.32 -0.76 -6.52
C ILE A 8 4.13 0.57 -5.77
N ILE A 9 5.24 1.13 -5.33
CA ILE A 9 5.20 2.39 -4.61
C ILE A 9 5.72 3.51 -5.51
N ALA A 10 6.78 3.20 -6.24
CA ALA A 10 7.38 4.16 -7.14
C ALA A 10 6.77 3.98 -8.54
N GLY A 11 6.48 2.73 -8.87
CA GLY A 11 5.90 2.42 -10.17
C GLY A 11 4.45 2.91 -10.25
N ILE A 12 3.73 2.73 -9.14
CA ILE A 12 2.34 3.15 -9.09
C ILE A 12 2.28 4.67 -8.91
N ALA A 13 2.98 5.14 -7.90
CA ALA A 13 3.02 6.57 -7.61
C ALA A 13 3.13 7.35 -8.92
N GLU A 14 4.05 6.90 -9.75
CA GLU A 14 4.26 7.54 -11.04
C GLU A 14 2.97 7.54 -11.87
N ILE A 15 2.36 6.36 -11.92
CA ILE A 15 1.12 6.21 -12.67
C ILE A 15 0.04 7.11 -12.06
N ILE A 16 0.02 7.12 -10.72
CA ILE A 16 -0.95 7.93 -10.00
C ILE A 16 -0.87 9.38 -10.49
N GLU A 17 0.33 9.77 -10.90
CA GLU A 17 0.55 11.11 -11.39
C GLU A 17 0.03 11.25 -12.82
N GLU A 18 -0.54 10.16 -13.32
CA GLU A 18 -1.09 10.14 -14.66
C GLU A 18 -2.61 10.16 -14.63
N VAL A 19 -3.17 9.14 -13.98
CA VAL A 19 -4.61 9.03 -13.86
C VAL A 19 -5.10 9.97 -12.76
N THR A 20 -4.69 9.67 -11.54
CA THR A 20 -5.07 10.47 -10.39
C THR A 20 -4.53 11.89 -10.53
N GLY A 21 -3.31 11.97 -11.05
CA GLY A 21 -2.67 13.26 -11.24
C GLY A 21 -2.01 13.74 -9.93
N ILE A 22 -1.77 12.79 -9.05
CA ILE A 22 -1.15 13.09 -7.77
C ILE A 22 0.37 13.02 -7.92
N GLU A 23 1.06 13.55 -6.91
CA GLU A 23 2.52 13.55 -6.91
C GLU A 23 3.04 12.13 -6.69
N PRO A 24 4.25 11.87 -7.24
CA PRO A 24 4.87 10.56 -7.10
C PRO A 24 5.43 10.36 -5.69
N SER A 25 6.19 11.35 -5.24
CA SER A 25 6.77 11.30 -3.91
C SER A 25 5.68 11.38 -2.84
N GLU A 26 4.58 12.01 -3.22
CA GLU A 26 3.46 12.18 -2.32
C GLU A 26 2.89 10.81 -1.93
N ILE A 27 2.74 9.96 -2.93
CA ILE A 27 2.21 8.62 -2.71
C ILE A 27 3.07 7.91 -1.67
N THR A 28 2.46 6.92 -1.02
CA THR A 28 3.16 6.16 0.00
C THR A 28 2.37 4.90 0.35
N PRO A 29 3.05 3.97 1.09
CA PRO A 29 2.41 2.74 1.50
C PRO A 29 1.43 2.97 2.65
N GLU A 30 1.31 4.24 3.03
CA GLU A 30 0.43 4.62 4.11
C GLU A 30 -0.96 4.95 3.56
N LYS A 31 -1.06 4.95 2.25
CA LYS A 31 -2.32 5.26 1.58
C LYS A 31 -3.32 4.13 1.86
N SER A 32 -4.59 4.44 1.64
CA SER A 32 -5.65 3.48 1.86
C SER A 32 -6.38 3.19 0.54
N PHE A 33 -5.76 3.62 -0.55
CA PHE A 33 -6.34 3.41 -1.87
C PHE A 33 -7.42 4.46 -2.16
N VAL A 34 -8.12 4.85 -1.11
CA VAL A 34 -9.18 5.83 -1.23
C VAL A 34 -9.08 6.84 -0.08
N ASP A 35 -9.14 6.31 1.13
CA ASP A 35 -9.05 7.14 2.33
C ASP A 35 -8.05 8.27 2.08
N ASP A 36 -7.01 7.95 1.33
CA ASP A 36 -5.98 8.92 1.00
C ASP A 36 -6.20 9.44 -0.43
N LEU A 37 -6.00 8.55 -1.38
CA LEU A 37 -6.18 8.91 -2.78
C LEU A 37 -7.38 9.83 -2.92
N ASP A 38 -8.49 9.39 -2.35
CA ASP A 38 -9.72 10.16 -2.41
C ASP A 38 -10.20 10.25 -3.87
N ILE A 39 -9.59 9.43 -4.70
CA ILE A 39 -9.94 9.41 -6.11
C ILE A 39 -11.04 8.39 -6.35
N ASP A 40 -11.18 7.48 -5.38
CA ASP A 40 -12.19 6.43 -5.48
C ASP A 40 -11.65 5.28 -6.32
N SER A 41 -12.58 4.43 -6.77
CA SER A 41 -12.21 3.29 -7.57
C SER A 41 -12.25 3.66 -9.06
N LEU A 42 -12.49 4.94 -9.31
CA LEU A 42 -12.56 5.44 -10.67
C LEU A 42 -11.15 5.48 -11.27
N SER A 43 -10.37 6.43 -10.79
CA SER A 43 -9.00 6.57 -11.27
C SER A 43 -8.18 5.34 -10.92
N MET A 44 -8.35 4.88 -9.69
CA MET A 44 -7.64 3.70 -9.21
C MET A 44 -7.73 2.56 -10.23
N VAL A 45 -8.91 2.44 -10.82
CA VAL A 45 -9.15 1.40 -11.81
C VAL A 45 -8.19 1.59 -12.98
N GLU A 46 -7.85 2.84 -13.23
CA GLU A 46 -6.94 3.17 -14.31
C GLU A 46 -5.50 2.86 -13.92
N ILE A 47 -5.11 3.36 -12.76
CA ILE A 47 -3.76 3.13 -12.27
C ILE A 47 -3.49 1.63 -12.20
N ALA A 48 -4.57 0.88 -12.09
CA ALA A 48 -4.46 -0.57 -12.02
C ALA A 48 -4.45 -1.15 -13.44
N VAL A 49 -5.35 -0.64 -14.26
CA VAL A 49 -5.45 -1.10 -15.64
C VAL A 49 -4.06 -1.09 -16.28
N GLN A 50 -3.20 -0.22 -15.74
CA GLN A 50 -1.85 -0.11 -16.25
C GLN A 50 -0.92 -1.08 -15.50
N THR A 51 -0.83 -0.88 -14.19
CA THR A 51 0.00 -1.72 -13.36
C THR A 51 -0.31 -3.20 -13.61
N GLU A 52 -1.59 -3.47 -13.82
CA GLU A 52 -2.03 -4.83 -14.06
C GLU A 52 -1.70 -5.25 -15.50
N ASP A 53 -1.11 -4.31 -16.23
CA ASP A 53 -0.74 -4.57 -17.61
C ASP A 53 0.78 -4.45 -17.75
N LYS A 54 1.28 -3.27 -17.43
CA LYS A 54 2.71 -3.01 -17.51
C LYS A 54 3.48 -4.22 -16.98
N TYR A 55 2.96 -4.79 -15.90
CA TYR A 55 3.58 -5.95 -15.30
C TYR A 55 2.71 -7.21 -15.50
N GLY A 56 1.46 -7.08 -15.09
CA GLY A 56 0.52 -8.19 -15.22
C GLY A 56 0.12 -8.73 -13.84
N VAL A 57 -0.05 -7.81 -12.91
CA VAL A 57 -0.42 -8.18 -11.56
C VAL A 57 -1.91 -8.54 -11.53
N LYS A 58 -2.25 -9.45 -10.63
CA LYS A 58 -3.63 -9.89 -10.49
C LYS A 58 -4.25 -9.25 -9.24
N ILE A 59 -5.20 -8.36 -9.46
CA ILE A 59 -5.86 -7.68 -8.37
C ILE A 59 -7.32 -7.44 -8.74
N PRO A 60 -8.08 -8.57 -8.84
CA PRO A 60 -9.50 -8.51 -9.18
C PRO A 60 -10.32 -8.01 -7.99
N ASP A 61 -11.59 -7.74 -8.26
CA ASP A 61 -12.50 -7.26 -7.23
C ASP A 61 -12.43 -8.21 -6.03
N GLU A 62 -12.37 -9.49 -6.33
CA GLU A 62 -12.31 -10.49 -5.28
C GLU A 62 -11.21 -10.16 -4.28
N ASP A 63 -10.26 -9.35 -4.73
CA ASP A 63 -9.16 -8.94 -3.89
C ASP A 63 -9.24 -7.43 -3.65
N LEU A 64 -9.67 -6.72 -4.69
CA LEU A 64 -9.80 -5.28 -4.59
C LEU A 64 -10.77 -4.92 -3.47
N ALA A 65 -11.54 -5.92 -3.05
CA ALA A 65 -12.51 -5.72 -1.99
C ALA A 65 -11.79 -5.72 -0.64
N GLY A 66 -10.81 -6.61 -0.53
CA GLY A 66 -10.04 -6.72 0.70
C GLY A 66 -8.97 -5.63 0.77
N LEU A 67 -8.30 -5.42 -0.36
CA LEU A 67 -7.26 -4.42 -0.44
C LEU A 67 -7.72 -3.14 0.24
N ARG A 68 -7.01 -2.75 1.29
CA ARG A 68 -7.34 -1.56 2.03
C ARG A 68 -6.27 -0.48 1.82
N THR A 69 -5.03 -0.93 1.78
CA THR A 69 -3.91 -0.03 1.59
C THR A 69 -2.92 -0.61 0.57
N VAL A 70 -1.89 0.17 0.28
CA VAL A 70 -0.87 -0.26 -0.66
C VAL A 70 -0.27 -1.58 -0.19
N GLY A 71 0.23 -1.57 1.04
CA GLY A 71 0.85 -2.75 1.61
C GLY A 71 -0.01 -3.99 1.34
N ASP A 72 -1.30 -3.76 1.22
CA ASP A 72 -2.24 -4.85 0.96
C ASP A 72 -2.37 -5.05 -0.56
N VAL A 73 -2.41 -3.93 -1.27
CA VAL A 73 -2.53 -3.97 -2.71
C VAL A 73 -1.21 -4.44 -3.33
N VAL A 74 -0.18 -4.41 -2.50
CA VAL A 74 1.15 -4.83 -2.94
C VAL A 74 1.38 -6.28 -2.54
N ALA A 75 1.25 -6.54 -1.25
CA ALA A 75 1.45 -7.88 -0.73
C ALA A 75 0.65 -8.87 -1.57
N TYR A 76 -0.65 -8.59 -1.67
CA TYR A 76 -1.54 -9.45 -2.45
C TYR A 76 -0.88 -9.87 -3.77
N ILE A 77 0.05 -9.04 -4.22
CA ILE A 77 0.75 -9.30 -5.46
C ILE A 77 1.87 -10.31 -5.20
N GLN A 78 2.74 -9.95 -4.26
CA GLN A 78 3.86 -10.80 -3.91
C GLN A 78 3.36 -12.09 -3.25
N LYS A 79 2.50 -11.92 -2.26
CA LYS A 79 1.94 -13.06 -1.55
C LYS A 79 1.60 -14.16 -2.55
N LEU A 80 0.83 -13.78 -3.55
CA LEU A 80 0.43 -14.72 -4.59
C LEU A 80 1.66 -15.30 -5.26
N GLU A 81 2.63 -14.43 -5.50
CA GLU A 81 3.88 -14.84 -6.13
C GLU A 81 4.61 -15.87 -5.26
N GLU A 82 4.80 -15.49 -4.00
CA GLU A 82 5.49 -16.37 -3.06
C GLU A 82 4.52 -16.82 -1.97
N GLU A 83 4.64 -16.20 -0.81
CA GLU A 83 3.78 -16.53 0.32
C GLU A 83 3.76 -15.38 1.33
N ASN A 84 4.87 -15.24 2.05
CA ASN A 84 5.00 -14.20 3.04
C ASN A 84 4.21 -14.60 4.30
N PRO A 85 4.80 -15.55 5.06
CA PRO A 85 4.17 -16.03 6.28
C PRO A 85 4.31 -15.01 7.41
N GLU A 86 3.85 -13.80 7.12
CA GLU A 86 3.92 -12.72 8.10
C GLU A 86 2.60 -11.92 8.09
N ALA A 87 2.43 -11.15 7.03
CA ALA A 87 1.23 -10.33 6.89
C ALA A 87 1.52 -9.17 5.94
N ALA A 88 1.76 -9.53 4.68
CA ALA A 88 2.05 -8.53 3.67
C ALA A 88 3.32 -7.78 4.04
N GLN A 89 4.26 -7.77 3.11
CA GLN A 89 5.52 -7.09 3.32
C GLN A 89 5.29 -5.75 4.04
N ALA A 90 6.23 -5.42 4.92
CA ALA A 90 6.13 -4.18 5.68
C ALA A 90 5.21 -4.39 6.87
N LEU A 91 5.44 -5.49 7.57
CA LEU A 91 4.63 -5.81 8.73
C LEU A 91 5.56 -6.26 9.88
N ARG A 92 5.26 -5.75 11.06
CA ARG A 92 6.04 -6.08 12.23
C ARG A 92 5.44 -5.42 13.48
N ALA A 93 4.18 -5.76 13.73
CA ALA A 93 3.48 -5.21 14.88
C ALA A 93 2.23 -6.03 15.14
N LYS A 94 1.26 -5.89 14.23
CA LYS A 94 0.01 -6.62 14.36
C LYS A 94 -0.47 -7.04 12.97
N ILE A 95 -0.85 -8.30 12.87
CA ILE A 95 -1.33 -8.84 11.61
C ILE A 95 -2.55 -8.03 11.14
N GLU A 96 -3.36 -7.65 12.10
CA GLU A 96 -4.55 -6.87 11.80
C GLU A 96 -4.20 -5.39 11.61
N SER A 97 -3.68 -4.79 12.67
CA SER A 97 -3.30 -3.40 12.63
C SER A 97 -1.96 -3.25 11.90
N GLU A 98 -2.02 -3.44 10.58
CA GLU A 98 -0.82 -3.33 9.76
C GLU A 98 -0.04 -2.07 10.12
N ASN A 99 1.28 -2.19 10.04
CA ASN A 99 2.15 -1.06 10.36
C ASN A 99 3.46 -1.22 9.59
N PRO A 100 3.67 -0.29 8.63
CA PRO A 100 4.88 -0.31 7.82
C PRO A 100 6.08 0.20 8.62
N ASP A 101 6.39 -0.52 9.68
CA ASP A 101 7.50 -0.16 10.54
C ASP A 101 7.27 1.24 11.11
N ALA A 102 7.66 1.40 12.37
CA ALA A 102 7.50 2.68 13.04
C ALA A 102 8.05 2.57 14.47
N VAL A 103 9.19 1.90 14.58
CA VAL A 103 9.84 1.72 15.86
C VAL A 103 8.77 1.47 16.93
N ALA A 104 9.15 1.73 18.18
CA ALA A 104 8.24 1.54 19.29
C ALA A 104 8.77 2.30 20.51
N ASN A 105 9.93 1.87 20.96
CA ASN A 105 10.56 2.49 22.12
C ASN A 105 11.81 1.70 22.52
N VAL A 106 12.92 2.41 22.59
CA VAL A 106 14.18 1.79 22.96
C VAL A 106 14.58 2.23 24.36
N GLN A 107 15.58 1.55 24.91
CA GLN A 107 16.05 1.87 26.25
C GLN A 107 17.53 1.45 26.38
N ALA A 108 18.40 2.43 26.21
CA ALA A 108 19.83 2.18 26.32
C ALA A 108 20.58 3.51 26.27
N ARG A 109 20.07 4.47 27.04
CA ARG A 109 20.67 5.78 27.10
C ARG A 109 21.03 6.13 28.55
N LEU A 110 21.69 5.20 29.21
CA LEU A 110 22.09 5.40 30.60
C LEU A 110 23.61 5.48 30.67
N GLU A 111 24.09 6.40 31.50
CA GLU A 111 25.51 6.59 31.67
C GLU A 111 25.83 6.87 33.14
N ALA A 112 26.45 5.87 33.78
CA ALA A 112 26.81 5.99 35.18
C ALA A 112 27.93 4.98 35.49
N GLU A 113 28.95 5.49 36.17
CA GLU A 113 30.08 4.65 36.55
C GLU A 113 30.98 5.38 37.55
N SER A 114 31.17 6.67 37.28
CA SER A 114 32.01 7.49 38.15
C SER A 114 33.43 6.91 38.21
N LYS A 115 34.27 7.58 38.98
CA LYS A 115 35.64 7.15 39.13
C LYS A 115 35.71 6.02 40.17
N MET A 1 10.21 -9.99 -6.65
CA MET A 1 11.43 -9.29 -6.99
C MET A 1 11.15 -8.17 -7.99
N PRO A 2 10.45 -8.55 -9.10
CA PRO A 2 10.11 -7.59 -10.14
C PRO A 2 8.98 -6.68 -9.69
N VAL A 3 8.49 -6.94 -8.48
CA VAL A 3 7.40 -6.15 -7.93
C VAL A 3 7.70 -5.84 -6.46
N THR A 4 8.81 -5.14 -6.25
CA THR A 4 9.21 -4.78 -4.90
C THR A 4 8.42 -3.56 -4.41
N GLN A 5 8.76 -3.12 -3.21
CA GLN A 5 8.09 -1.98 -2.63
C GLN A 5 8.14 -0.78 -3.59
N GLU A 6 9.35 -0.28 -3.79
CA GLU A 6 9.54 0.85 -4.67
C GLU A 6 8.86 0.59 -6.03
N GLU A 7 8.62 -0.68 -6.29
CA GLU A 7 7.97 -1.07 -7.54
C GLU A 7 6.48 -0.74 -7.50
N ILE A 8 5.87 -1.03 -6.35
CA ILE A 8 4.46 -0.77 -6.17
C ILE A 8 4.28 0.60 -5.51
N ILE A 9 5.40 1.21 -5.17
CA ILE A 9 5.38 2.52 -4.54
C ILE A 9 5.82 3.58 -5.56
N ALA A 10 6.85 3.24 -6.31
CA ALA A 10 7.37 4.15 -7.32
C ALA A 10 6.70 3.86 -8.66
N GLY A 11 6.46 2.57 -8.90
CA GLY A 11 5.82 2.15 -10.13
C GLY A 11 4.36 2.61 -10.19
N ILE A 12 3.68 2.46 -9.07
CA ILE A 12 2.28 2.85 -8.97
C ILE A 12 2.20 4.36 -8.87
N ALA A 13 2.93 4.91 -7.90
CA ALA A 13 2.94 6.34 -7.69
C ALA A 13 2.99 7.05 -9.04
N GLU A 14 3.88 6.58 -9.89
CA GLU A 14 4.04 7.15 -11.21
C GLU A 14 2.73 7.10 -11.99
N ILE A 15 2.09 5.93 -11.94
CA ILE A 15 0.83 5.73 -12.62
C ILE A 15 -0.23 6.64 -12.00
N ILE A 16 -0.24 6.64 -10.67
CA ILE A 16 -1.20 7.45 -9.93
C ILE A 16 -1.12 8.91 -10.43
N GLU A 17 0.09 9.29 -10.82
CA GLU A 17 0.31 10.65 -11.32
C GLU A 17 -0.17 10.77 -12.76
N GLU A 18 -0.79 9.69 -13.24
CA GLU A 18 -1.30 9.67 -14.60
C GLU A 18 -2.84 9.63 -14.58
N VAL A 19 -3.36 8.78 -13.71
CA VAL A 19 -4.80 8.64 -13.59
C VAL A 19 -5.35 9.75 -12.69
N THR A 20 -4.82 9.83 -11.49
CA THR A 20 -5.24 10.84 -10.54
C THR A 20 -4.41 12.12 -10.72
N GLY A 21 -3.23 11.95 -11.28
CA GLY A 21 -2.34 13.07 -11.52
C GLY A 21 -1.67 13.51 -10.22
N ILE A 22 -1.65 12.60 -9.25
CA ILE A 22 -1.04 12.88 -7.96
C ILE A 22 0.48 12.82 -8.10
N GLU A 23 1.16 13.32 -7.08
CA GLU A 23 2.61 13.33 -7.07
C GLU A 23 3.15 11.91 -6.90
N PRO A 24 4.35 11.68 -7.47
CA PRO A 24 4.98 10.38 -7.39
C PRO A 24 5.58 10.14 -6.00
N SER A 25 6.33 11.13 -5.53
CA SER A 25 6.95 11.05 -4.22
C SER A 25 5.88 11.13 -3.13
N GLU A 26 4.73 11.67 -3.51
CA GLU A 26 3.63 11.82 -2.57
C GLU A 26 3.10 10.45 -2.16
N ILE A 27 2.82 9.63 -3.15
CA ILE A 27 2.32 8.28 -2.89
C ILE A 27 3.27 7.55 -1.95
N THR A 28 2.70 7.01 -0.89
CA THR A 28 3.48 6.28 0.09
C THR A 28 2.72 5.04 0.57
N PRO A 29 3.47 4.12 1.24
CA PRO A 29 2.89 2.90 1.75
C PRO A 29 2.04 3.18 3.01
N GLU A 30 1.28 4.27 2.93
CA GLU A 30 0.42 4.65 4.04
C GLU A 30 -0.95 5.08 3.53
N LYS A 31 -1.13 4.92 2.23
CA LYS A 31 -2.39 5.29 1.60
C LYS A 31 -3.49 4.35 2.10
N SER A 32 -4.73 4.75 1.82
CA SER A 32 -5.88 3.96 2.23
C SER A 32 -6.80 3.70 1.03
N PHE A 33 -6.25 3.96 -0.16
CA PHE A 33 -7.01 3.76 -1.38
C PHE A 33 -7.94 4.95 -1.65
N VAL A 34 -8.51 5.47 -0.58
CA VAL A 34 -9.42 6.60 -0.68
C VAL A 34 -9.13 7.58 0.45
N ASP A 35 -9.18 7.07 1.67
CA ASP A 35 -8.92 7.89 2.84
C ASP A 35 -7.79 8.88 2.53
N ASP A 36 -6.89 8.44 1.66
CA ASP A 36 -5.76 9.27 1.27
C ASP A 36 -5.97 9.77 -0.16
N LEU A 37 -5.92 8.83 -1.09
CA LEU A 37 -6.09 9.16 -2.49
C LEU A 37 -7.24 10.16 -2.63
N ASP A 38 -8.40 9.77 -2.11
CA ASP A 38 -9.57 10.62 -2.18
C ASP A 38 -10.03 10.74 -3.62
N ILE A 39 -9.47 9.88 -4.47
CA ILE A 39 -9.81 9.88 -5.88
C ILE A 39 -10.93 8.86 -6.13
N ASP A 40 -11.08 7.95 -5.16
CA ASP A 40 -12.09 6.92 -5.26
C ASP A 40 -11.50 5.69 -5.97
N SER A 41 -12.37 4.74 -6.27
CA SER A 41 -11.95 3.53 -6.95
C SER A 41 -12.03 3.72 -8.46
N LEU A 42 -12.51 4.89 -8.86
CA LEU A 42 -12.65 5.21 -10.28
C LEU A 42 -11.25 5.25 -10.91
N SER A 43 -10.46 6.20 -10.45
CA SER A 43 -9.12 6.37 -10.96
C SER A 43 -8.26 5.16 -10.60
N MET A 44 -8.22 4.87 -9.30
CA MET A 44 -7.44 3.74 -8.82
C MET A 44 -7.66 2.50 -9.70
N VAL A 45 -8.89 2.34 -10.15
CA VAL A 45 -9.23 1.22 -11.01
C VAL A 45 -8.31 1.20 -12.21
N GLU A 46 -7.99 2.39 -12.71
CA GLU A 46 -7.12 2.52 -13.85
C GLU A 46 -5.68 2.19 -13.46
N ILE A 47 -5.21 2.86 -12.43
CA ILE A 47 -3.85 2.64 -11.95
C ILE A 47 -3.53 1.14 -12.00
N ALA A 48 -4.49 0.35 -11.56
CA ALA A 48 -4.32 -1.09 -11.56
C ALA A 48 -4.44 -1.62 -12.98
N VAL A 49 -5.52 -1.22 -13.63
CA VAL A 49 -5.77 -1.66 -15.01
C VAL A 49 -4.48 -1.50 -15.82
N GLN A 50 -3.64 -0.58 -15.38
CA GLN A 50 -2.38 -0.33 -16.05
C GLN A 50 -1.29 -1.24 -15.50
N THR A 51 -1.04 -1.10 -14.22
CA THR A 51 -0.03 -1.91 -13.55
C THR A 51 -0.26 -3.40 -13.84
N GLU A 52 -1.53 -3.77 -13.85
CA GLU A 52 -1.91 -5.15 -14.10
C GLU A 52 -1.73 -5.48 -15.59
N ASP A 53 -1.32 -4.48 -16.34
CA ASP A 53 -1.11 -4.65 -17.77
C ASP A 53 0.36 -4.37 -18.10
N LYS A 54 0.76 -3.12 -17.88
CA LYS A 54 2.13 -2.73 -18.15
C LYS A 54 3.09 -3.78 -17.58
N TYR A 55 2.74 -4.25 -16.39
CA TYR A 55 3.57 -5.25 -15.73
C TYR A 55 2.93 -6.64 -15.83
N GLY A 56 1.62 -6.67 -15.62
CA GLY A 56 0.89 -7.92 -15.69
C GLY A 56 0.70 -8.53 -14.30
N VAL A 57 0.50 -7.66 -13.33
CA VAL A 57 0.31 -8.09 -11.95
C VAL A 57 -0.99 -8.88 -11.85
N LYS A 58 -1.31 -9.27 -10.63
CA LYS A 58 -2.52 -10.04 -10.38
C LYS A 58 -3.30 -9.41 -9.23
N ILE A 59 -4.32 -8.64 -9.59
CA ILE A 59 -5.14 -7.97 -8.61
C ILE A 59 -6.54 -7.74 -9.19
N PRO A 60 -7.34 -8.84 -9.22
CA PRO A 60 -8.70 -8.77 -9.75
C PRO A 60 -9.63 -8.07 -8.76
N ASP A 61 -10.83 -7.78 -9.24
CA ASP A 61 -11.83 -7.12 -8.41
C ASP A 61 -12.12 -7.99 -7.18
N GLU A 62 -12.20 -9.29 -7.43
CA GLU A 62 -12.47 -10.24 -6.36
C GLU A 62 -11.53 -10.00 -5.18
N ASP A 63 -10.41 -9.35 -5.48
CA ASP A 63 -9.42 -9.06 -4.46
C ASP A 63 -9.36 -7.54 -4.24
N LEU A 64 -9.56 -6.82 -5.33
CA LEU A 64 -9.53 -5.36 -5.27
C LEU A 64 -10.54 -4.87 -4.24
N ALA A 65 -11.47 -5.76 -3.91
CA ALA A 65 -12.49 -5.42 -2.93
C ALA A 65 -11.89 -5.43 -1.54
N GLY A 66 -11.05 -6.43 -1.29
CA GLY A 66 -10.40 -6.57 -0.01
C GLY A 66 -9.33 -5.49 0.18
N LEU A 67 -8.53 -5.31 -0.85
CA LEU A 67 -7.46 -4.32 -0.82
C LEU A 67 -7.97 -3.05 -0.12
N ARG A 68 -7.25 -2.65 0.91
CA ARG A 68 -7.63 -1.47 1.66
C ARG A 68 -6.53 -0.40 1.54
N THR A 69 -5.29 -0.86 1.60
CA THR A 69 -4.15 0.04 1.50
C THR A 69 -3.08 -0.57 0.59
N VAL A 70 -2.12 0.27 0.24
CA VAL A 70 -1.03 -0.16 -0.62
C VAL A 70 -0.46 -1.47 -0.09
N GLY A 71 -0.23 -1.50 1.23
CA GLY A 71 0.30 -2.68 1.87
C GLY A 71 -0.53 -3.92 1.53
N ASP A 72 -1.83 -3.71 1.44
CA ASP A 72 -2.75 -4.80 1.12
C ASP A 72 -2.78 -5.01 -0.39
N VAL A 73 -2.63 -3.90 -1.12
CA VAL A 73 -2.64 -3.96 -2.56
C VAL A 73 -1.30 -4.52 -3.06
N VAL A 74 -0.34 -4.56 -2.16
CA VAL A 74 0.98 -5.07 -2.49
C VAL A 74 1.06 -6.54 -2.09
N ALA A 75 0.80 -6.80 -0.83
CA ALA A 75 0.84 -8.16 -0.32
C ALA A 75 0.12 -9.09 -1.28
N TYR A 76 -1.13 -8.77 -1.54
CA TYR A 76 -1.94 -9.56 -2.46
C TYR A 76 -1.14 -9.95 -3.70
N ILE A 77 -0.14 -9.13 -4.01
CA ILE A 77 0.70 -9.37 -5.17
C ILE A 77 1.74 -10.44 -4.81
N GLN A 78 2.76 -10.00 -4.08
CA GLN A 78 3.82 -10.91 -3.67
C GLN A 78 3.24 -12.12 -2.94
N LYS A 79 2.40 -11.82 -1.95
CA LYS A 79 1.77 -12.88 -1.17
C LYS A 79 1.39 -14.03 -2.09
N LEU A 80 0.66 -13.70 -3.15
CA LEU A 80 0.23 -14.70 -4.11
C LEU A 80 1.44 -15.15 -4.94
N GLU A 81 2.21 -14.18 -5.38
CA GLU A 81 3.39 -14.46 -6.18
C GLU A 81 4.24 -15.54 -5.51
N GLU A 82 4.69 -15.23 -4.30
CA GLU A 82 5.51 -16.15 -3.53
C GLU A 82 4.75 -16.65 -2.31
N GLU A 83 5.03 -16.03 -1.18
CA GLU A 83 4.39 -16.40 0.06
C GLU A 83 4.40 -15.22 1.05
N ASN A 84 5.57 -14.95 1.59
CA ASN A 84 5.72 -13.86 2.53
C ASN A 84 4.95 -14.18 3.82
N PRO A 85 5.43 -15.25 4.52
CA PRO A 85 4.79 -15.66 5.76
C PRO A 85 5.13 -14.71 6.90
N GLU A 86 4.85 -13.43 6.66
CA GLU A 86 5.11 -12.40 7.66
C GLU A 86 3.98 -11.38 7.67
N ALA A 87 3.83 -10.70 6.55
CA ALA A 87 2.80 -9.69 6.42
C ALA A 87 2.75 -9.19 4.96
N ALA A 88 3.43 -8.08 4.72
CA ALA A 88 3.47 -7.50 3.40
C ALA A 88 4.54 -6.41 3.36
N GLN A 89 5.76 -6.82 3.67
CA GLN A 89 6.88 -5.89 3.67
C GLN A 89 6.40 -4.48 4.02
N ALA A 90 6.02 -4.30 5.27
CA ALA A 90 5.54 -3.01 5.73
C ALA A 90 4.81 -3.19 7.07
N LEU A 91 5.41 -3.98 7.93
CA LEU A 91 4.83 -4.24 9.24
C LEU A 91 5.91 -4.12 10.32
N ARG A 92 5.48 -4.22 11.56
CA ARG A 92 6.41 -4.13 12.69
C ARG A 92 5.76 -4.68 13.95
N ALA A 93 5.78 -6.01 14.06
CA ALA A 93 5.20 -6.68 15.20
C ALA A 93 3.69 -6.84 14.99
N LYS A 94 3.33 -7.26 13.79
CA LYS A 94 1.93 -7.46 13.46
C LYS A 94 1.81 -8.65 12.49
N ILE A 95 0.56 -8.95 12.15
CA ILE A 95 0.30 -10.06 11.24
C ILE A 95 -0.50 -9.54 10.05
N GLU A 96 -1.65 -8.94 10.35
CA GLU A 96 -2.51 -8.40 9.32
C GLU A 96 -1.68 -7.66 8.26
N SER A 97 -1.28 -6.45 8.61
CA SER A 97 -0.49 -5.64 7.71
C SER A 97 -0.33 -4.23 8.27
N GLU A 98 0.92 -3.86 8.52
CA GLU A 98 1.23 -2.54 9.06
C GLU A 98 0.61 -2.40 10.46
N ASN A 99 1.41 -1.85 11.36
CA ASN A 99 0.96 -1.64 12.73
C ASN A 99 1.12 -0.17 13.10
N PRO A 100 -0.01 0.43 13.59
CA PRO A 100 -0.01 1.83 13.98
C PRO A 100 0.72 2.02 15.31
N ASP A 101 2.04 1.86 15.26
CA ASP A 101 2.85 2.01 16.45
C ASP A 101 3.44 3.42 16.48
N ALA A 102 4.04 3.80 15.36
CA ALA A 102 4.65 5.11 15.24
C ALA A 102 5.22 5.28 13.82
N VAL A 103 4.34 5.11 12.84
CA VAL A 103 4.75 5.24 11.45
C VAL A 103 4.51 6.68 10.99
N ALA A 104 4.12 7.52 11.93
CA ALA A 104 3.86 8.92 11.64
C ALA A 104 4.43 9.79 12.76
N ASN A 105 3.90 9.60 13.95
CA ASN A 105 4.36 10.35 15.10
C ASN A 105 4.11 11.84 14.87
N VAL A 106 4.04 12.58 15.96
CA VAL A 106 3.80 14.02 15.88
C VAL A 106 4.99 14.75 16.48
N GLN A 107 4.75 16.01 16.85
CA GLN A 107 5.78 16.83 17.44
C GLN A 107 5.56 16.96 18.95
N ALA A 108 6.04 18.07 19.49
CA ALA A 108 5.91 18.32 20.92
C ALA A 108 4.90 19.46 21.13
N ARG A 109 4.11 19.71 20.10
CA ARG A 109 3.10 20.76 20.16
C ARG A 109 3.66 21.97 20.89
N LEU A 110 4.72 22.52 20.34
CA LEU A 110 5.35 23.70 20.94
C LEU A 110 5.04 24.93 20.08
N GLU A 111 5.04 26.07 20.74
CA GLU A 111 4.76 27.33 20.06
C GLU A 111 5.77 28.40 20.48
N ALA A 112 5.29 29.64 20.49
CA ALA A 112 6.14 30.76 20.88
C ALA A 112 5.31 32.04 20.88
N GLU A 113 5.60 32.90 21.84
CA GLU A 113 4.89 34.16 21.96
C GLU A 113 5.78 35.22 22.60
N SER A 114 7.03 35.22 22.19
CA SER A 114 8.01 36.18 22.71
C SER A 114 8.39 37.18 21.63
N LYS A 115 8.86 38.34 22.08
CA LYS A 115 9.26 39.39 21.17
C LYS A 115 10.34 38.86 20.22
N MET A 1 11.63 -7.93 -15.65
CA MET A 1 11.69 -7.16 -14.42
C MET A 1 10.67 -7.67 -13.41
N PRO A 2 11.19 -8.13 -12.23
CA PRO A 2 10.34 -8.64 -11.17
C PRO A 2 9.62 -7.50 -10.46
N VAL A 3 8.79 -7.88 -9.49
CA VAL A 3 8.03 -6.90 -8.72
C VAL A 3 8.77 -6.64 -7.41
N THR A 4 8.34 -5.57 -6.74
CA THR A 4 8.95 -5.20 -5.47
C THR A 4 8.26 -3.95 -4.90
N GLN A 5 8.63 -3.61 -3.68
CA GLN A 5 8.06 -2.45 -3.02
C GLN A 5 8.14 -1.23 -3.94
N GLU A 6 9.34 -0.74 -4.14
CA GLU A 6 9.57 0.41 -5.00
C GLU A 6 8.84 0.22 -6.33
N GLU A 7 8.56 -1.03 -6.64
CA GLU A 7 7.87 -1.36 -7.88
C GLU A 7 6.39 -0.98 -7.79
N ILE A 8 5.81 -1.29 -6.64
CA ILE A 8 4.40 -0.98 -6.41
C ILE A 8 4.28 0.37 -5.69
N ILE A 9 5.44 0.93 -5.37
CA ILE A 9 5.48 2.21 -4.68
C ILE A 9 5.93 3.30 -5.66
N ALA A 10 6.91 2.94 -6.48
CA ALA A 10 7.44 3.87 -7.46
C ALA A 10 6.74 3.64 -8.80
N GLY A 11 6.45 2.38 -9.07
CA GLY A 11 5.79 2.00 -10.31
C GLY A 11 4.34 2.48 -10.32
N ILE A 12 3.69 2.37 -9.16
CA ILE A 12 2.32 2.79 -9.02
C ILE A 12 2.26 4.31 -8.85
N ALA A 13 3.02 4.78 -7.88
CA ALA A 13 3.06 6.21 -7.59
C ALA A 13 3.13 6.98 -8.91
N GLU A 14 4.08 6.56 -9.75
CA GLU A 14 4.25 7.20 -11.04
C GLU A 14 2.96 7.15 -11.85
N ILE A 15 2.34 5.99 -11.84
CA ILE A 15 1.09 5.80 -12.57
C ILE A 15 0.01 6.70 -11.96
N ILE A 16 -0.04 6.69 -10.64
CA ILE A 16 -1.01 7.50 -9.92
C ILE A 16 -0.91 8.95 -10.39
N GLU A 17 0.32 9.35 -10.70
CA GLU A 17 0.57 10.71 -11.15
C GLU A 17 0.08 10.88 -12.59
N GLU A 18 -0.47 9.80 -13.13
CA GLU A 18 -0.98 9.82 -14.50
C GLU A 18 -2.50 9.85 -14.49
N VAL A 19 -3.07 9.01 -13.64
CA VAL A 19 -4.53 8.93 -13.53
C VAL A 19 -5.02 10.03 -12.61
N THR A 20 -4.67 9.90 -11.34
CA THR A 20 -5.08 10.88 -10.34
C THR A 20 -4.25 12.16 -10.48
N GLY A 21 -3.09 12.01 -11.11
CA GLY A 21 -2.20 13.14 -11.31
C GLY A 21 -1.56 13.57 -9.99
N ILE A 22 -1.53 12.64 -9.05
CA ILE A 22 -0.95 12.91 -7.75
C ILE A 22 0.58 12.79 -7.83
N GLU A 23 1.24 13.28 -6.79
CA GLU A 23 2.69 13.24 -6.75
C GLU A 23 3.17 11.79 -6.57
N PRO A 24 4.39 11.52 -7.10
CA PRO A 24 4.96 10.19 -7.00
C PRO A 24 5.48 9.91 -5.58
N SER A 25 6.24 10.86 -5.07
CA SER A 25 6.80 10.72 -3.74
C SER A 25 5.69 10.80 -2.70
N GLU A 26 4.61 11.46 -3.08
CA GLU A 26 3.47 11.61 -2.19
C GLU A 26 2.87 10.24 -1.85
N ILE A 27 2.73 9.43 -2.89
CA ILE A 27 2.18 8.09 -2.72
C ILE A 27 3.09 7.28 -1.80
N THR A 28 2.47 6.46 -0.97
CA THR A 28 3.20 5.63 -0.03
C THR A 28 2.33 4.45 0.43
N PRO A 29 2.99 3.50 1.15
CA PRO A 29 2.30 2.34 1.66
C PRO A 29 1.44 2.69 2.87
N GLU A 30 0.76 3.82 2.75
CA GLU A 30 -0.11 4.28 3.83
C GLU A 30 -1.50 4.62 3.29
N LYS A 31 -1.52 4.95 2.00
CA LYS A 31 -2.78 5.30 1.35
C LYS A 31 -3.87 4.31 1.79
N SER A 32 -5.11 4.74 1.61
CA SER A 32 -6.24 3.91 1.98
C SER A 32 -7.13 3.67 0.77
N PHE A 33 -6.58 3.97 -0.40
CA PHE A 33 -7.31 3.80 -1.65
C PHE A 33 -8.29 4.96 -1.88
N VAL A 34 -8.76 5.52 -0.78
CA VAL A 34 -9.69 6.63 -0.85
C VAL A 34 -9.39 7.61 0.28
N ASP A 35 -9.44 7.10 1.50
CA ASP A 35 -9.17 7.92 2.67
C ASP A 35 -8.06 8.91 2.36
N ASP A 36 -7.15 8.47 1.50
CA ASP A 36 -6.02 9.31 1.10
C ASP A 36 -6.24 9.80 -0.33
N LEU A 37 -6.18 8.87 -1.26
CA LEU A 37 -6.38 9.19 -2.66
C LEU A 37 -7.55 10.16 -2.80
N ASP A 38 -8.66 9.77 -2.20
CA ASP A 38 -9.86 10.60 -2.25
C ASP A 38 -10.31 10.75 -3.70
N ILE A 39 -9.79 9.88 -4.54
CA ILE A 39 -10.12 9.89 -5.96
C ILE A 39 -11.20 8.84 -6.23
N ASP A 40 -11.37 7.94 -5.27
CA ASP A 40 -12.37 6.89 -5.41
C ASP A 40 -11.75 5.71 -6.16
N SER A 41 -12.61 4.77 -6.52
CA SER A 41 -12.17 3.59 -7.26
C SER A 41 -12.20 3.86 -8.76
N LEU A 42 -12.58 5.09 -9.10
CA LEU A 42 -12.66 5.49 -10.49
C LEU A 42 -11.25 5.54 -11.09
N SER A 43 -10.45 6.47 -10.56
CA SER A 43 -9.09 6.63 -11.03
C SER A 43 -8.25 5.41 -10.63
N MET A 44 -8.36 5.05 -9.36
CA MET A 44 -7.63 3.92 -8.84
C MET A 44 -7.80 2.69 -9.74
N VAL A 45 -8.94 2.64 -10.40
CA VAL A 45 -9.24 1.53 -11.29
C VAL A 45 -8.28 1.58 -12.48
N GLU A 46 -7.94 2.78 -12.89
CA GLU A 46 -7.04 2.97 -14.02
C GLU A 46 -5.62 2.54 -13.64
N ILE A 47 -5.12 3.14 -12.57
CA ILE A 47 -3.79 2.82 -12.09
C ILE A 47 -3.57 1.31 -12.13
N ALA A 48 -4.58 0.59 -11.65
CA ALA A 48 -4.52 -0.86 -11.61
C ALA A 48 -4.55 -1.39 -13.05
N VAL A 49 -5.51 -0.90 -13.81
CA VAL A 49 -5.64 -1.32 -15.20
C VAL A 49 -4.29 -1.24 -15.89
N GLN A 50 -3.43 -0.38 -15.37
CA GLN A 50 -2.10 -0.21 -15.91
C GLN A 50 -1.12 -1.18 -15.25
N THR A 51 -0.99 -1.04 -13.94
CA THR A 51 -0.10 -1.89 -13.18
C THR A 51 -0.38 -3.36 -13.49
N GLU A 52 -1.65 -3.67 -13.65
CA GLU A 52 -2.06 -5.04 -13.95
C GLU A 52 -1.76 -5.38 -15.41
N ASP A 53 -1.24 -4.38 -16.12
CA ASP A 53 -0.91 -4.56 -17.52
C ASP A 53 0.60 -4.37 -17.71
N LYS A 54 1.07 -3.18 -17.37
CA LYS A 54 2.49 -2.88 -17.49
C LYS A 54 3.31 -4.07 -17.01
N TYR A 55 2.86 -4.65 -15.91
CA TYR A 55 3.54 -5.80 -15.35
C TYR A 55 2.73 -7.09 -15.54
N GLY A 56 1.48 -7.02 -15.10
CA GLY A 56 0.59 -8.16 -15.22
C GLY A 56 0.21 -8.71 -13.85
N VAL A 57 0.22 -7.82 -12.86
CA VAL A 57 -0.12 -8.20 -11.50
C VAL A 57 -1.56 -8.71 -11.47
N LYS A 58 -1.80 -9.64 -10.56
CA LYS A 58 -3.12 -10.23 -10.41
C LYS A 58 -3.83 -9.58 -9.22
N ILE A 59 -4.78 -8.72 -9.54
CA ILE A 59 -5.53 -8.02 -8.51
C ILE A 59 -6.95 -7.76 -9.02
N PRO A 60 -7.77 -8.84 -9.03
CA PRO A 60 -9.15 -8.74 -9.49
C PRO A 60 -10.02 -8.04 -8.44
N ASP A 61 -11.24 -7.72 -8.85
CA ASP A 61 -12.17 -7.05 -7.97
C ASP A 61 -12.40 -7.92 -6.72
N GLU A 62 -12.49 -9.22 -6.96
CA GLU A 62 -12.70 -10.16 -5.87
C GLU A 62 -11.78 -9.85 -4.70
N ASP A 63 -10.66 -9.20 -5.03
CA ASP A 63 -9.69 -8.83 -4.01
C ASP A 63 -9.64 -7.31 -3.88
N LEU A 64 -9.73 -6.65 -5.03
CA LEU A 64 -9.71 -5.20 -5.06
C LEU A 64 -10.72 -4.65 -4.06
N ALA A 65 -11.71 -5.48 -3.75
CA ALA A 65 -12.75 -5.09 -2.81
C ALA A 65 -12.16 -5.04 -1.40
N GLY A 66 -11.34 -6.04 -1.09
CA GLY A 66 -10.70 -6.11 0.21
C GLY A 66 -9.58 -5.08 0.34
N LEU A 67 -8.75 -5.04 -0.70
CA LEU A 67 -7.63 -4.11 -0.72
C LEU A 67 -8.07 -2.77 -0.13
N ARG A 68 -7.33 -2.33 0.87
CA ARG A 68 -7.63 -1.06 1.54
C ARG A 68 -6.48 -0.08 1.34
N THR A 69 -5.27 -0.60 1.46
CA THR A 69 -4.08 0.23 1.30
C THR A 69 -3.09 -0.45 0.35
N VAL A 70 -2.12 0.34 -0.10
CA VAL A 70 -1.11 -0.17 -1.00
C VAL A 70 -0.49 -1.44 -0.42
N GLY A 71 -0.19 -1.37 0.88
CA GLY A 71 0.40 -2.51 1.57
C GLY A 71 -0.43 -3.77 1.33
N ASP A 72 -1.73 -3.59 1.22
CA ASP A 72 -2.63 -4.70 1.00
C ASP A 72 -2.70 -5.01 -0.50
N VAL A 73 -2.58 -3.95 -1.29
CA VAL A 73 -2.62 -4.09 -2.74
C VAL A 73 -1.27 -4.62 -3.23
N VAL A 74 -0.31 -4.60 -2.33
CA VAL A 74 1.03 -5.07 -2.67
C VAL A 74 1.18 -6.53 -2.22
N ALA A 75 0.96 -6.73 -0.93
CA ALA A 75 1.06 -8.07 -0.36
C ALA A 75 0.37 -9.07 -1.27
N TYR A 76 -0.91 -8.82 -1.52
CA TYR A 76 -1.69 -9.69 -2.39
C TYR A 76 -0.90 -10.09 -3.63
N ILE A 77 0.03 -9.21 -4.01
CA ILE A 77 0.86 -9.47 -5.18
C ILE A 77 2.01 -10.40 -4.79
N GLN A 78 2.99 -9.82 -4.11
CA GLN A 78 4.15 -10.57 -3.67
C GLN A 78 3.71 -11.84 -2.95
N LYS A 79 2.85 -11.66 -1.95
CA LYS A 79 2.35 -12.78 -1.19
C LYS A 79 2.07 -13.96 -2.12
N LEU A 80 1.29 -13.68 -3.16
CA LEU A 80 0.94 -14.70 -4.13
C LEU A 80 2.18 -15.07 -4.95
N GLU A 81 2.92 -14.03 -5.33
CA GLU A 81 4.12 -14.23 -6.12
C GLU A 81 5.02 -15.28 -5.46
N GLU A 82 5.49 -14.95 -4.27
CA GLU A 82 6.35 -15.85 -3.53
C GLU A 82 5.65 -16.34 -2.25
N GLU A 83 5.98 -15.69 -1.15
CA GLU A 83 5.39 -16.05 0.13
C GLU A 83 5.37 -14.84 1.06
N ASN A 84 6.55 -14.49 1.55
CA ASN A 84 6.68 -13.37 2.44
C ASN A 84 5.92 -13.65 3.74
N PRO A 85 6.52 -14.55 4.57
CA PRO A 85 5.90 -14.91 5.84
C PRO A 85 6.05 -13.80 6.87
N GLU A 86 5.61 -12.61 6.48
CA GLU A 86 5.68 -11.46 7.36
C GLU A 86 4.40 -10.62 7.26
N ALA A 87 4.24 -9.99 6.10
CA ALA A 87 3.07 -9.17 5.87
C ALA A 87 3.11 -8.63 4.44
N ALA A 88 3.93 -7.61 4.24
CA ALA A 88 4.07 -7.01 2.93
C ALA A 88 5.03 -5.82 3.02
N GLN A 89 6.20 -6.09 3.59
CA GLN A 89 7.21 -5.05 3.74
C GLN A 89 6.56 -3.72 4.10
N ALA A 90 6.42 -3.50 5.40
CA ALA A 90 5.82 -2.27 5.89
C ALA A 90 5.52 -2.41 7.38
N LEU A 91 4.83 -3.48 7.72
CA LEU A 91 4.47 -3.74 9.10
C LEU A 91 5.68 -3.47 9.99
N ARG A 92 5.40 -3.20 11.26
CA ARG A 92 6.46 -2.92 12.22
C ARG A 92 5.89 -2.94 13.64
N ALA A 93 5.11 -3.97 13.92
CA ALA A 93 4.50 -4.11 15.24
C ALA A 93 3.79 -5.46 15.32
N LYS A 94 2.96 -5.72 14.33
CA LYS A 94 2.21 -6.97 14.27
C LYS A 94 1.99 -7.37 12.82
N ILE A 95 1.82 -8.67 12.61
CA ILE A 95 1.61 -9.19 11.27
C ILE A 95 0.20 -8.81 10.80
N GLU A 96 -0.78 -9.55 11.31
CA GLU A 96 -2.17 -9.31 10.96
C GLU A 96 -2.46 -7.81 10.99
N SER A 97 -2.23 -7.22 12.15
CA SER A 97 -2.47 -5.80 12.34
C SER A 97 -1.50 -4.98 11.47
N GLU A 98 -1.74 -5.01 10.17
CA GLU A 98 -0.90 -4.29 9.24
C GLU A 98 -1.03 -2.78 9.46
N ASN A 99 0.12 -2.12 9.52
CA ASN A 99 0.14 -0.68 9.73
C ASN A 99 1.57 -0.25 10.07
N PRO A 100 2.17 0.56 9.15
CA PRO A 100 3.52 1.04 9.36
C PRO A 100 3.55 2.16 10.40
N ASP A 101 3.05 1.82 11.58
CA ASP A 101 3.02 2.78 12.68
C ASP A 101 2.60 2.06 13.96
N ALA A 102 3.43 2.23 14.99
CA ALA A 102 3.16 1.61 16.27
C ALA A 102 4.22 2.05 17.28
N VAL A 103 4.34 3.36 17.43
CA VAL A 103 5.31 3.92 18.35
C VAL A 103 4.68 5.10 19.10
N ALA A 104 5.54 5.95 19.64
CA ALA A 104 5.08 7.11 20.38
C ALA A 104 6.29 7.88 20.92
N ASN A 105 7.10 7.17 21.69
CA ASN A 105 8.29 7.77 22.27
C ASN A 105 8.96 6.76 23.21
N VAL A 106 10.12 7.15 23.71
CA VAL A 106 10.86 6.30 24.62
C VAL A 106 10.29 6.43 26.04
N GLN A 107 9.34 7.34 26.17
CA GLN A 107 8.70 7.58 27.45
C GLN A 107 9.76 7.93 28.51
N ALA A 108 9.77 9.19 28.89
CA ALA A 108 10.72 9.67 29.88
C ALA A 108 10.51 11.17 30.11
N ARG A 109 9.28 11.52 30.47
CA ARG A 109 8.93 12.90 30.72
C ARG A 109 7.91 13.00 31.86
N LEU A 110 8.24 12.33 32.95
CA LEU A 110 7.36 12.34 34.11
C LEU A 110 8.20 12.31 35.39
N GLU A 111 7.66 12.92 36.43
CA GLU A 111 8.35 12.97 37.71
C GLU A 111 7.41 12.56 38.85
N ALA A 112 7.63 13.16 40.00
CA ALA A 112 6.83 12.87 41.17
C ALA A 112 7.36 13.65 42.37
N GLU A 113 7.23 14.97 42.29
CA GLU A 113 7.69 15.84 43.36
C GLU A 113 7.14 17.25 43.17
N SER A 114 5.83 17.31 42.93
CA SER A 114 5.17 18.59 42.74
C SER A 114 5.71 19.63 43.72
N LYS A 115 5.41 19.39 45.00
CA LYS A 115 5.86 20.29 46.05
C LYS A 115 5.57 19.66 47.41
N MET A 1 11.85 -5.96 -14.74
CA MET A 1 10.53 -5.47 -14.40
C MET A 1 9.90 -6.32 -13.30
N PRO A 2 10.50 -6.23 -12.08
CA PRO A 2 10.01 -6.98 -10.94
C PRO A 2 8.73 -6.36 -10.38
N VAL A 3 8.40 -6.74 -9.15
CA VAL A 3 7.21 -6.23 -8.50
C VAL A 3 7.50 -6.00 -7.02
N THR A 4 8.64 -5.37 -6.76
CA THR A 4 9.06 -5.10 -5.39
C THR A 4 8.30 -3.88 -4.86
N GLN A 5 8.68 -3.48 -3.66
CA GLN A 5 8.05 -2.33 -3.02
C GLN A 5 8.13 -1.10 -3.93
N GLU A 6 9.35 -0.63 -4.13
CA GLU A 6 9.58 0.52 -4.97
C GLU A 6 8.89 0.34 -6.33
N GLU A 7 8.60 -0.92 -6.65
CA GLU A 7 7.96 -1.25 -7.90
C GLU A 7 6.48 -0.86 -7.85
N ILE A 8 5.86 -1.16 -6.71
CA ILE A 8 4.46 -0.85 -6.52
C ILE A 8 4.33 0.50 -5.82
N ILE A 9 5.47 1.05 -5.44
CA ILE A 9 5.50 2.33 -4.75
C ILE A 9 5.97 3.41 -5.72
N ALA A 10 6.95 3.05 -6.53
CA ALA A 10 7.50 3.98 -7.51
C ALA A 10 6.80 3.77 -8.85
N GLY A 11 6.45 2.52 -9.11
CA GLY A 11 5.78 2.16 -10.35
C GLY A 11 4.34 2.68 -10.36
N ILE A 12 3.69 2.56 -9.20
CA ILE A 12 2.32 3.01 -9.06
C ILE A 12 2.29 4.52 -8.88
N ALA A 13 3.05 4.98 -7.88
CA ALA A 13 3.12 6.40 -7.58
C ALA A 13 3.19 7.18 -8.90
N GLU A 14 4.10 6.75 -9.76
CA GLU A 14 4.28 7.41 -11.05
C GLU A 14 2.97 7.35 -11.85
N ILE A 15 2.32 6.21 -11.79
CA ILE A 15 1.07 6.01 -12.51
C ILE A 15 -0.01 6.91 -11.89
N ILE A 16 -0.06 6.90 -10.57
CA ILE A 16 -1.03 7.70 -9.85
C ILE A 16 -0.90 9.16 -10.30
N GLU A 17 0.32 9.54 -10.64
CA GLU A 17 0.58 10.90 -11.08
C GLU A 17 0.16 11.07 -12.55
N GLU A 18 -0.42 10.01 -13.09
CA GLU A 18 -0.86 10.02 -14.47
C GLU A 18 -2.39 10.02 -14.54
N VAL A 19 -2.98 9.14 -13.74
CA VAL A 19 -4.42 9.02 -13.69
C VAL A 19 -5.00 10.15 -12.83
N THR A 20 -4.68 10.08 -11.54
CA THR A 20 -5.16 11.08 -10.60
C THR A 20 -4.35 12.37 -10.75
N GLY A 21 -3.10 12.21 -11.15
CA GLY A 21 -2.21 13.34 -11.33
C GLY A 21 -1.59 13.77 -10.00
N ILE A 22 -1.54 12.84 -9.07
CA ILE A 22 -0.98 13.10 -7.76
C ILE A 22 0.54 12.97 -7.83
N GLU A 23 1.19 13.44 -6.78
CA GLU A 23 2.65 13.39 -6.71
C GLU A 23 3.11 11.93 -6.53
N PRO A 24 4.35 11.67 -7.02
CA PRO A 24 4.92 10.33 -6.93
C PRO A 24 5.38 10.04 -5.50
N SER A 25 6.23 10.91 -4.99
CA SER A 25 6.74 10.76 -3.64
C SER A 25 5.60 10.81 -2.63
N GLU A 26 4.51 11.43 -3.05
CA GLU A 26 3.34 11.56 -2.19
C GLU A 26 2.80 10.17 -1.83
N ILE A 27 2.76 9.32 -2.84
CA ILE A 27 2.26 7.97 -2.65
C ILE A 27 3.16 7.23 -1.64
N THR A 28 2.53 6.35 -0.88
CA THR A 28 3.26 5.58 0.12
C THR A 28 2.43 4.39 0.58
N PRO A 29 3.12 3.45 1.28
CA PRO A 29 2.46 2.25 1.79
C PRO A 29 1.58 2.57 2.99
N GLU A 30 0.77 3.61 2.84
CA GLU A 30 -0.13 4.04 3.91
C GLU A 30 -1.50 4.40 3.33
N LYS A 31 -1.49 4.81 2.08
CA LYS A 31 -2.73 5.19 1.41
C LYS A 31 -3.82 4.16 1.74
N SER A 32 -5.07 4.60 1.62
CA SER A 32 -6.19 3.73 1.89
C SER A 32 -7.01 3.52 0.62
N PHE A 33 -6.40 3.87 -0.50
CA PHE A 33 -7.06 3.71 -1.80
C PHE A 33 -8.03 4.87 -2.05
N VAL A 34 -8.60 5.37 -0.96
CA VAL A 34 -9.55 6.48 -1.05
C VAL A 34 -9.33 7.42 0.13
N ASP A 35 -9.43 6.87 1.33
CA ASP A 35 -9.24 7.66 2.54
C ASP A 35 -8.14 8.69 2.30
N ASP A 36 -7.16 8.29 1.50
CA ASP A 36 -6.05 9.17 1.18
C ASP A 36 -6.21 9.70 -0.24
N LEU A 37 -6.08 8.80 -1.19
CA LEU A 37 -6.21 9.16 -2.59
C LEU A 37 -7.34 10.19 -2.75
N ASP A 38 -8.50 9.82 -2.20
CA ASP A 38 -9.65 10.69 -2.29
C ASP A 38 -10.06 10.87 -3.74
N ILE A 39 -9.50 10.02 -4.59
CA ILE A 39 -9.81 10.07 -6.01
C ILE A 39 -10.93 9.10 -6.33
N ASP A 40 -11.12 8.14 -5.42
CA ASP A 40 -12.16 7.14 -5.59
C ASP A 40 -11.60 5.95 -6.36
N SER A 41 -12.50 5.05 -6.73
CA SER A 41 -12.10 3.86 -7.48
C SER A 41 -12.10 4.16 -8.98
N LEU A 42 -12.40 5.41 -9.30
CA LEU A 42 -12.44 5.84 -10.69
C LEU A 42 -11.02 5.80 -11.27
N SER A 43 -10.20 6.72 -10.77
CA SER A 43 -8.83 6.81 -11.23
C SER A 43 -8.05 5.58 -10.77
N MET A 44 -8.27 5.21 -9.52
CA MET A 44 -7.60 4.05 -8.96
C MET A 44 -7.77 2.81 -9.85
N VAL A 45 -8.91 2.77 -10.53
CA VAL A 45 -9.21 1.66 -11.42
C VAL A 45 -8.18 1.64 -12.56
N GLU A 46 -7.80 2.83 -12.98
CA GLU A 46 -6.82 2.96 -14.05
C GLU A 46 -5.44 2.55 -13.56
N ILE A 47 -5.00 3.22 -12.51
CA ILE A 47 -3.69 2.93 -11.94
C ILE A 47 -3.44 1.43 -11.97
N ALA A 48 -4.49 0.68 -11.63
CA ALA A 48 -4.39 -0.77 -11.61
C ALA A 48 -4.46 -1.30 -13.05
N VAL A 49 -5.40 -0.75 -13.80
CA VAL A 49 -5.59 -1.16 -15.18
C VAL A 49 -4.23 -1.15 -15.89
N GLN A 50 -3.33 -0.32 -15.38
CA GLN A 50 -2.01 -0.20 -15.96
C GLN A 50 -1.07 -1.23 -15.33
N THR A 51 -0.91 -1.13 -14.02
CA THR A 51 -0.04 -2.04 -13.30
C THR A 51 -0.40 -3.48 -13.62
N GLU A 52 -1.70 -3.74 -13.75
CA GLU A 52 -2.18 -5.06 -14.07
C GLU A 52 -1.92 -5.39 -15.54
N ASP A 53 -1.36 -4.42 -16.23
CA ASP A 53 -1.05 -4.59 -17.64
C ASP A 53 0.47 -4.49 -17.84
N LYS A 54 1.00 -3.31 -17.52
CA LYS A 54 2.43 -3.07 -17.65
C LYS A 54 3.20 -4.31 -17.19
N TYR A 55 2.72 -4.90 -16.12
CA TYR A 55 3.35 -6.08 -15.57
C TYR A 55 2.48 -7.33 -15.80
N GLY A 56 1.20 -7.18 -15.52
CA GLY A 56 0.26 -8.28 -15.70
C GLY A 56 -0.20 -8.83 -14.34
N VAL A 57 0.14 -8.10 -13.29
CA VAL A 57 -0.23 -8.50 -11.95
C VAL A 57 -1.71 -8.88 -11.93
N LYS A 58 -2.07 -9.72 -10.97
CA LYS A 58 -3.44 -10.16 -10.83
C LYS A 58 -4.04 -9.55 -9.56
N ILE A 59 -5.12 -8.80 -9.75
CA ILE A 59 -5.79 -8.15 -8.64
C ILE A 59 -7.25 -7.90 -9.01
N PRO A 60 -8.04 -9.01 -9.03
CA PRO A 60 -9.45 -8.92 -9.37
C PRO A 60 -10.26 -8.33 -8.20
N ASP A 61 -11.52 -8.03 -8.49
CA ASP A 61 -12.39 -7.45 -7.49
C ASP A 61 -12.42 -8.38 -6.26
N GLU A 62 -12.43 -9.67 -6.53
CA GLU A 62 -12.46 -10.65 -5.47
C GLU A 62 -11.52 -10.24 -4.33
N ASP A 63 -10.50 -9.48 -4.71
CA ASP A 63 -9.52 -9.01 -3.74
C ASP A 63 -9.59 -7.48 -3.65
N LEU A 64 -9.68 -6.86 -4.82
CA LEU A 64 -9.75 -5.41 -4.89
C LEU A 64 -10.79 -4.90 -3.88
N ALA A 65 -11.74 -5.78 -3.56
CA ALA A 65 -12.78 -5.43 -2.61
C ALA A 65 -12.18 -5.31 -1.21
N GLY A 66 -11.34 -6.28 -0.88
CA GLY A 66 -10.69 -6.30 0.42
C GLY A 66 -9.57 -5.26 0.49
N LEU A 67 -8.74 -5.26 -0.54
CA LEU A 67 -7.63 -4.32 -0.60
C LEU A 67 -8.09 -2.96 -0.08
N ARG A 68 -7.39 -2.48 0.93
CA ARG A 68 -7.71 -1.20 1.54
C ARG A 68 -6.56 -0.21 1.32
N THR A 69 -5.35 -0.73 1.43
CA THR A 69 -4.17 0.09 1.25
C THR A 69 -3.19 -0.58 0.28
N VAL A 70 -2.22 0.21 -0.17
CA VAL A 70 -1.23 -0.30 -1.10
C VAL A 70 -0.59 -1.56 -0.53
N GLY A 71 -0.21 -1.49 0.74
CA GLY A 71 0.40 -2.62 1.41
C GLY A 71 -0.46 -3.87 1.28
N ASP A 72 -1.77 -3.64 1.19
CA ASP A 72 -2.71 -4.74 1.04
C ASP A 72 -2.85 -5.11 -0.44
N VAL A 73 -2.63 -4.12 -1.28
CA VAL A 73 -2.73 -4.32 -2.71
C VAL A 73 -1.41 -4.91 -3.23
N VAL A 74 -0.38 -4.75 -2.43
CA VAL A 74 0.94 -5.26 -2.79
C VAL A 74 1.10 -6.68 -2.25
N ALA A 75 0.80 -6.83 -0.96
CA ALA A 75 0.91 -8.12 -0.31
C ALA A 75 0.23 -9.18 -1.20
N TYR A 76 -1.03 -8.95 -1.49
CA TYR A 76 -1.80 -9.87 -2.31
C TYR A 76 -0.98 -10.31 -3.53
N ILE A 77 -0.13 -9.41 -4.00
CA ILE A 77 0.71 -9.69 -5.15
C ILE A 77 1.93 -10.50 -4.70
N GLN A 78 2.84 -9.81 -4.03
CA GLN A 78 4.05 -10.46 -3.54
C GLN A 78 3.70 -11.75 -2.80
N LYS A 79 2.87 -11.59 -1.77
CA LYS A 79 2.45 -12.72 -0.97
C LYS A 79 2.24 -13.94 -1.88
N LEU A 80 1.51 -13.71 -2.97
CA LEU A 80 1.22 -14.76 -3.92
C LEU A 80 2.51 -15.12 -4.68
N GLU A 81 3.12 -14.09 -5.27
CA GLU A 81 4.34 -14.28 -6.02
C GLU A 81 5.25 -15.27 -5.30
N GLU A 82 5.63 -14.92 -4.08
CA GLU A 82 6.51 -15.76 -3.28
C GLU A 82 5.76 -16.30 -2.06
N GLU A 83 5.99 -15.64 -0.94
CA GLU A 83 5.34 -16.03 0.31
C GLU A 83 5.29 -14.86 1.27
N ASN A 84 6.45 -14.54 1.83
CA ASN A 84 6.55 -13.44 2.78
C ASN A 84 5.71 -13.75 4.01
N PRO A 85 6.20 -14.75 4.80
CA PRO A 85 5.51 -15.16 6.00
C PRO A 85 5.71 -14.15 7.13
N GLU A 86 5.37 -12.90 6.82
CA GLU A 86 5.51 -11.83 7.79
C GLU A 86 4.30 -10.89 7.73
N ALA A 87 4.12 -10.28 6.56
CA ALA A 87 3.01 -9.36 6.36
C ALA A 87 3.05 -8.83 4.93
N ALA A 88 3.72 -7.70 4.78
CA ALA A 88 3.84 -7.07 3.47
C ALA A 88 4.72 -5.82 3.58
N GLN A 89 5.93 -6.03 4.09
CA GLN A 89 6.86 -4.93 4.26
C GLN A 89 6.15 -3.68 4.75
N ALA A 90 5.38 -3.86 5.82
CA ALA A 90 4.63 -2.76 6.40
C ALA A 90 3.91 -3.24 7.66
N LEU A 91 4.69 -3.86 8.54
CA LEU A 91 4.14 -4.38 9.78
C LEU A 91 5.21 -4.30 10.88
N ARG A 92 4.75 -3.96 12.07
CA ARG A 92 5.66 -3.84 13.20
C ARG A 92 4.88 -3.95 14.52
N ALA A 93 4.17 -5.06 14.66
CA ALA A 93 3.38 -5.30 15.85
C ALA A 93 2.84 -6.74 15.82
N LYS A 94 2.23 -7.08 14.69
CA LYS A 94 1.67 -8.41 14.52
C LYS A 94 1.72 -8.79 13.04
N ILE A 95 2.03 -10.05 12.80
CA ILE A 95 2.10 -10.56 11.43
C ILE A 95 0.77 -10.32 10.73
N GLU A 96 -0.30 -10.73 11.40
CA GLU A 96 -1.64 -10.56 10.85
C GLU A 96 -2.15 -9.15 11.13
N SER A 97 -2.22 -8.82 12.41
CA SER A 97 -2.70 -7.51 12.82
C SER A 97 -1.70 -6.44 12.39
N GLU A 98 -1.66 -6.20 11.08
CA GLU A 98 -0.77 -5.20 10.53
C GLU A 98 -1.09 -3.82 11.11
N ASN A 99 -0.02 -3.06 11.35
CA ASN A 99 -0.17 -1.73 11.90
C ASN A 99 1.21 -1.12 12.13
N PRO A 100 1.50 -0.03 11.38
CA PRO A 100 2.78 0.65 11.49
C PRO A 100 2.84 1.48 12.77
N ASP A 101 2.61 0.81 13.89
CA ASP A 101 2.63 1.48 15.18
C ASP A 101 2.60 0.42 16.30
N ALA A 102 3.57 0.52 17.19
CA ALA A 102 3.67 -0.42 18.30
C ALA A 102 4.77 0.05 19.26
N VAL A 103 4.65 1.30 19.68
CA VAL A 103 5.63 1.88 20.60
C VAL A 103 5.67 1.04 21.88
N ALA A 104 6.15 1.67 22.94
CA ALA A 104 6.25 0.99 24.23
C ALA A 104 7.00 1.90 25.22
N ASN A 105 8.16 2.37 24.77
CA ASN A 105 8.97 3.25 25.60
C ASN A 105 8.18 4.50 25.96
N VAL A 106 7.43 4.40 27.04
CA VAL A 106 6.62 5.51 27.50
C VAL A 106 7.04 5.90 28.91
N GLN A 107 6.49 7.02 29.37
CA GLN A 107 6.80 7.51 30.71
C GLN A 107 5.59 8.20 31.33
N ALA A 108 5.85 9.10 32.25
CA ALA A 108 4.80 9.84 32.91
C ALA A 108 4.17 8.95 33.99
N ARG A 109 5.02 8.17 34.63
CA ARG A 109 4.56 7.28 35.68
C ARG A 109 5.37 7.49 36.96
N LEU A 110 5.34 8.72 37.45
CA LEU A 110 6.07 9.05 38.66
C LEU A 110 5.30 10.13 39.43
N GLU A 111 5.47 10.09 40.75
CA GLU A 111 4.79 11.05 41.61
C GLU A 111 5.75 11.57 42.68
N ALA A 112 5.19 11.88 43.84
CA ALA A 112 5.98 12.38 44.95
C ALA A 112 5.05 12.65 46.15
N GLU A 113 5.68 12.78 47.31
CA GLU A 113 4.93 13.03 48.53
C GLU A 113 5.89 13.26 49.70
N SER A 114 6.71 12.26 49.96
CA SER A 114 7.69 12.35 51.03
C SER A 114 6.97 12.65 52.35
N LYS A 115 7.71 12.51 53.43
CA LYS A 115 7.16 12.76 54.76
C LYS A 115 8.15 13.62 55.56
N MET A 1 12.26 -3.75 -10.84
CA MET A 1 12.11 -4.53 -12.06
C MET A 1 11.00 -5.57 -11.91
N PRO A 2 11.09 -6.35 -10.79
CA PRO A 2 10.10 -7.39 -10.52
C PRO A 2 8.78 -6.77 -10.03
N VAL A 3 8.72 -6.54 -8.73
CA VAL A 3 7.53 -5.96 -8.13
C VAL A 3 7.81 -5.67 -6.66
N THR A 4 8.94 -5.03 -6.41
CA THR A 4 9.33 -4.70 -5.05
C THR A 4 8.51 -3.51 -4.54
N GLN A 5 8.83 -3.09 -3.33
CA GLN A 5 8.14 -1.96 -2.72
C GLN A 5 8.18 -0.75 -3.65
N GLU A 6 9.38 -0.23 -3.83
CA GLU A 6 9.56 0.93 -4.70
C GLU A 6 8.93 0.69 -6.07
N GLU A 7 8.71 -0.59 -6.36
CA GLU A 7 8.09 -0.97 -7.63
C GLU A 7 6.60 -0.67 -7.61
N ILE A 8 5.97 -0.99 -6.48
CA ILE A 8 4.55 -0.75 -6.32
C ILE A 8 4.33 0.60 -5.64
N ILE A 9 5.44 1.22 -5.26
CA ILE A 9 5.38 2.51 -4.60
C ILE A 9 5.81 3.60 -5.58
N ALA A 10 6.85 3.29 -6.35
CA ALA A 10 7.37 4.22 -7.33
C ALA A 10 6.71 3.96 -8.69
N GLY A 11 6.47 2.68 -8.94
CA GLY A 11 5.85 2.28 -10.19
C GLY A 11 4.39 2.71 -10.25
N ILE A 12 3.72 2.56 -9.11
CA ILE A 12 2.32 2.94 -9.02
C ILE A 12 2.20 4.45 -8.88
N ALA A 13 2.92 4.97 -7.89
CA ALA A 13 2.91 6.41 -7.63
C ALA A 13 2.96 7.16 -8.97
N GLU A 14 3.87 6.71 -9.82
CA GLU A 14 4.04 7.33 -11.12
C GLU A 14 2.74 7.23 -11.93
N ILE A 15 2.15 6.05 -11.88
CA ILE A 15 0.91 5.81 -12.59
C ILE A 15 -0.20 6.68 -12.01
N ILE A 16 -0.23 6.72 -10.68
CA ILE A 16 -1.23 7.51 -9.98
C ILE A 16 -1.17 8.96 -10.49
N GLU A 17 0.03 9.38 -10.84
CA GLU A 17 0.23 10.73 -11.34
C GLU A 17 -0.26 10.84 -12.78
N GLU A 18 -0.80 9.74 -13.28
CA GLU A 18 -1.30 9.71 -14.64
C GLU A 18 -2.84 9.63 -14.63
N VAL A 19 -3.35 8.84 -13.70
CA VAL A 19 -4.79 8.66 -13.58
C VAL A 19 -5.35 9.77 -12.68
N THR A 20 -4.87 9.81 -11.46
CA THR A 20 -5.32 10.81 -10.50
C THR A 20 -4.53 12.10 -10.69
N GLY A 21 -3.36 11.98 -11.29
CA GLY A 21 -2.52 13.13 -11.54
C GLY A 21 -1.85 13.61 -10.25
N ILE A 22 -1.77 12.70 -9.28
CA ILE A 22 -1.17 13.02 -8.00
C ILE A 22 0.36 12.93 -8.13
N GLU A 23 1.04 13.45 -7.12
CA GLU A 23 2.49 13.43 -7.11
C GLU A 23 3.01 12.02 -6.87
N PRO A 24 4.21 11.74 -7.43
CA PRO A 24 4.83 10.43 -7.28
C PRO A 24 5.39 10.24 -5.86
N SER A 25 6.16 11.24 -5.43
CA SER A 25 6.76 11.19 -4.11
C SER A 25 5.66 11.24 -3.03
N GLU A 26 4.54 11.82 -3.41
CA GLU A 26 3.41 11.94 -2.50
C GLU A 26 2.91 10.55 -2.10
N ILE A 27 2.80 9.68 -3.09
CA ILE A 27 2.34 8.33 -2.84
C ILE A 27 3.35 7.60 -1.95
N THR A 28 2.81 6.89 -0.96
CA THR A 28 3.64 6.15 -0.04
C THR A 28 2.88 4.95 0.53
N PRO A 29 3.62 4.09 1.26
CA PRO A 29 3.02 2.91 1.86
C PRO A 29 2.18 3.27 3.09
N GLU A 30 1.41 4.33 2.93
CA GLU A 30 0.55 4.80 4.01
C GLU A 30 -0.81 5.22 3.46
N LYS A 31 -1.02 4.92 2.19
CA LYS A 31 -2.27 5.28 1.53
C LYS A 31 -3.37 4.34 2.01
N SER A 32 -4.61 4.70 1.70
CA SER A 32 -5.75 3.90 2.10
C SER A 32 -6.64 3.63 0.88
N PHE A 33 -6.10 3.94 -0.29
CA PHE A 33 -6.82 3.72 -1.53
C PHE A 33 -7.82 4.85 -1.79
N VAL A 34 -8.41 5.32 -0.70
CA VAL A 34 -9.39 6.39 -0.80
C VAL A 34 -9.14 7.41 0.32
N ASP A 35 -9.15 6.90 1.55
CA ASP A 35 -8.92 7.74 2.71
C ASP A 35 -7.83 8.77 2.39
N ASP A 36 -6.92 8.36 1.53
CA ASP A 36 -5.83 9.23 1.12
C ASP A 36 -6.09 9.74 -0.30
N LEU A 37 -6.02 8.82 -1.24
CA LEU A 37 -6.24 9.16 -2.64
C LEU A 37 -7.42 10.13 -2.74
N ASP A 38 -8.55 9.68 -2.19
CA ASP A 38 -9.75 10.50 -2.21
C ASP A 38 -10.26 10.60 -3.65
N ILE A 39 -9.70 9.76 -4.50
CA ILE A 39 -10.09 9.74 -5.90
C ILE A 39 -11.20 8.71 -6.11
N ASP A 40 -11.29 7.78 -5.16
CA ASP A 40 -12.29 6.73 -5.23
C ASP A 40 -11.73 5.54 -6.00
N SER A 41 -12.61 4.60 -6.30
CA SER A 41 -12.21 3.41 -7.03
C SER A 41 -12.25 3.68 -8.54
N LEU A 42 -12.60 4.91 -8.87
CA LEU A 42 -12.67 5.32 -10.27
C LEU A 42 -11.28 5.30 -10.88
N SER A 43 -10.46 6.24 -10.42
CA SER A 43 -9.10 6.35 -10.91
C SER A 43 -8.28 5.12 -10.47
N MET A 44 -8.40 4.80 -9.20
CA MET A 44 -7.68 3.66 -8.64
C MET A 44 -7.86 2.43 -9.53
N VAL A 45 -9.00 2.35 -10.17
CA VAL A 45 -9.31 1.23 -11.05
C VAL A 45 -8.35 1.27 -12.24
N GLU A 46 -8.01 2.48 -12.67
CA GLU A 46 -7.11 2.66 -13.79
C GLU A 46 -5.67 2.30 -13.39
N ILE A 47 -5.21 2.97 -12.34
CA ILE A 47 -3.87 2.73 -11.84
C ILE A 47 -3.57 1.24 -11.87
N ALA A 48 -4.56 0.46 -11.47
CA ALA A 48 -4.42 -0.99 -11.46
C ALA A 48 -4.50 -1.52 -12.88
N VAL A 49 -5.50 -1.05 -13.61
CA VAL A 49 -5.70 -1.47 -14.99
C VAL A 49 -4.37 -1.39 -15.73
N GLN A 50 -3.50 -0.50 -15.24
CA GLN A 50 -2.20 -0.32 -15.86
C GLN A 50 -1.17 -1.28 -15.23
N THR A 51 -0.99 -1.13 -13.93
CA THR A 51 -0.04 -1.96 -13.21
C THR A 51 -0.33 -3.45 -13.48
N GLU A 52 -1.62 -3.75 -13.58
CA GLU A 52 -2.04 -5.12 -13.83
C GLU A 52 -1.80 -5.48 -15.30
N ASP A 53 -1.31 -4.51 -16.05
CA ASP A 53 -1.03 -4.70 -17.46
C ASP A 53 0.46 -4.51 -17.72
N LYS A 54 0.92 -3.30 -17.46
CA LYS A 54 2.32 -2.98 -17.66
C LYS A 54 3.19 -4.09 -17.07
N TYR A 55 2.77 -4.57 -15.90
CA TYR A 55 3.50 -5.63 -15.23
C TYR A 55 2.76 -6.97 -15.36
N GLY A 56 1.45 -6.89 -15.24
CA GLY A 56 0.62 -8.09 -15.33
C GLY A 56 0.20 -8.59 -13.95
N VAL A 57 0.58 -7.81 -12.94
CA VAL A 57 0.26 -8.16 -11.57
C VAL A 57 -1.17 -8.70 -11.51
N LYS A 58 -1.39 -9.61 -10.56
CA LYS A 58 -2.70 -10.22 -10.39
C LYS A 58 -3.43 -9.51 -9.24
N ILE A 59 -4.39 -8.69 -9.62
CA ILE A 59 -5.16 -7.95 -8.63
C ILE A 59 -6.55 -7.65 -9.21
N PRO A 60 -7.38 -8.71 -9.30
CA PRO A 60 -8.73 -8.57 -9.83
C PRO A 60 -9.65 -7.90 -8.82
N ASP A 61 -10.84 -7.54 -9.29
CA ASP A 61 -11.81 -6.88 -8.42
C ASP A 61 -12.09 -7.78 -7.22
N GLU A 62 -12.18 -9.06 -7.48
CA GLU A 62 -12.45 -10.03 -6.42
C GLU A 62 -11.48 -9.82 -5.26
N ASP A 63 -10.36 -9.18 -5.57
CA ASP A 63 -9.34 -8.91 -4.57
C ASP A 63 -9.25 -7.41 -4.34
N LEU A 64 -9.47 -6.66 -5.41
CA LEU A 64 -9.41 -5.21 -5.33
C LEU A 64 -10.43 -4.71 -4.30
N ALA A 65 -11.36 -5.59 -3.97
CA ALA A 65 -12.39 -5.26 -3.00
C ALA A 65 -11.79 -5.28 -1.59
N GLY A 66 -10.90 -6.24 -1.38
CA GLY A 66 -10.25 -6.38 -0.10
C GLY A 66 -9.15 -5.32 0.08
N LEU A 67 -8.34 -5.17 -0.95
CA LEU A 67 -7.26 -4.20 -0.92
C LEU A 67 -7.74 -2.93 -0.23
N ARG A 68 -7.03 -2.54 0.82
CA ARG A 68 -7.38 -1.34 1.56
C ARG A 68 -6.27 -0.30 1.44
N THR A 69 -5.04 -0.79 1.49
CA THR A 69 -3.88 0.08 1.39
C THR A 69 -2.83 -0.53 0.46
N VAL A 70 -1.85 0.29 0.11
CA VAL A 70 -0.78 -0.15 -0.77
C VAL A 70 -0.23 -1.48 -0.26
N GLY A 71 0.04 -1.51 1.04
CA GLY A 71 0.57 -2.72 1.66
C GLY A 71 -0.29 -3.94 1.34
N ASP A 72 -1.60 -3.69 1.27
CA ASP A 72 -2.55 -4.76 0.98
C ASP A 72 -2.59 -4.98 -0.54
N VAL A 73 -2.39 -3.90 -1.27
CA VAL A 73 -2.41 -3.96 -2.71
C VAL A 73 -1.09 -4.55 -3.22
N VAL A 74 -0.12 -4.60 -2.31
CA VAL A 74 1.19 -5.14 -2.64
C VAL A 74 1.25 -6.60 -2.23
N ALA A 75 0.92 -6.85 -0.97
CA ALA A 75 0.93 -8.21 -0.45
C ALA A 75 0.19 -9.13 -1.41
N TYR A 76 -1.07 -8.80 -1.65
CA TYR A 76 -1.90 -9.58 -2.55
C TYR A 76 -1.12 -10.02 -3.79
N ILE A 77 -0.15 -9.19 -4.15
CA ILE A 77 0.68 -9.48 -5.31
C ILE A 77 1.71 -10.56 -4.94
N GLN A 78 2.74 -10.13 -4.25
CA GLN A 78 3.80 -11.05 -3.82
C GLN A 78 3.19 -12.23 -3.07
N LYS A 79 2.40 -11.91 -2.06
CA LYS A 79 1.75 -12.94 -1.26
C LYS A 79 1.34 -14.10 -2.15
N LEU A 80 0.86 -13.75 -3.34
CA LEU A 80 0.42 -14.75 -4.30
C LEU A 80 1.63 -15.29 -5.06
N GLU A 81 2.48 -14.35 -5.48
CA GLU A 81 3.68 -14.72 -6.22
C GLU A 81 4.47 -15.78 -5.45
N GLU A 82 4.38 -15.71 -4.14
CA GLU A 82 5.08 -16.65 -3.28
C GLU A 82 4.20 -17.03 -2.09
N GLU A 83 4.51 -16.42 -0.96
CA GLU A 83 3.76 -16.68 0.27
C GLU A 83 3.94 -15.52 1.25
N ASN A 84 5.12 -15.45 1.83
CA ASN A 84 5.42 -14.40 2.79
C ASN A 84 4.45 -14.48 3.96
N PRO A 85 4.61 -15.56 4.77
CA PRO A 85 3.76 -15.78 5.93
C PRO A 85 4.13 -14.83 7.06
N GLU A 86 4.12 -13.54 6.75
CA GLU A 86 4.45 -12.53 7.73
C GLU A 86 3.47 -11.35 7.64
N ALA A 87 3.49 -10.71 6.48
CA ALA A 87 2.60 -9.57 6.24
C ALA A 87 2.73 -9.14 4.78
N ALA A 88 3.56 -8.14 4.56
CA ALA A 88 3.76 -7.62 3.21
C ALA A 88 4.81 -6.49 3.26
N GLN A 89 6.02 -6.88 3.60
CA GLN A 89 7.11 -5.92 3.70
C GLN A 89 6.57 -4.54 4.09
N ALA A 90 5.88 -4.52 5.21
CA ALA A 90 5.30 -3.27 5.71
C ALA A 90 5.11 -3.38 7.22
N LEU A 91 4.22 -4.28 7.61
CA LEU A 91 3.94 -4.49 9.01
C LEU A 91 3.75 -3.14 9.70
N ARG A 92 3.67 -3.18 11.03
CA ARG A 92 3.50 -1.97 11.81
C ARG A 92 2.34 -1.14 11.25
N ALA A 93 1.14 -1.68 11.40
CA ALA A 93 -0.04 -1.00 10.91
C ALA A 93 -1.18 -2.01 10.78
N LYS A 94 -0.80 -3.26 10.55
CA LYS A 94 -1.77 -4.33 10.40
C LYS A 94 -2.70 -4.00 9.22
N ILE A 95 -3.18 -5.06 8.58
CA ILE A 95 -4.07 -4.91 7.44
C ILE A 95 -5.05 -6.09 7.40
N GLU A 96 -4.48 -7.28 7.48
CA GLU A 96 -5.28 -8.49 7.45
C GLU A 96 -5.07 -9.30 8.74
N SER A 97 -3.86 -9.26 9.23
CA SER A 97 -3.51 -9.97 10.46
C SER A 97 -2.02 -9.84 10.75
N GLU A 98 -1.50 -8.66 10.46
CA GLU A 98 -0.09 -8.39 10.69
C GLU A 98 0.12 -7.74 12.06
N ASN A 99 1.21 -7.00 12.17
CA ASN A 99 1.54 -6.33 13.42
C ASN A 99 1.17 -7.23 14.60
N PRO A 100 2.10 -8.19 14.90
CA PRO A 100 1.89 -9.12 15.98
C PRO A 100 2.11 -8.44 17.34
N ASP A 101 2.68 -7.25 17.28
CA ASP A 101 2.96 -6.49 18.48
C ASP A 101 3.41 -5.07 18.10
N ALA A 102 4.44 -5.01 17.27
CA ALA A 102 4.97 -3.75 16.82
C ALA A 102 5.94 -3.20 17.87
N VAL A 103 6.66 -4.12 18.51
CA VAL A 103 7.62 -3.75 19.52
C VAL A 103 8.94 -4.46 19.27
N ALA A 104 9.74 -4.57 20.32
CA ALA A 104 11.03 -5.23 20.22
C ALA A 104 12.05 -4.25 19.61
N ASN A 105 11.98 -3.02 20.09
CA ASN A 105 12.89 -1.99 19.60
C ASN A 105 14.32 -2.51 19.66
N VAL A 106 15.24 -1.67 19.20
CA VAL A 106 16.66 -2.03 19.18
C VAL A 106 17.07 -2.47 20.59
N GLN A 107 18.27 -3.04 20.67
CA GLN A 107 18.79 -3.51 21.95
C GLN A 107 20.10 -4.28 21.73
N ALA A 108 21.02 -4.09 22.66
CA ALA A 108 22.30 -4.76 22.59
C ALA A 108 23.20 -4.04 21.58
N ARG A 109 22.89 -2.77 21.39
CA ARG A 109 23.65 -1.96 20.45
C ARG A 109 24.29 -0.77 21.18
N LEU A 110 24.49 -0.95 22.47
CA LEU A 110 25.10 0.09 23.29
C LEU A 110 26.44 -0.40 23.84
N GLU A 111 27.20 0.53 24.37
CA GLU A 111 28.51 0.21 24.93
C GLU A 111 28.73 0.96 26.25
N ALA A 112 28.09 0.44 27.28
CA ALA A 112 28.19 1.05 28.61
C ALA A 112 28.32 -0.06 29.66
N GLU A 113 29.56 -0.43 29.94
CA GLU A 113 29.82 -1.46 30.93
C GLU A 113 31.27 -1.37 31.41
N SER A 114 32.18 -1.30 30.46
CA SER A 114 33.59 -1.21 30.78
C SER A 114 34.06 -2.49 31.49
N LYS A 115 35.36 -2.55 31.74
CA LYS A 115 35.95 -3.71 32.40
C LYS A 115 35.72 -3.59 33.91
N MET A 1 12.31 -11.23 -5.73
CA MET A 1 13.27 -10.20 -6.12
C MET A 1 12.58 -9.03 -6.80
N PRO A 2 11.82 -9.35 -7.89
CA PRO A 2 11.11 -8.33 -8.64
C PRO A 2 9.87 -7.86 -7.88
N VAL A 3 9.29 -6.78 -8.37
CA VAL A 3 8.11 -6.22 -7.75
C VAL A 3 8.42 -5.85 -6.31
N THR A 4 9.38 -4.95 -6.15
CA THR A 4 9.78 -4.50 -4.83
C THR A 4 8.88 -3.34 -4.36
N GLN A 5 9.21 -2.82 -3.19
CA GLN A 5 8.45 -1.73 -2.62
C GLN A 5 8.42 -0.54 -3.59
N GLU A 6 9.60 0.02 -3.81
CA GLU A 6 9.71 1.16 -4.71
C GLU A 6 9.06 0.85 -6.05
N GLU A 7 8.87 -0.43 -6.31
CA GLU A 7 8.25 -0.87 -7.55
C GLU A 7 6.74 -0.63 -7.50
N ILE A 8 6.16 -0.92 -6.36
CA ILE A 8 4.73 -0.73 -6.18
C ILE A 8 4.47 0.62 -5.51
N ILE A 9 5.57 1.28 -5.18
CA ILE A 9 5.48 2.59 -4.54
C ILE A 9 5.88 3.68 -5.54
N ALA A 10 6.91 3.38 -6.32
CA ALA A 10 7.40 4.31 -7.31
C ALA A 10 6.76 3.99 -8.66
N GLY A 11 6.56 2.71 -8.90
CA GLY A 11 5.94 2.26 -10.13
C GLY A 11 4.48 2.67 -10.21
N ILE A 12 3.79 2.53 -9.08
CA ILE A 12 2.39 2.89 -9.00
C ILE A 12 2.26 4.41 -8.87
N ALA A 13 2.97 4.95 -7.88
CA ALA A 13 2.95 6.38 -7.63
C ALA A 13 3.00 7.12 -8.97
N GLU A 14 3.95 6.71 -9.80
CA GLU A 14 4.12 7.34 -11.10
C GLU A 14 2.84 7.19 -11.93
N ILE A 15 2.24 6.01 -11.82
CA ILE A 15 1.02 5.73 -12.55
C ILE A 15 -0.11 6.62 -12.02
N ILE A 16 -0.20 6.67 -10.69
CA ILE A 16 -1.22 7.47 -10.05
C ILE A 16 -1.12 8.91 -10.53
N GLU A 17 0.11 9.32 -10.83
CA GLU A 17 0.36 10.67 -11.31
C GLU A 17 -0.07 10.81 -12.76
N GLU A 18 -0.62 9.71 -13.29
CA GLU A 18 -1.07 9.71 -14.67
C GLU A 18 -2.60 9.67 -14.72
N VAL A 19 -3.17 8.92 -13.80
CA VAL A 19 -4.62 8.79 -13.73
C VAL A 19 -5.18 9.94 -12.88
N THR A 20 -4.72 10.00 -11.64
CA THR A 20 -5.16 11.04 -10.73
C THR A 20 -4.37 12.33 -10.93
N GLY A 21 -3.14 12.15 -11.41
CA GLY A 21 -2.26 13.28 -11.66
C GLY A 21 -1.66 13.81 -10.35
N ILE A 22 -1.53 12.91 -9.39
CA ILE A 22 -0.98 13.27 -8.10
C ILE A 22 0.53 13.07 -8.12
N GLU A 23 1.19 13.63 -7.11
CA GLU A 23 2.64 13.53 -7.01
C GLU A 23 3.04 12.07 -6.77
N PRO A 24 4.26 11.74 -7.27
CA PRO A 24 4.78 10.38 -7.12
C PRO A 24 5.27 10.14 -5.69
N SER A 25 6.08 11.07 -5.21
CA SER A 25 6.61 10.96 -3.86
C SER A 25 5.47 11.03 -2.83
N GLU A 26 4.40 11.68 -3.24
CA GLU A 26 3.23 11.83 -2.37
C GLU A 26 2.66 10.45 -2.02
N ILE A 27 2.63 9.59 -3.03
CA ILE A 27 2.12 8.24 -2.83
C ILE A 27 2.97 7.51 -1.80
N THR A 28 2.29 6.85 -0.87
CA THR A 28 2.98 6.11 0.17
C THR A 28 2.28 4.78 0.44
N PRO A 29 3.01 3.87 1.13
CA PRO A 29 2.46 2.56 1.45
C PRO A 29 1.45 2.66 2.60
N GLU A 30 1.23 3.89 3.05
CA GLU A 30 0.30 4.13 4.13
C GLU A 30 -1.05 4.61 3.58
N LYS A 31 -1.15 4.57 2.25
CA LYS A 31 -2.36 5.00 1.59
C LYS A 31 -3.53 4.13 2.07
N SER A 32 -4.73 4.52 1.66
CA SER A 32 -5.93 3.80 2.04
C SER A 32 -6.83 3.60 0.82
N PHE A 33 -6.24 3.81 -0.36
CA PHE A 33 -6.97 3.66 -1.61
C PHE A 33 -7.84 4.89 -1.88
N VAL A 34 -8.40 5.42 -0.81
CA VAL A 34 -9.26 6.59 -0.92
C VAL A 34 -8.93 7.58 0.20
N ASP A 35 -9.01 7.09 1.43
CA ASP A 35 -8.71 7.91 2.58
C ASP A 35 -7.54 8.82 2.27
N ASP A 36 -6.65 8.33 1.42
CA ASP A 36 -5.47 9.08 1.03
C ASP A 36 -5.67 9.63 -0.39
N LEU A 37 -5.76 8.71 -1.34
CA LEU A 37 -5.95 9.09 -2.73
C LEU A 37 -7.04 10.16 -2.82
N ASP A 38 -8.20 9.84 -2.26
CA ASP A 38 -9.31 10.77 -2.27
C ASP A 38 -9.81 10.94 -3.71
N ILE A 39 -9.33 10.07 -4.57
CA ILE A 39 -9.73 10.11 -5.98
C ILE A 39 -10.88 9.13 -6.22
N ASP A 40 -11.07 8.24 -5.25
CA ASP A 40 -12.13 7.26 -5.34
C ASP A 40 -11.59 6.00 -6.04
N SER A 41 -12.51 5.10 -6.35
CA SER A 41 -12.15 3.87 -7.02
C SER A 41 -12.20 4.05 -8.53
N LEU A 42 -12.55 5.27 -8.93
CA LEU A 42 -12.64 5.59 -10.35
C LEU A 42 -11.24 5.54 -10.96
N SER A 43 -10.44 6.53 -10.60
CA SER A 43 -9.08 6.61 -11.12
C SER A 43 -8.29 5.37 -10.70
N MET A 44 -8.41 5.03 -9.43
CA MET A 44 -7.73 3.87 -8.90
C MET A 44 -7.89 2.66 -9.81
N VAL A 45 -9.06 2.58 -10.43
CA VAL A 45 -9.35 1.48 -11.34
C VAL A 45 -8.34 1.49 -12.48
N GLU A 46 -7.98 2.68 -12.91
CA GLU A 46 -7.03 2.83 -14.00
C GLU A 46 -5.63 2.42 -13.53
N ILE A 47 -5.19 3.06 -12.45
CA ILE A 47 -3.87 2.77 -11.89
C ILE A 47 -3.64 1.26 -11.91
N ALA A 48 -4.69 0.53 -11.58
CA ALA A 48 -4.61 -0.93 -11.56
C ALA A 48 -4.61 -1.46 -12.98
N VAL A 49 -5.58 -0.98 -13.76
CA VAL A 49 -5.70 -1.41 -15.15
C VAL A 49 -4.33 -1.34 -15.81
N GLN A 50 -3.49 -0.46 -15.30
CA GLN A 50 -2.15 -0.30 -15.84
C GLN A 50 -1.18 -1.26 -15.14
N THR A 51 -1.08 -1.10 -13.84
CA THR A 51 -0.19 -1.95 -13.05
C THR A 51 -0.46 -3.42 -13.34
N GLU A 52 -1.74 -3.72 -13.52
CA GLU A 52 -2.15 -5.09 -13.81
C GLU A 52 -1.80 -5.46 -15.25
N ASP A 53 -1.28 -4.48 -15.97
CA ASP A 53 -0.90 -4.70 -17.35
C ASP A 53 0.62 -4.51 -17.50
N LYS A 54 1.07 -3.30 -17.19
CA LYS A 54 2.48 -2.98 -17.27
C LYS A 54 3.29 -4.14 -16.68
N TYR A 55 2.79 -4.67 -15.58
CA TYR A 55 3.45 -5.78 -14.91
C TYR A 55 2.78 -7.11 -15.24
N GLY A 56 1.46 -7.08 -15.19
CA GLY A 56 0.68 -8.28 -15.47
C GLY A 56 0.28 -9.00 -14.19
N VAL A 57 -0.10 -8.20 -13.20
CA VAL A 57 -0.50 -8.75 -11.91
C VAL A 57 -2.01 -8.93 -11.90
N LYS A 58 -2.46 -9.91 -11.11
CA LYS A 58 -3.88 -10.19 -11.00
C LYS A 58 -4.42 -9.53 -9.73
N ILE A 59 -5.36 -8.62 -9.94
CA ILE A 59 -5.97 -7.90 -8.83
C ILE A 59 -7.41 -7.55 -9.19
N PRO A 60 -8.24 -8.62 -9.35
CA PRO A 60 -9.64 -8.43 -9.69
C PRO A 60 -10.44 -7.95 -8.49
N ASP A 61 -11.71 -7.64 -8.74
CA ASP A 61 -12.59 -7.18 -7.68
C ASP A 61 -12.56 -8.18 -6.52
N GLU A 62 -12.53 -9.45 -6.88
CA GLU A 62 -12.50 -10.51 -5.88
C GLU A 62 -11.55 -10.14 -4.74
N ASP A 63 -10.57 -9.32 -5.09
CA ASP A 63 -9.58 -8.89 -4.10
C ASP A 63 -9.63 -7.36 -3.99
N LEU A 64 -9.68 -6.71 -5.14
CA LEU A 64 -9.73 -5.26 -5.18
C LEU A 64 -10.78 -4.76 -4.19
N ALA A 65 -11.75 -5.62 -3.92
CA ALA A 65 -12.81 -5.29 -2.99
C ALA A 65 -12.25 -5.22 -1.57
N GLY A 66 -11.39 -6.18 -1.27
CA GLY A 66 -10.78 -6.26 0.05
C GLY A 66 -9.64 -5.25 0.17
N LEU A 67 -8.82 -5.19 -0.86
CA LEU A 67 -7.69 -4.28 -0.88
C LEU A 67 -8.10 -2.95 -0.25
N ARG A 68 -7.35 -2.55 0.76
CA ARG A 68 -7.61 -1.31 1.46
C ARG A 68 -6.43 -0.36 1.34
N THR A 69 -5.24 -0.92 1.48
CA THR A 69 -4.02 -0.14 1.39
C THR A 69 -3.04 -0.79 0.42
N VAL A 70 -1.92 -0.11 0.21
CA VAL A 70 -0.90 -0.61 -0.69
C VAL A 70 -0.41 -1.97 -0.21
N GLY A 71 -0.16 -2.04 1.10
CA GLY A 71 0.31 -3.27 1.70
C GLY A 71 -0.66 -4.42 1.44
N ASP A 72 -1.90 -4.05 1.17
CA ASP A 72 -2.94 -5.03 0.90
C ASP A 72 -3.04 -5.25 -0.61
N VAL A 73 -2.76 -4.19 -1.36
CA VAL A 73 -2.82 -4.25 -2.81
C VAL A 73 -1.51 -4.84 -3.34
N VAL A 74 -0.52 -4.91 -2.45
CA VAL A 74 0.77 -5.44 -2.82
C VAL A 74 0.87 -6.89 -2.35
N ALA A 75 0.54 -7.10 -1.10
CA ALA A 75 0.59 -8.43 -0.51
C ALA A 75 -0.03 -9.44 -1.49
N TYR A 76 -1.28 -9.18 -1.84
CA TYR A 76 -1.99 -10.04 -2.76
C TYR A 76 -1.13 -10.35 -3.99
N ILE A 77 -0.20 -9.46 -4.26
CA ILE A 77 0.68 -9.62 -5.41
C ILE A 77 1.85 -10.54 -5.02
N GLN A 78 2.78 -9.98 -4.26
CA GLN A 78 3.94 -10.73 -3.81
C GLN A 78 3.49 -12.04 -3.15
N LYS A 79 2.62 -11.90 -2.17
CA LYS A 79 2.11 -13.05 -1.45
C LYS A 79 1.86 -14.19 -2.44
N LEU A 80 1.08 -13.89 -3.45
CA LEU A 80 0.75 -14.88 -4.47
C LEU A 80 2.04 -15.35 -5.14
N GLU A 81 2.92 -14.40 -5.40
CA GLU A 81 4.19 -14.71 -6.04
C GLU A 81 4.92 -15.81 -5.28
N GLU A 82 5.29 -15.47 -4.05
CA GLU A 82 6.00 -16.43 -3.21
C GLU A 82 5.27 -16.60 -1.87
N GLU A 83 5.77 -15.88 -0.87
CA GLU A 83 5.18 -15.94 0.46
C GLU A 83 5.52 -14.67 1.25
N ASN A 84 6.77 -14.58 1.65
CA ASN A 84 7.24 -13.44 2.41
C ASN A 84 6.73 -13.54 3.85
N PRO A 85 7.70 -13.69 4.80
CA PRO A 85 7.35 -13.80 6.20
C PRO A 85 6.95 -12.45 6.78
N GLU A 86 7.51 -11.40 6.18
CA GLU A 86 7.23 -10.05 6.62
C GLU A 86 5.72 -9.80 6.64
N ALA A 87 5.07 -10.26 5.58
CA ALA A 87 3.63 -10.10 5.46
C ALA A 87 3.32 -8.74 4.83
N ALA A 88 4.06 -8.45 3.76
CA ALA A 88 3.87 -7.18 3.06
C ALA A 88 4.23 -6.02 4.00
N GLN A 89 5.15 -5.20 3.54
CA GLN A 89 5.59 -4.06 4.33
C GLN A 89 4.39 -3.18 4.70
N ALA A 90 4.54 -2.45 5.80
CA ALA A 90 3.48 -1.58 6.28
C ALA A 90 2.45 -2.41 7.02
N LEU A 91 2.93 -3.32 7.85
CA LEU A 91 2.06 -4.18 8.62
C LEU A 91 2.70 -4.46 9.98
N ARG A 92 1.85 -4.71 10.96
CA ARG A 92 2.32 -5.00 12.31
C ARG A 92 1.13 -5.22 13.25
N ALA A 93 0.18 -6.01 12.77
CA ALA A 93 -1.01 -6.31 13.55
C ALA A 93 -1.62 -7.63 13.07
N LYS A 94 -2.10 -7.60 11.84
CA LYS A 94 -2.71 -8.77 11.24
C LYS A 94 -1.76 -9.36 10.20
N ILE A 95 -2.17 -10.48 9.63
CA ILE A 95 -1.37 -11.15 8.61
C ILE A 95 -1.24 -10.25 7.39
N GLU A 96 -2.39 -9.98 6.78
CA GLU A 96 -2.41 -9.12 5.60
C GLU A 96 -1.81 -7.76 5.91
N SER A 97 -2.62 -6.91 6.53
CA SER A 97 -2.18 -5.58 6.89
C SER A 97 -3.31 -4.83 7.59
N GLU A 98 -3.00 -4.32 8.77
CA GLU A 98 -3.97 -3.58 9.56
C GLU A 98 -3.29 -2.44 10.32
N ASN A 99 -2.11 -2.09 9.85
CA ASN A 99 -1.34 -1.02 10.47
C ASN A 99 -2.23 0.22 10.62
N PRO A 100 -2.53 0.56 11.90
CA PRO A 100 -3.37 1.71 12.19
C PRO A 100 -2.60 3.02 11.99
N ASP A 101 -1.28 2.88 11.91
CA ASP A 101 -0.42 4.04 11.71
C ASP A 101 1.01 3.55 11.44
N ALA A 102 1.55 2.84 12.41
CA ALA A 102 2.91 2.31 12.28
C ALA A 102 3.90 3.40 12.69
N VAL A 103 3.60 4.06 13.79
CA VAL A 103 4.46 5.11 14.30
C VAL A 103 4.46 5.08 15.83
N ALA A 104 5.36 5.84 16.41
CA ALA A 104 5.48 5.91 17.86
C ALA A 104 4.85 7.20 18.37
N ASN A 105 5.42 8.31 17.95
CA ASN A 105 4.92 9.62 18.35
C ASN A 105 5.83 10.71 17.78
N VAL A 106 5.23 11.85 17.48
CA VAL A 106 5.97 12.97 16.94
C VAL A 106 5.75 14.20 17.82
N GLN A 107 6.57 15.21 17.59
CA GLN A 107 6.46 16.45 18.35
C GLN A 107 6.79 17.65 17.47
N ALA A 108 5.81 18.50 17.29
CA ALA A 108 5.98 19.70 16.47
C ALA A 108 4.64 20.44 16.36
N ARG A 109 3.93 20.48 17.47
CA ARG A 109 2.64 21.15 17.51
C ARG A 109 2.59 22.15 18.66
N LEU A 110 3.44 23.18 18.55
CA LEU A 110 3.50 24.21 19.56
C LEU A 110 2.08 24.62 19.96
N GLU A 111 1.45 25.37 19.06
CA GLU A 111 0.09 25.84 19.29
C GLU A 111 -0.78 25.55 18.07
N ALA A 112 -1.75 26.43 17.85
CA ALA A 112 -2.67 26.28 16.74
C ALA A 112 -3.63 27.46 16.71
N GLU A 113 -3.09 28.63 16.41
CA GLU A 113 -3.89 29.84 16.35
C GLU A 113 -4.09 30.27 14.90
N SER A 114 -2.98 30.58 14.25
CA SER A 114 -3.02 31.01 12.87
C SER A 114 -3.83 32.31 12.74
N LYS A 115 -3.38 33.17 11.84
CA LYS A 115 -4.05 34.44 11.61
C LYS A 115 -4.53 35.00 12.95
N MET A 1 12.77 -8.08 -14.59
CA MET A 1 11.80 -7.07 -14.21
C MET A 1 10.79 -7.64 -13.20
N PRO A 2 11.32 -8.03 -12.01
CA PRO A 2 10.49 -8.58 -10.96
C PRO A 2 9.67 -7.48 -10.27
N VAL A 3 8.98 -7.88 -9.22
CA VAL A 3 8.15 -6.95 -8.47
C VAL A 3 8.81 -6.67 -7.12
N THR A 4 8.43 -5.54 -6.53
CA THR A 4 8.97 -5.15 -5.25
C THR A 4 8.24 -3.91 -4.71
N GLN A 5 8.50 -3.62 -3.44
CA GLN A 5 7.87 -2.47 -2.81
C GLN A 5 8.00 -1.23 -3.70
N GLU A 6 9.23 -0.76 -3.82
CA GLU A 6 9.51 0.42 -4.64
C GLU A 6 8.87 0.27 -6.01
N GLU A 7 8.59 -0.97 -6.37
CA GLU A 7 7.98 -1.27 -7.65
C GLU A 7 6.49 -0.91 -7.63
N ILE A 8 5.84 -1.26 -6.52
CA ILE A 8 4.43 -0.98 -6.36
C ILE A 8 4.26 0.37 -5.65
N ILE A 9 5.39 0.95 -5.26
CA ILE A 9 5.38 2.22 -4.57
C ILE A 9 5.86 3.31 -5.54
N ALA A 10 6.87 2.97 -6.32
CA ALA A 10 7.42 3.91 -7.28
C ALA A 10 6.77 3.68 -8.64
N GLY A 11 6.57 2.41 -8.97
CA GLY A 11 5.96 2.04 -10.23
C GLY A 11 4.51 2.52 -10.30
N ILE A 12 3.81 2.35 -9.18
CA ILE A 12 2.42 2.77 -9.10
C ILE A 12 2.35 4.29 -8.90
N ALA A 13 3.11 4.75 -7.93
CA ALA A 13 3.15 6.18 -7.63
C ALA A 13 3.14 6.97 -8.93
N GLU A 14 3.98 6.55 -9.85
CA GLU A 14 4.08 7.21 -11.14
C GLU A 14 2.77 7.07 -11.91
N ILE A 15 2.19 5.88 -11.83
CA ILE A 15 0.93 5.61 -12.51
C ILE A 15 -0.16 6.51 -11.92
N ILE A 16 -0.16 6.60 -10.59
CA ILE A 16 -1.15 7.41 -9.90
C ILE A 16 -1.04 8.86 -10.39
N GLU A 17 0.19 9.26 -10.67
CA GLU A 17 0.46 10.61 -11.14
C GLU A 17 0.02 10.76 -12.60
N GLU A 18 -0.53 9.68 -13.13
CA GLU A 18 -0.99 9.67 -14.52
C GLU A 18 -2.52 9.66 -14.55
N VAL A 19 -3.10 8.88 -13.65
CA VAL A 19 -4.54 8.77 -13.58
C VAL A 19 -5.10 9.91 -12.72
N THR A 20 -4.67 9.91 -11.46
CA THR A 20 -5.12 10.94 -10.53
C THR A 20 -4.30 12.22 -10.72
N GLY A 21 -3.09 12.04 -11.21
CA GLY A 21 -2.20 13.18 -11.43
C GLY A 21 -1.56 13.65 -10.12
N ILE A 22 -1.51 12.74 -9.16
CA ILE A 22 -0.93 13.05 -7.87
C ILE A 22 0.58 12.84 -7.93
N GLU A 23 1.26 13.37 -6.91
CA GLU A 23 2.71 13.24 -6.84
C GLU A 23 3.10 11.78 -6.64
N PRO A 24 4.29 11.43 -7.20
CA PRO A 24 4.79 10.07 -7.09
C PRO A 24 5.34 9.79 -5.69
N SER A 25 6.17 10.71 -5.22
CA SER A 25 6.77 10.57 -3.90
C SER A 25 5.68 10.66 -2.83
N GLU A 26 4.58 11.31 -3.20
CA GLU A 26 3.47 11.46 -2.28
C GLU A 26 2.92 10.10 -1.87
N ILE A 27 2.85 9.20 -2.84
CA ILE A 27 2.35 7.86 -2.60
C ILE A 27 3.24 7.17 -1.58
N THR A 28 2.62 6.29 -0.80
CA THR A 28 3.36 5.56 0.22
C THR A 28 2.52 4.37 0.71
N PRO A 29 3.21 3.45 1.46
CA PRO A 29 2.55 2.28 1.98
C PRO A 29 1.67 2.63 3.19
N GLU A 30 0.90 3.70 3.02
CA GLU A 30 0.02 4.15 4.08
C GLU A 30 -1.35 4.52 3.50
N LYS A 31 -1.35 4.86 2.23
CA LYS A 31 -2.58 5.24 1.55
C LYS A 31 -3.69 4.26 1.93
N SER A 32 -4.92 4.67 1.66
CA SER A 32 -6.07 3.84 1.98
C SER A 32 -6.91 3.62 0.72
N PHE A 33 -6.32 3.95 -0.42
CA PHE A 33 -7.01 3.79 -1.69
C PHE A 33 -7.96 4.96 -1.95
N VAL A 34 -8.57 5.42 -0.87
CA VAL A 34 -9.51 6.53 -0.97
C VAL A 34 -9.28 7.49 0.19
N ASP A 35 -9.35 6.95 1.40
CA ASP A 35 -9.15 7.75 2.60
C ASP A 35 -8.04 8.76 2.35
N ASP A 36 -7.09 8.37 1.51
CA ASP A 36 -5.96 9.22 1.18
C ASP A 36 -6.15 9.76 -0.23
N LEU A 37 -6.05 8.87 -1.20
CA LEU A 37 -6.21 9.24 -2.60
C LEU A 37 -7.33 10.26 -2.73
N ASP A 38 -8.50 9.89 -2.21
CA ASP A 38 -9.66 10.75 -2.26
C ASP A 38 -10.12 10.91 -3.72
N ILE A 39 -9.58 10.05 -4.56
CA ILE A 39 -9.92 10.07 -5.97
C ILE A 39 -11.06 9.09 -6.23
N ASP A 40 -11.25 8.19 -5.28
CA ASP A 40 -12.30 7.19 -5.40
C ASP A 40 -11.74 5.96 -6.12
N SER A 41 -12.64 5.04 -6.44
CA SER A 41 -12.26 3.83 -7.13
C SER A 41 -12.27 4.05 -8.65
N LEU A 42 -12.62 5.28 -9.03
CA LEU A 42 -12.67 5.63 -10.43
C LEU A 42 -11.26 5.60 -11.02
N SER A 43 -10.44 6.54 -10.57
CA SER A 43 -9.07 6.62 -11.04
C SER A 43 -8.29 5.38 -10.60
N MET A 44 -8.41 5.07 -9.32
CA MET A 44 -7.71 3.91 -8.76
C MET A 44 -7.90 2.69 -9.65
N VAL A 45 -9.07 2.61 -10.26
CA VAL A 45 -9.38 1.49 -11.14
C VAL A 45 -8.39 1.49 -12.31
N GLU A 46 -8.02 2.68 -12.74
CA GLU A 46 -7.08 2.82 -13.84
C GLU A 46 -5.67 2.42 -13.40
N ILE A 47 -5.22 3.06 -12.34
CA ILE A 47 -3.89 2.78 -11.81
C ILE A 47 -3.65 1.27 -11.83
N ALA A 48 -4.69 0.53 -11.46
CA ALA A 48 -4.60 -0.92 -11.43
C ALA A 48 -4.64 -1.45 -12.86
N VAL A 49 -5.66 -1.01 -13.60
CA VAL A 49 -5.84 -1.44 -14.97
C VAL A 49 -4.49 -1.34 -15.71
N GLN A 50 -3.65 -0.47 -15.20
CA GLN A 50 -2.33 -0.27 -15.81
C GLN A 50 -1.32 -1.24 -15.18
N THR A 51 -1.14 -1.10 -13.87
CA THR A 51 -0.22 -1.94 -13.15
C THR A 51 -0.49 -3.42 -13.45
N GLU A 52 -1.77 -3.74 -13.54
CA GLU A 52 -2.18 -5.10 -13.82
C GLU A 52 -1.93 -5.44 -15.29
N ASP A 53 -1.43 -4.46 -16.02
CA ASP A 53 -1.15 -4.64 -17.43
C ASP A 53 0.35 -4.43 -17.66
N LYS A 54 0.80 -3.22 -17.41
CA LYS A 54 2.21 -2.88 -17.58
C LYS A 54 3.08 -4.02 -17.03
N TYR A 55 2.65 -4.53 -15.88
CA TYR A 55 3.37 -5.61 -15.23
C TYR A 55 2.64 -6.95 -15.41
N GLY A 56 1.34 -6.90 -15.16
CA GLY A 56 0.52 -8.10 -15.29
C GLY A 56 0.25 -8.72 -13.91
N VAL A 57 0.08 -7.85 -12.93
CA VAL A 57 -0.19 -8.31 -11.57
C VAL A 57 -1.62 -8.83 -11.49
N LYS A 58 -1.82 -9.79 -10.59
CA LYS A 58 -3.13 -10.37 -10.41
C LYS A 58 -3.86 -9.64 -9.28
N ILE A 59 -4.69 -8.69 -9.67
CA ILE A 59 -5.46 -7.91 -8.71
C ILE A 59 -6.84 -7.62 -9.27
N PRO A 60 -7.67 -8.69 -9.34
CA PRO A 60 -9.03 -8.56 -9.85
C PRO A 60 -9.94 -7.88 -8.83
N ASP A 61 -11.12 -7.51 -9.30
CA ASP A 61 -12.09 -6.84 -8.45
C ASP A 61 -12.34 -7.71 -7.21
N GLU A 62 -12.43 -9.00 -7.44
CA GLU A 62 -12.68 -9.94 -6.36
C GLU A 62 -11.68 -9.72 -5.23
N ASP A 63 -10.57 -9.07 -5.57
CA ASP A 63 -9.53 -8.78 -4.60
C ASP A 63 -9.44 -7.27 -4.39
N LEU A 64 -9.67 -6.54 -5.47
CA LEU A 64 -9.62 -5.09 -5.42
C LEU A 64 -10.66 -4.58 -4.43
N ALA A 65 -11.58 -5.46 -4.08
CA ALA A 65 -12.64 -5.12 -3.14
C ALA A 65 -12.07 -5.14 -1.71
N GLY A 66 -11.22 -6.13 -1.47
CA GLY A 66 -10.60 -6.28 -0.16
C GLY A 66 -9.49 -5.25 0.04
N LEU A 67 -8.62 -5.16 -0.96
CA LEU A 67 -7.51 -4.23 -0.90
C LEU A 67 -7.99 -2.91 -0.28
N ARG A 68 -7.25 -2.47 0.73
CA ARG A 68 -7.59 -1.23 1.42
C ARG A 68 -6.45 -0.22 1.28
N THR A 69 -5.24 -0.73 1.43
CA THR A 69 -4.05 0.11 1.33
C THR A 69 -3.01 -0.55 0.42
N VAL A 70 -2.08 0.27 -0.04
CA VAL A 70 -1.02 -0.22 -0.91
C VAL A 70 -0.46 -1.52 -0.35
N GLY A 71 -0.16 -1.48 0.94
CA GLY A 71 0.38 -2.65 1.62
C GLY A 71 -0.48 -3.89 1.34
N ASP A 72 -1.77 -3.67 1.25
CA ASP A 72 -2.70 -4.75 0.98
C ASP A 72 -2.75 -5.03 -0.53
N VAL A 73 -2.63 -3.94 -1.29
CA VAL A 73 -2.65 -4.05 -2.75
C VAL A 73 -1.35 -4.67 -3.23
N VAL A 74 -0.38 -4.72 -2.33
CA VAL A 74 0.92 -5.28 -2.65
C VAL A 74 0.96 -6.75 -2.22
N ALA A 75 0.75 -6.94 -0.92
CA ALA A 75 0.76 -8.29 -0.36
C ALA A 75 -0.02 -9.23 -1.29
N TYR A 76 -1.26 -8.85 -1.55
CA TYR A 76 -2.12 -9.64 -2.41
C TYR A 76 -1.37 -10.11 -3.65
N ILE A 77 -0.36 -9.35 -4.02
CA ILE A 77 0.45 -9.68 -5.18
C ILE A 77 1.57 -10.62 -4.76
N GLN A 78 2.59 -10.05 -4.12
CA GLN A 78 3.72 -10.84 -3.67
C GLN A 78 3.24 -12.11 -2.95
N LYS A 79 2.36 -11.90 -1.99
CA LYS A 79 1.82 -13.02 -1.23
C LYS A 79 1.33 -14.10 -2.19
N LEU A 80 0.69 -13.64 -3.26
CA LEU A 80 0.17 -14.56 -4.26
C LEU A 80 1.30 -15.45 -4.78
N GLU A 81 2.47 -14.83 -4.96
CA GLU A 81 3.63 -15.55 -5.44
C GLU A 81 4.35 -16.25 -4.29
N GLU A 82 5.27 -15.51 -3.68
CA GLU A 82 6.02 -16.05 -2.56
C GLU A 82 7.24 -15.17 -2.27
N GLU A 83 7.02 -14.19 -1.40
CA GLU A 83 8.09 -13.27 -1.04
C GLU A 83 8.21 -13.18 0.49
N ASN A 84 7.26 -12.48 1.08
CA ASN A 84 7.24 -12.30 2.53
C ASN A 84 5.96 -12.91 3.09
N PRO A 85 5.98 -14.26 3.25
CA PRO A 85 4.82 -14.97 3.78
C PRO A 85 4.70 -14.76 5.28
N GLU A 86 4.66 -13.49 5.68
CA GLU A 86 4.54 -13.15 7.09
C GLU A 86 3.51 -12.04 7.27
N ALA A 87 3.88 -10.85 6.82
CA ALA A 87 2.99 -9.70 6.94
C ALA A 87 3.52 -8.58 6.04
N ALA A 88 2.68 -8.19 5.08
CA ALA A 88 3.04 -7.13 4.15
C ALA A 88 3.56 -5.92 4.94
N GLN A 89 3.98 -4.91 4.21
CA GLN A 89 4.51 -3.70 4.83
C GLN A 89 3.38 -2.89 5.44
N ALA A 90 2.96 -3.32 6.62
CA ALA A 90 1.88 -2.64 7.33
C ALA A 90 1.47 -3.48 8.54
N LEU A 91 2.46 -3.78 9.38
CA LEU A 91 2.22 -4.58 10.57
C LEU A 91 3.14 -4.10 11.69
N ARG A 92 2.56 -3.96 12.88
CA ARG A 92 3.31 -3.52 14.03
C ARG A 92 2.66 -4.01 15.32
N ALA A 93 2.24 -5.27 15.29
CA ALA A 93 1.60 -5.88 16.45
C ALA A 93 1.28 -7.34 16.14
N LYS A 94 0.39 -7.53 15.17
CA LYS A 94 -0.01 -8.87 14.78
C LYS A 94 0.41 -9.11 13.32
N ILE A 95 0.26 -10.35 12.90
CA ILE A 95 0.60 -10.73 11.54
C ILE A 95 -0.63 -10.57 10.65
N GLU A 96 -1.77 -10.99 11.17
CA GLU A 96 -3.01 -10.90 10.44
C GLU A 96 -3.30 -9.45 10.05
N SER A 97 -3.63 -8.65 11.06
CA SER A 97 -3.93 -7.25 10.84
C SER A 97 -4.10 -6.54 12.18
N GLU A 98 -3.22 -5.58 12.42
CA GLU A 98 -3.26 -4.81 13.64
C GLU A 98 -2.79 -3.37 13.40
N ASN A 99 -1.72 -3.26 12.63
CA ASN A 99 -1.17 -1.95 12.31
C ASN A 99 -2.29 -1.03 11.83
N PRO A 100 -3.12 -1.58 10.90
CA PRO A 100 -4.23 -0.82 10.35
C PRO A 100 -5.37 -0.72 11.36
N ASP A 101 -5.04 -0.21 12.53
CA ASP A 101 -6.03 -0.04 13.58
C ASP A 101 -5.46 0.87 14.67
N ALA A 102 -4.31 0.48 15.18
CA ALA A 102 -3.65 1.25 16.23
C ALA A 102 -4.27 0.90 17.59
N VAL A 103 -4.41 -0.39 17.82
CA VAL A 103 -4.99 -0.87 19.07
C VAL A 103 -6.29 -0.11 19.34
N ALA A 104 -6.76 -0.25 20.57
CA ALA A 104 -8.00 0.41 20.98
C ALA A 104 -7.66 1.70 21.72
N ASN A 105 -6.95 1.53 22.83
CA ASN A 105 -6.56 2.67 23.64
C ASN A 105 -5.84 2.17 24.90
N VAL A 106 -5.37 3.12 25.69
CA VAL A 106 -4.67 2.79 26.92
C VAL A 106 -5.53 3.18 28.12
N GLN A 107 -5.07 2.79 29.29
CA GLN A 107 -5.79 3.10 30.52
C GLN A 107 -5.51 4.53 30.96
N ALA A 108 -5.55 4.74 32.27
CA ALA A 108 -5.31 6.06 32.83
C ALA A 108 -3.98 6.05 33.58
N ARG A 109 -3.16 5.06 33.26
CA ARG A 109 -1.86 4.93 33.91
C ARG A 109 -1.96 5.30 35.39
N LEU A 110 -2.80 4.56 36.09
CA LEU A 110 -3.00 4.79 37.51
C LEU A 110 -2.45 3.59 38.30
N GLU A 111 -1.86 3.91 39.46
CA GLU A 111 -1.31 2.88 40.31
C GLU A 111 -1.41 3.29 41.78
N ALA A 112 -2.16 2.49 42.53
CA ALA A 112 -2.35 2.77 43.94
C ALA A 112 -1.02 3.22 44.56
N GLU A 113 -1.13 4.20 45.44
CA GLU A 113 0.06 4.73 46.10
C GLU A 113 0.20 4.12 47.50
N SER A 114 -0.82 4.34 48.31
CA SER A 114 -0.82 3.82 49.67
C SER A 114 0.45 4.27 50.41
N LYS A 115 0.46 4.02 51.71
CA LYS A 115 1.60 4.39 52.53
C LYS A 115 2.90 3.98 51.81
N MET A 1 13.88 -3.98 -9.63
CA MET A 1 13.29 -5.23 -9.20
C MET A 1 12.07 -5.59 -10.04
N PRO A 2 11.51 -6.80 -9.77
CA PRO A 2 10.34 -7.27 -10.49
C PRO A 2 9.08 -6.54 -10.03
N VAL A 3 8.77 -6.70 -8.75
CA VAL A 3 7.60 -6.07 -8.18
C VAL A 3 7.85 -5.81 -6.69
N THR A 4 8.98 -5.18 -6.41
CA THR A 4 9.35 -4.86 -5.04
C THR A 4 8.53 -3.66 -4.53
N GLN A 5 8.85 -3.25 -3.32
CA GLN A 5 8.16 -2.13 -2.71
C GLN A 5 8.22 -0.90 -3.63
N GLU A 6 9.43 -0.39 -3.79
CA GLU A 6 9.64 0.77 -4.63
C GLU A 6 9.01 0.54 -6.01
N GLU A 7 8.77 -0.72 -6.33
CA GLU A 7 8.18 -1.08 -7.60
C GLU A 7 6.68 -0.77 -7.59
N ILE A 8 6.05 -1.11 -6.48
CA ILE A 8 4.62 -0.87 -6.34
C ILE A 8 4.40 0.47 -5.64
N ILE A 9 5.51 1.09 -5.25
CA ILE A 9 5.46 2.38 -4.57
C ILE A 9 5.90 3.48 -5.53
N ALA A 10 6.95 3.17 -6.29
CA ALA A 10 7.47 4.11 -7.26
C ALA A 10 6.84 3.85 -8.62
N GLY A 11 6.62 2.58 -8.91
CA GLY A 11 6.02 2.19 -10.17
C GLY A 11 4.55 2.62 -10.24
N ILE A 12 3.86 2.44 -9.14
CA ILE A 12 2.46 2.81 -9.06
C ILE A 12 2.35 4.32 -8.90
N ALA A 13 3.05 4.84 -7.90
CA ALA A 13 3.02 6.27 -7.63
C ALA A 13 3.07 7.03 -8.96
N GLU A 14 4.00 6.61 -9.81
CA GLU A 14 4.16 7.25 -11.11
C GLU A 14 2.87 7.15 -11.90
N ILE A 15 2.26 5.97 -11.85
CA ILE A 15 1.02 5.73 -12.56
C ILE A 15 -0.08 6.59 -11.96
N ILE A 16 -0.14 6.57 -10.63
CA ILE A 16 -1.15 7.34 -9.92
C ILE A 16 -1.09 8.80 -10.37
N GLU A 17 0.12 9.22 -10.73
CA GLU A 17 0.33 10.59 -11.18
C GLU A 17 -0.14 10.74 -12.63
N GLU A 18 -0.71 9.68 -13.15
CA GLU A 18 -1.21 9.68 -14.52
C GLU A 18 -2.73 9.65 -14.53
N VAL A 19 -3.29 8.80 -13.66
CA VAL A 19 -4.73 8.67 -13.57
C VAL A 19 -5.29 9.81 -12.71
N THR A 20 -4.83 9.87 -11.47
CA THR A 20 -5.28 10.90 -10.56
C THR A 20 -4.50 12.19 -10.80
N GLY A 21 -3.26 12.02 -11.25
CA GLY A 21 -2.40 13.16 -11.52
C GLY A 21 -1.74 13.66 -10.23
N ILE A 22 -1.71 12.78 -9.24
CA ILE A 22 -1.11 13.12 -7.96
C ILE A 22 0.40 12.94 -8.04
N GLU A 23 1.10 13.48 -7.05
CA GLU A 23 2.55 13.39 -7.00
C GLU A 23 2.97 11.94 -6.76
N PRO A 24 4.16 11.59 -7.33
CA PRO A 24 4.70 10.25 -7.17
C PRO A 24 5.25 10.04 -5.76
N SER A 25 6.09 10.97 -5.35
CA SER A 25 6.71 10.91 -4.03
C SER A 25 5.63 10.93 -2.95
N GLU A 26 4.50 11.52 -3.31
CA GLU A 26 3.39 11.62 -2.38
C GLU A 26 2.87 10.22 -2.02
N ILE A 27 2.75 9.39 -3.05
CA ILE A 27 2.26 8.03 -2.86
C ILE A 27 3.21 7.28 -1.93
N THR A 28 2.64 6.76 -0.85
CA THR A 28 3.43 6.01 0.12
C THR A 28 2.67 4.76 0.57
N PRO A 29 3.43 3.84 1.23
CA PRO A 29 2.84 2.60 1.72
C PRO A 29 1.98 2.85 2.96
N GLU A 30 1.23 3.94 2.91
CA GLU A 30 0.36 4.30 4.02
C GLU A 30 -1.00 4.79 3.49
N LYS A 31 -1.17 4.66 2.19
CA LYS A 31 -2.40 5.08 1.55
C LYS A 31 -3.54 4.15 2.00
N SER A 32 -4.75 4.56 1.67
CA SER A 32 -5.93 3.80 2.03
C SER A 32 -6.81 3.57 0.80
N PHE A 33 -6.25 3.90 -0.35
CA PHE A 33 -6.96 3.74 -1.61
C PHE A 33 -7.93 4.91 -1.84
N VAL A 34 -8.51 5.38 -0.75
CA VAL A 34 -9.45 6.49 -0.81
C VAL A 34 -9.17 7.45 0.34
N ASP A 35 -9.20 6.92 1.56
CA ASP A 35 -8.95 7.72 2.74
C ASP A 35 -7.83 8.73 2.44
N ASP A 36 -6.93 8.31 1.57
CA ASP A 36 -5.81 9.16 1.20
C ASP A 36 -6.04 9.71 -0.22
N LEU A 37 -5.99 8.80 -1.18
CA LEU A 37 -6.19 9.17 -2.57
C LEU A 37 -7.34 10.19 -2.66
N ASP A 38 -8.48 9.78 -2.12
CA ASP A 38 -9.66 10.63 -2.14
C ASP A 38 -10.15 10.78 -3.58
N ILE A 39 -9.65 9.92 -4.44
CA ILE A 39 -10.03 9.95 -5.84
C ILE A 39 -11.16 8.94 -6.08
N ASP A 40 -11.29 8.02 -5.14
CA ASP A 40 -12.33 7.00 -5.22
C ASP A 40 -11.78 5.79 -5.98
N SER A 41 -12.68 4.86 -6.27
CA SER A 41 -12.30 3.66 -6.99
C SER A 41 -12.34 3.92 -8.49
N LEU A 42 -12.62 5.16 -8.85
CA LEU A 42 -12.70 5.55 -10.24
C LEU A 42 -11.29 5.50 -10.86
N SER A 43 -10.45 6.42 -10.40
CA SER A 43 -9.08 6.49 -10.89
C SER A 43 -8.31 5.25 -10.46
N MET A 44 -8.41 4.93 -9.17
CA MET A 44 -7.73 3.77 -8.63
C MET A 44 -7.94 2.54 -9.51
N VAL A 45 -9.10 2.52 -10.16
CA VAL A 45 -9.44 1.41 -11.04
C VAL A 45 -8.48 1.39 -12.23
N GLU A 46 -8.11 2.57 -12.66
CA GLU A 46 -7.19 2.70 -13.79
C GLU A 46 -5.78 2.29 -13.38
N ILE A 47 -5.29 2.95 -12.35
CA ILE A 47 -3.95 2.67 -11.83
C ILE A 47 -3.71 1.16 -11.88
N ALA A 48 -4.72 0.41 -11.46
CA ALA A 48 -4.63 -1.03 -11.44
C ALA A 48 -4.71 -1.57 -12.87
N VAL A 49 -5.71 -1.08 -13.59
CA VAL A 49 -5.91 -1.49 -14.97
C VAL A 49 -4.58 -1.40 -15.72
N GLN A 50 -3.71 -0.53 -15.22
CA GLN A 50 -2.41 -0.34 -15.83
C GLN A 50 -1.39 -1.31 -15.21
N THR A 51 -1.20 -1.16 -13.91
CA THR A 51 -0.26 -2.01 -13.19
C THR A 51 -0.54 -3.48 -13.48
N GLU A 52 -1.83 -3.80 -13.58
CA GLU A 52 -2.23 -5.16 -13.84
C GLU A 52 -2.00 -5.51 -15.32
N ASP A 53 -1.51 -4.52 -16.06
CA ASP A 53 -1.24 -4.70 -17.47
C ASP A 53 0.25 -4.51 -17.74
N LYS A 54 0.72 -3.31 -17.44
CA LYS A 54 2.12 -2.98 -17.65
C LYS A 54 2.99 -4.13 -17.12
N TYR A 55 2.58 -4.66 -15.98
CA TYR A 55 3.29 -5.76 -15.36
C TYR A 55 2.53 -7.07 -15.52
N GLY A 56 1.25 -7.01 -15.19
CA GLY A 56 0.40 -8.19 -15.28
C GLY A 56 0.06 -8.74 -13.90
N VAL A 57 0.26 -7.89 -12.90
CA VAL A 57 -0.03 -8.28 -11.52
C VAL A 57 -1.47 -8.77 -11.42
N LYS A 58 -1.68 -9.70 -10.49
CA LYS A 58 -3.01 -10.26 -10.29
C LYS A 58 -3.72 -9.48 -9.18
N ILE A 59 -4.60 -8.58 -9.60
CA ILE A 59 -5.35 -7.77 -8.65
C ILE A 59 -6.71 -7.43 -9.25
N PRO A 60 -7.52 -8.50 -9.46
CA PRO A 60 -8.86 -8.32 -10.02
C PRO A 60 -9.82 -7.75 -8.98
N ASP A 61 -10.99 -7.35 -9.46
CA ASP A 61 -12.00 -6.78 -8.59
C ASP A 61 -12.19 -7.69 -7.37
N GLU A 62 -12.19 -8.98 -7.62
CA GLU A 62 -12.35 -9.96 -6.56
C GLU A 62 -11.34 -9.70 -5.44
N ASP A 63 -10.29 -8.98 -5.80
CA ASP A 63 -9.25 -8.65 -4.83
C ASP A 63 -9.24 -7.14 -4.60
N LEU A 64 -9.54 -6.41 -5.66
CA LEU A 64 -9.57 -4.95 -5.59
C LEU A 64 -10.61 -4.51 -4.55
N ALA A 65 -11.47 -5.46 -4.20
CA ALA A 65 -12.52 -5.19 -3.23
C ALA A 65 -11.93 -5.22 -1.82
N GLY A 66 -10.98 -6.13 -1.63
CA GLY A 66 -10.33 -6.26 -0.34
C GLY A 66 -9.23 -5.21 -0.17
N LEU A 67 -8.42 -5.07 -1.22
CA LEU A 67 -7.34 -4.11 -1.19
C LEU A 67 -7.80 -2.83 -0.51
N ARG A 68 -7.10 -2.48 0.55
CA ARG A 68 -7.43 -1.28 1.31
C ARG A 68 -6.29 -0.27 1.24
N THR A 69 -5.07 -0.80 1.33
CA THR A 69 -3.89 0.05 1.27
C THR A 69 -2.85 -0.56 0.33
N VAL A 70 -1.80 0.20 0.09
CA VAL A 70 -0.73 -0.25 -0.79
C VAL A 70 -0.21 -1.60 -0.29
N GLY A 71 0.00 -1.68 1.01
CA GLY A 71 0.49 -2.92 1.61
C GLY A 71 -0.39 -4.10 1.24
N ASP A 72 -1.69 -3.84 1.20
CA ASP A 72 -2.66 -4.88 0.86
C ASP A 72 -2.68 -5.06 -0.66
N VAL A 73 -2.40 -3.97 -1.36
CA VAL A 73 -2.39 -4.00 -2.81
C VAL A 73 -1.06 -4.58 -3.29
N VAL A 74 -0.12 -4.66 -2.37
CA VAL A 74 1.20 -5.20 -2.69
C VAL A 74 1.26 -6.67 -2.28
N ALA A 75 0.93 -6.91 -1.02
CA ALA A 75 0.93 -8.26 -0.50
C ALA A 75 0.18 -9.19 -1.45
N TYR A 76 -1.07 -8.83 -1.72
CA TYR A 76 -1.90 -9.61 -2.61
C TYR A 76 -1.11 -10.07 -3.84
N ILE A 77 -0.10 -9.28 -4.17
CA ILE A 77 0.75 -9.60 -5.31
C ILE A 77 1.79 -10.64 -4.91
N GLN A 78 2.82 -10.17 -4.21
CA GLN A 78 3.88 -11.04 -3.76
C GLN A 78 3.30 -12.25 -3.03
N LYS A 79 2.43 -11.96 -2.07
CA LYS A 79 1.79 -13.01 -1.29
C LYS A 79 1.44 -14.18 -2.21
N LEU A 80 0.74 -13.85 -3.28
CA LEU A 80 0.33 -14.86 -4.25
C LEU A 80 1.57 -15.48 -4.89
N GLU A 81 2.52 -14.60 -5.20
CA GLU A 81 3.76 -15.05 -5.83
C GLU A 81 4.50 -16.03 -4.91
N GLU A 82 5.07 -15.48 -3.84
CA GLU A 82 5.80 -16.29 -2.88
C GLU A 82 5.02 -16.40 -1.57
N GLU A 83 5.44 -15.59 -0.61
CA GLU A 83 4.80 -15.57 0.69
C GLU A 83 5.07 -14.25 1.41
N ASN A 84 6.29 -14.13 1.92
CA ASN A 84 6.70 -12.93 2.62
C ASN A 84 6.07 -12.93 4.01
N PRO A 85 6.70 -13.70 4.94
CA PRO A 85 6.21 -13.79 6.30
C PRO A 85 6.53 -12.51 7.09
N GLU A 86 7.07 -11.54 6.38
CA GLU A 86 7.43 -10.27 7.00
C GLU A 86 6.17 -9.48 7.34
N ALA A 87 5.53 -8.98 6.29
CA ALA A 87 4.31 -8.19 6.46
C ALA A 87 4.11 -7.29 5.24
N ALA A 88 4.25 -7.90 4.07
CA ALA A 88 4.09 -7.16 2.82
C ALA A 88 4.75 -5.79 2.95
N GLN A 89 5.84 -5.77 3.71
CA GLN A 89 6.57 -4.53 3.91
C GLN A 89 5.65 -3.46 4.53
N ALA A 90 5.57 -3.49 5.85
CA ALA A 90 4.73 -2.54 6.57
C ALA A 90 4.89 -2.77 8.07
N LEU A 91 4.55 -3.97 8.50
CA LEU A 91 4.65 -4.33 9.90
C LEU A 91 3.95 -3.24 10.74
N ARG A 92 3.99 -3.45 12.06
CA ARG A 92 3.37 -2.51 12.98
C ARG A 92 1.93 -2.22 12.56
N ALA A 93 1.07 -3.20 12.81
CA ALA A 93 -0.33 -3.07 12.46
C ALA A 93 -0.54 -3.50 11.01
N LYS A 94 -0.28 -4.78 10.76
CA LYS A 94 -0.44 -5.33 9.43
C LYS A 94 -1.86 -5.88 9.27
N ILE A 95 -2.22 -6.15 8.02
CA ILE A 95 -3.53 -6.69 7.72
C ILE A 95 -3.93 -7.69 8.80
N GLU A 96 -2.94 -8.40 9.29
CA GLU A 96 -3.16 -9.39 10.33
C GLU A 96 -3.09 -8.75 11.72
N SER A 97 -1.87 -8.65 12.23
CA SER A 97 -1.65 -8.06 13.54
C SER A 97 -0.22 -8.34 14.00
N GLU A 98 0.70 -8.21 13.07
CA GLU A 98 2.11 -8.44 13.37
C GLU A 98 2.58 -7.48 14.47
N ASN A 99 3.25 -6.42 14.03
CA ASN A 99 3.75 -5.44 14.97
C ASN A 99 4.63 -6.13 16.01
N PRO A 100 5.96 -6.15 15.73
CA PRO A 100 6.90 -6.77 16.63
C PRO A 100 7.15 -5.89 17.86
N ASP A 101 6.80 -4.62 17.72
CA ASP A 101 6.98 -3.67 18.80
C ASP A 101 6.32 -2.35 18.42
N ALA A 102 5.47 -1.87 19.31
CA ALA A 102 4.76 -0.61 19.09
C ALA A 102 3.89 -0.30 20.30
N VAL A 103 4.48 -0.47 21.47
CA VAL A 103 3.76 -0.20 22.71
C VAL A 103 4.12 1.20 23.22
N ALA A 104 3.91 1.39 24.51
CA ALA A 104 4.21 2.67 25.13
C ALA A 104 3.08 3.66 24.84
N ASN A 105 1.87 3.12 24.74
CA ASN A 105 0.70 3.93 24.46
C ASN A 105 0.70 5.15 25.39
N VAL A 106 0.09 6.22 24.91
CA VAL A 106 0.01 7.45 25.68
C VAL A 106 -1.45 7.85 25.83
N GLN A 107 -1.66 8.99 26.48
CA GLN A 107 -3.00 9.50 26.70
C GLN A 107 -3.31 10.64 25.72
N ALA A 108 -3.21 10.31 24.45
CA ALA A 108 -3.49 11.30 23.41
C ALA A 108 -2.23 12.13 23.17
N ARG A 109 -1.09 11.46 23.22
CA ARG A 109 0.18 12.13 23.01
C ARG A 109 0.11 13.58 23.48
N LEU A 110 -0.24 13.73 24.74
CA LEU A 110 -0.36 15.05 25.34
C LEU A 110 -0.04 14.98 26.82
N GLU A 111 0.30 16.13 27.39
CA GLU A 111 0.63 16.20 28.81
C GLU A 111 1.70 15.16 29.15
N ALA A 112 2.95 15.60 29.09
CA ALA A 112 4.07 14.72 29.40
C ALA A 112 4.93 15.37 30.48
N GLU A 113 4.32 15.60 31.64
CA GLU A 113 5.02 16.21 32.75
C GLU A 113 4.19 16.10 34.03
N SER A 114 2.99 16.65 33.97
CA SER A 114 2.09 16.63 35.11
C SER A 114 2.69 17.41 36.27
N LYS A 115 1.92 18.36 36.77
CA LYS A 115 2.37 19.18 37.88
C LYS A 115 2.14 18.44 39.19
N MET A 1 12.48 -4.33 -10.85
CA MET A 1 12.31 -5.21 -12.00
C MET A 1 11.16 -6.18 -11.77
N PRO A 2 11.20 -6.87 -10.61
CA PRO A 2 10.17 -7.83 -10.26
C PRO A 2 8.88 -7.12 -9.83
N VAL A 3 8.81 -6.83 -8.53
CA VAL A 3 7.65 -6.15 -7.99
C VAL A 3 7.88 -5.86 -6.50
N THR A 4 8.99 -5.19 -6.23
CA THR A 4 9.34 -4.86 -4.86
C THR A 4 8.52 -3.65 -4.38
N GLN A 5 8.86 -3.19 -3.19
CA GLN A 5 8.16 -2.05 -2.61
C GLN A 5 8.20 -0.86 -3.57
N GLU A 6 9.40 -0.35 -3.78
CA GLU A 6 9.59 0.78 -4.66
C GLU A 6 8.93 0.52 -6.02
N GLU A 7 8.70 -0.76 -6.28
CA GLU A 7 8.08 -1.17 -7.52
C GLU A 7 6.59 -0.85 -7.50
N ILE A 8 5.97 -1.14 -6.37
CA ILE A 8 4.55 -0.87 -6.20
C ILE A 8 4.35 0.49 -5.55
N ILE A 9 5.47 1.11 -5.20
CA ILE A 9 5.43 2.42 -4.56
C ILE A 9 5.87 3.48 -5.57
N ALA A 10 6.90 3.14 -6.33
CA ALA A 10 7.41 4.06 -7.33
C ALA A 10 6.76 3.76 -8.69
N GLY A 11 6.53 2.48 -8.92
CA GLY A 11 5.90 2.04 -10.16
C GLY A 11 4.44 2.48 -10.22
N ILE A 12 3.76 2.33 -9.10
CA ILE A 12 2.36 2.72 -9.02
C ILE A 12 2.26 4.24 -8.90
N ALA A 13 2.97 4.78 -7.93
CA ALA A 13 2.96 6.21 -7.69
C ALA A 13 3.02 6.94 -9.04
N GLU A 14 3.93 6.48 -9.89
CA GLU A 14 4.10 7.08 -11.21
C GLU A 14 2.79 6.98 -12.00
N ILE A 15 2.19 5.81 -11.94
CA ILE A 15 0.94 5.56 -12.64
C ILE A 15 -0.16 6.44 -12.03
N ILE A 16 -0.19 6.46 -10.71
CA ILE A 16 -1.18 7.24 -9.99
C ILE A 16 -1.13 8.69 -10.49
N GLU A 17 0.08 9.12 -10.84
CA GLU A 17 0.27 10.48 -11.33
C GLU A 17 -0.23 10.60 -12.77
N GLU A 18 -0.77 9.50 -13.26
CA GLU A 18 -1.29 9.47 -14.62
C GLU A 18 -2.82 9.48 -14.61
N VAL A 19 -3.37 8.58 -13.79
CA VAL A 19 -4.82 8.48 -13.68
C VAL A 19 -5.34 9.63 -12.81
N THR A 20 -4.98 9.57 -11.53
CA THR A 20 -5.40 10.58 -10.59
C THR A 20 -4.63 11.88 -10.83
N GLY A 21 -3.38 11.73 -11.25
CA GLY A 21 -2.53 12.88 -11.52
C GLY A 21 -1.86 13.36 -10.24
N ILE A 22 -1.75 12.45 -9.27
CA ILE A 22 -1.13 12.79 -8.00
C ILE A 22 0.39 12.70 -8.13
N GLU A 23 1.07 13.25 -7.15
CA GLU A 23 2.53 13.24 -7.14
C GLU A 23 3.05 11.82 -6.92
N PRO A 24 4.28 11.56 -7.44
CA PRO A 24 4.90 10.26 -7.31
C PRO A 24 5.41 10.03 -5.89
N SER A 25 6.16 11.01 -5.41
CA SER A 25 6.72 10.94 -4.07
C SER A 25 5.61 11.02 -3.02
N GLU A 26 4.48 11.57 -3.46
CA GLU A 26 3.33 11.72 -2.58
C GLU A 26 2.83 10.34 -2.13
N ILE A 27 2.74 9.44 -3.09
CA ILE A 27 2.28 8.09 -2.81
C ILE A 27 3.25 7.42 -1.85
N THR A 28 2.68 6.79 -0.83
CA THR A 28 3.49 6.10 0.17
C THR A 28 2.77 4.84 0.65
N PRO A 29 3.56 3.96 1.33
CA PRO A 29 3.01 2.72 1.86
C PRO A 29 2.16 2.98 3.10
N GLU A 30 1.36 4.02 3.03
CA GLU A 30 0.50 4.38 4.14
C GLU A 30 -0.86 4.87 3.61
N LYS A 31 -1.07 4.68 2.33
CA LYS A 31 -2.31 5.09 1.70
C LYS A 31 -3.43 4.14 2.15
N SER A 32 -4.66 4.58 1.88
CA SER A 32 -5.82 3.79 2.25
C SER A 32 -6.71 3.56 1.03
N PHE A 33 -6.14 3.85 -0.14
CA PHE A 33 -6.87 3.68 -1.38
C PHE A 33 -7.84 4.84 -1.61
N VAL A 34 -8.38 5.36 -0.52
CA VAL A 34 -9.31 6.48 -0.60
C VAL A 34 -8.99 7.47 0.52
N ASP A 35 -9.04 6.97 1.75
CA ASP A 35 -8.76 7.80 2.90
C ASP A 35 -7.63 8.78 2.57
N ASP A 36 -6.73 8.33 1.71
CA ASP A 36 -5.61 9.16 1.30
C ASP A 36 -5.85 9.66 -0.13
N LEU A 37 -5.85 8.72 -1.06
CA LEU A 37 -6.06 9.06 -2.46
C LEU A 37 -7.22 10.05 -2.56
N ASP A 38 -8.35 9.67 -1.98
CA ASP A 38 -9.53 10.52 -2.01
C ASP A 38 -10.02 10.65 -3.46
N ILE A 39 -9.53 9.76 -4.30
CA ILE A 39 -9.91 9.77 -5.70
C ILE A 39 -11.02 8.73 -5.93
N ASP A 40 -11.14 7.83 -4.98
CA ASP A 40 -12.15 6.78 -5.07
C ASP A 40 -11.57 5.58 -5.82
N SER A 41 -12.45 4.65 -6.15
CA SER A 41 -12.04 3.46 -6.87
C SER A 41 -12.15 3.69 -8.38
N LEU A 42 -12.56 4.91 -8.73
CA LEU A 42 -12.70 5.27 -10.12
C LEU A 42 -11.33 5.26 -10.80
N SER A 43 -10.50 6.21 -10.39
CA SER A 43 -9.16 6.31 -10.93
C SER A 43 -8.33 5.09 -10.54
N MET A 44 -8.37 4.77 -9.25
CA MET A 44 -7.63 3.63 -8.74
C MET A 44 -7.85 2.39 -9.62
N VAL A 45 -9.07 2.27 -10.11
CA VAL A 45 -9.43 1.14 -10.96
C VAL A 45 -8.51 1.12 -12.18
N GLU A 46 -8.17 2.31 -12.64
CA GLU A 46 -7.29 2.45 -13.80
C GLU A 46 -5.85 2.09 -13.41
N ILE A 47 -5.37 2.76 -12.37
CA ILE A 47 -4.01 2.53 -11.91
C ILE A 47 -3.71 1.03 -11.96
N ALA A 48 -4.68 0.25 -11.53
CA ALA A 48 -4.52 -1.20 -11.53
C ALA A 48 -4.64 -1.73 -12.96
N VAL A 49 -5.69 -1.27 -13.64
CA VAL A 49 -5.92 -1.68 -15.01
C VAL A 49 -4.63 -1.54 -15.81
N GLN A 50 -3.80 -0.61 -15.37
CA GLN A 50 -2.52 -0.37 -16.03
C GLN A 50 -1.44 -1.29 -15.47
N THR A 51 -1.24 -1.18 -14.17
CA THR A 51 -0.24 -1.99 -13.48
C THR A 51 -0.43 -3.46 -13.82
N GLU A 52 -1.69 -3.86 -13.89
CA GLU A 52 -2.04 -5.24 -14.20
C GLU A 52 -1.85 -5.51 -15.69
N ASP A 53 -1.43 -4.47 -16.40
CA ASP A 53 -1.22 -4.57 -17.83
C ASP A 53 0.25 -4.32 -18.14
N LYS A 54 0.69 -3.11 -17.85
CA LYS A 54 2.07 -2.72 -18.09
C LYS A 54 3.00 -3.78 -17.47
N TYR A 55 2.64 -4.19 -16.27
CA TYR A 55 3.43 -5.19 -15.56
C TYR A 55 2.80 -6.58 -15.69
N GLY A 56 1.50 -6.63 -15.43
CA GLY A 56 0.77 -7.88 -15.51
C GLY A 56 0.57 -8.49 -14.11
N VAL A 57 0.50 -7.61 -13.13
CA VAL A 57 0.30 -8.04 -11.75
C VAL A 57 -1.01 -8.83 -11.65
N LYS A 58 -1.38 -9.14 -10.41
CA LYS A 58 -2.59 -9.89 -10.16
C LYS A 58 -3.43 -9.17 -9.10
N ILE A 59 -4.43 -8.44 -9.58
CA ILE A 59 -5.30 -7.69 -8.69
C ILE A 59 -6.64 -7.46 -9.39
N PRO A 60 -7.49 -8.52 -9.39
CA PRO A 60 -8.80 -8.43 -10.02
C PRO A 60 -9.77 -7.64 -9.14
N ASP A 61 -10.90 -7.29 -9.75
CA ASP A 61 -11.92 -6.53 -9.04
C ASP A 61 -12.37 -7.31 -7.80
N GLU A 62 -12.51 -8.62 -7.99
CA GLU A 62 -12.94 -9.48 -6.89
C GLU A 62 -12.01 -9.30 -5.69
N ASP A 63 -10.85 -8.75 -5.95
CA ASP A 63 -9.87 -8.51 -4.90
C ASP A 63 -9.71 -7.01 -4.68
N LEU A 64 -9.85 -6.26 -5.77
CA LEU A 64 -9.72 -4.82 -5.70
C LEU A 64 -10.69 -4.27 -4.64
N ALA A 65 -11.68 -5.09 -4.32
CA ALA A 65 -12.68 -4.71 -3.33
C ALA A 65 -12.08 -4.89 -1.92
N GLY A 66 -11.18 -5.85 -1.82
CA GLY A 66 -10.53 -6.14 -0.55
C GLY A 66 -9.42 -5.13 -0.26
N LEU A 67 -8.55 -4.96 -1.25
CA LEU A 67 -7.44 -4.03 -1.12
C LEU A 67 -7.90 -2.79 -0.36
N ARG A 68 -7.17 -2.46 0.69
CA ARG A 68 -7.50 -1.29 1.50
C ARG A 68 -6.34 -0.31 1.49
N THR A 69 -5.13 -0.85 1.58
CA THR A 69 -3.94 -0.02 1.59
C THR A 69 -2.88 -0.62 0.65
N VAL A 70 -1.82 0.16 0.45
CA VAL A 70 -0.74 -0.29 -0.41
C VAL A 70 -0.22 -1.64 0.07
N GLY A 71 -0.12 -1.77 1.38
CA GLY A 71 0.35 -3.00 1.99
C GLY A 71 -0.55 -4.18 1.61
N ASP A 72 -1.80 -3.85 1.32
CA ASP A 72 -2.78 -4.87 0.95
C ASP A 72 -2.76 -5.03 -0.57
N VAL A 73 -2.51 -3.92 -1.26
CA VAL A 73 -2.47 -3.93 -2.71
C VAL A 73 -1.14 -4.54 -3.18
N VAL A 74 -0.22 -4.66 -2.23
CA VAL A 74 1.08 -5.23 -2.54
C VAL A 74 1.11 -6.70 -2.11
N ALA A 75 0.82 -6.93 -0.85
CA ALA A 75 0.80 -8.28 -0.32
C ALA A 75 0.04 -9.19 -1.28
N TYR A 76 -1.21 -8.82 -1.54
CA TYR A 76 -2.05 -9.60 -2.44
C TYR A 76 -1.25 -10.05 -3.67
N ILE A 77 -0.29 -9.24 -4.05
CA ILE A 77 0.54 -9.54 -5.20
C ILE A 77 1.68 -10.48 -4.77
N GLN A 78 2.65 -9.89 -4.08
CA GLN A 78 3.79 -10.66 -3.61
C GLN A 78 3.32 -11.95 -2.92
N LYS A 79 2.49 -11.76 -1.91
CA LYS A 79 1.96 -12.90 -1.16
C LYS A 79 1.65 -14.04 -2.13
N LEU A 80 0.85 -13.72 -3.14
CA LEU A 80 0.48 -14.70 -4.14
C LEU A 80 1.72 -15.16 -4.90
N GLU A 81 2.58 -14.20 -5.20
CA GLU A 81 3.80 -14.49 -5.93
C GLU A 81 4.66 -15.48 -5.14
N GLU A 82 5.02 -15.08 -3.93
CA GLU A 82 5.83 -15.92 -3.08
C GLU A 82 5.08 -16.23 -1.77
N GLU A 83 5.47 -15.52 -0.73
CA GLU A 83 4.84 -15.72 0.58
C GLU A 83 5.09 -14.50 1.46
N ASN A 84 6.33 -14.38 1.92
CA ASN A 84 6.71 -13.26 2.77
C ASN A 84 5.98 -13.39 4.11
N PRO A 85 6.30 -14.49 4.84
CA PRO A 85 5.67 -14.73 6.14
C PRO A 85 6.26 -13.80 7.21
N GLU A 86 6.25 -12.52 6.90
CA GLU A 86 6.77 -11.52 7.83
C GLU A 86 5.81 -10.33 7.92
N ALA A 87 5.73 -9.59 6.83
CA ALA A 87 4.85 -8.43 6.78
C ALA A 87 5.00 -7.74 5.42
N ALA A 88 3.86 -7.35 4.87
CA ALA A 88 3.86 -6.68 3.58
C ALA A 88 4.37 -5.25 3.74
N GLN A 89 5.59 -5.14 4.25
CA GLN A 89 6.20 -3.84 4.46
C GLN A 89 5.46 -3.08 5.55
N ALA A 90 5.41 -3.67 6.73
CA ALA A 90 4.74 -3.05 7.85
C ALA A 90 5.18 -3.75 9.15
N LEU A 91 6.49 -3.97 9.25
CA LEU A 91 7.05 -4.61 10.42
C LEU A 91 7.26 -3.58 11.52
N ARG A 92 7.89 -4.01 12.59
CA ARG A 92 8.16 -3.13 13.72
C ARG A 92 6.97 -2.19 13.95
N ALA A 93 5.78 -2.76 13.86
CA ALA A 93 4.57 -1.99 14.05
C ALA A 93 3.35 -2.92 14.01
N LYS A 94 3.40 -3.83 13.05
CA LYS A 94 2.32 -4.79 12.89
C LYS A 94 1.13 -4.11 12.22
N ILE A 95 0.48 -4.83 11.32
CA ILE A 95 -0.67 -4.30 10.61
C ILE A 95 -1.90 -5.16 10.93
N GLU A 96 -1.66 -6.46 11.00
CA GLU A 96 -2.74 -7.40 11.29
C GLU A 96 -2.28 -8.45 12.30
N SER A 97 -1.08 -8.97 12.06
CA SER A 97 -0.51 -9.97 12.94
C SER A 97 0.99 -10.09 12.69
N GLU A 98 1.59 -8.99 12.24
CA GLU A 98 3.01 -8.96 11.96
C GLU A 98 3.77 -8.39 13.16
N ASN A 99 5.04 -8.08 12.91
CA ASN A 99 5.89 -7.53 13.97
C ASN A 99 6.05 -8.58 15.07
N PRO A 100 6.85 -9.63 14.75
CA PRO A 100 7.11 -10.69 15.71
C PRO A 100 8.08 -10.24 16.79
N ASP A 101 8.68 -9.08 16.56
CA ASP A 101 9.63 -8.53 17.50
C ASP A 101 9.97 -7.09 17.10
N ALA A 102 9.93 -6.21 18.08
CA ALA A 102 10.23 -4.81 17.85
C ALA A 102 10.20 -4.06 19.18
N VAL A 103 10.86 -4.63 20.17
CA VAL A 103 10.92 -4.02 21.48
C VAL A 103 11.92 -2.87 21.47
N ALA A 104 12.40 -2.52 22.66
CA ALA A 104 13.36 -1.44 22.79
C ALA A 104 13.43 -1.00 24.26
N ASN A 105 13.72 -1.97 25.12
CA ASN A 105 13.82 -1.69 26.54
C ASN A 105 15.05 -0.84 26.80
N VAL A 106 14.89 0.12 27.70
CA VAL A 106 15.98 1.02 28.06
C VAL A 106 15.85 1.42 29.53
N GLN A 107 16.89 2.07 30.03
CA GLN A 107 16.91 2.50 31.42
C GLN A 107 17.37 3.95 31.51
N ALA A 108 17.92 4.30 32.66
CA ALA A 108 18.40 5.65 32.90
C ALA A 108 17.20 6.57 33.16
N ARG A 109 16.21 6.02 33.84
CA ARG A 109 15.01 6.78 34.17
C ARG A 109 14.97 7.08 35.66
N LEU A 110 16.04 7.68 36.14
CA LEU A 110 16.15 8.03 37.55
C LEU A 110 16.42 9.52 37.68
N GLU A 111 15.79 10.13 38.68
CA GLU A 111 15.96 11.55 38.92
C GLU A 111 16.28 11.81 40.39
N ALA A 112 15.83 12.95 40.88
CA ALA A 112 16.05 13.32 42.27
C ALA A 112 17.56 13.41 42.53
N GLU A 113 18.04 14.65 42.60
CA GLU A 113 19.45 14.89 42.84
C GLU A 113 19.63 15.86 44.01
N SER A 114 19.20 17.09 43.78
CA SER A 114 19.30 18.12 44.80
C SER A 114 18.54 19.37 44.37
N LYS A 115 18.43 20.32 45.29
CA LYS A 115 17.73 21.55 45.03
C LYS A 115 18.26 22.17 43.73
N MET A 1 11.04 -10.56 -14.21
CA MET A 1 10.76 -9.18 -13.89
C MET A 1 9.61 -9.08 -12.88
N PRO A 2 9.96 -9.27 -11.58
CA PRO A 2 8.97 -9.20 -10.52
C PRO A 2 8.56 -7.75 -10.24
N VAL A 3 7.96 -7.55 -9.08
CA VAL A 3 7.50 -6.23 -8.68
C VAL A 3 7.73 -6.05 -7.18
N THR A 4 8.73 -5.25 -6.86
CA THR A 4 9.06 -4.98 -5.47
C THR A 4 8.23 -3.81 -4.93
N GLN A 5 8.50 -3.45 -3.69
CA GLN A 5 7.79 -2.35 -3.06
C GLN A 5 7.88 -1.09 -3.91
N GLU A 6 9.10 -0.56 -3.98
CA GLU A 6 9.34 0.64 -4.76
C GLU A 6 8.74 0.50 -6.17
N GLU A 7 8.51 -0.74 -6.54
CA GLU A 7 7.94 -1.03 -7.85
C GLU A 7 6.45 -0.68 -7.88
N ILE A 8 5.77 -1.05 -6.81
CA ILE A 8 4.35 -0.77 -6.70
C ILE A 8 4.15 0.52 -5.92
N ILE A 9 5.25 1.08 -5.45
CA ILE A 9 5.20 2.32 -4.69
C ILE A 9 5.72 3.47 -5.56
N ALA A 10 6.78 3.17 -6.31
CA ALA A 10 7.37 4.17 -7.19
C ALA A 10 6.78 4.01 -8.59
N GLY A 11 6.49 2.78 -8.96
CA GLY A 11 5.93 2.49 -10.26
C GLY A 11 4.47 2.96 -10.34
N ILE A 12 3.76 2.75 -9.24
CA ILE A 12 2.36 3.15 -9.17
C ILE A 12 2.27 4.66 -8.99
N ALA A 13 2.97 5.14 -7.97
CA ALA A 13 2.98 6.57 -7.66
C ALA A 13 3.08 7.36 -8.97
N GLU A 14 4.01 6.93 -9.81
CA GLU A 14 4.21 7.58 -11.08
C GLU A 14 2.93 7.55 -11.92
N ILE A 15 2.32 6.38 -11.96
CA ILE A 15 1.10 6.20 -12.72
C ILE A 15 -0.01 7.05 -12.09
N ILE A 16 -0.06 7.01 -10.77
CA ILE A 16 -1.06 7.79 -10.04
C ILE A 16 -0.99 9.25 -10.47
N GLU A 17 0.22 9.67 -10.81
CA GLU A 17 0.43 11.05 -11.24
C GLU A 17 -0.03 11.22 -12.68
N GLU A 18 -0.58 10.15 -13.24
CA GLU A 18 -1.05 10.19 -14.61
C GLU A 18 -2.59 10.17 -14.64
N VAL A 19 -3.15 9.28 -13.83
CA VAL A 19 -4.60 9.15 -13.75
C VAL A 19 -5.16 10.24 -12.83
N THR A 20 -4.81 10.13 -11.56
CA THR A 20 -5.26 11.10 -10.57
C THR A 20 -4.49 12.40 -10.71
N GLY A 21 -3.28 12.28 -11.25
CA GLY A 21 -2.43 13.45 -11.44
C GLY A 21 -1.80 13.90 -10.11
N ILE A 22 -1.72 12.95 -9.19
CA ILE A 22 -1.15 13.23 -7.89
C ILE A 22 0.38 13.13 -7.97
N GLU A 23 1.03 13.61 -6.92
CA GLU A 23 2.49 13.58 -6.86
C GLU A 23 2.98 12.14 -6.70
N PRO A 24 4.20 11.88 -7.22
CA PRO A 24 4.79 10.56 -7.13
C PRO A 24 5.31 10.29 -5.72
N SER A 25 6.07 11.25 -5.21
CA SER A 25 6.64 11.11 -3.88
C SER A 25 5.52 11.16 -2.83
N GLU A 26 4.41 11.78 -3.22
CA GLU A 26 3.27 11.90 -2.33
C GLU A 26 2.67 10.51 -2.05
N ILE A 27 2.47 9.76 -3.12
CA ILE A 27 1.90 8.43 -3.01
C ILE A 27 2.82 7.57 -2.14
N THR A 28 2.26 7.02 -1.08
CA THR A 28 3.01 6.17 -0.17
C THR A 28 2.23 4.90 0.15
N PRO A 29 2.93 3.95 0.82
CA PRO A 29 2.31 2.69 1.19
C PRO A 29 1.36 2.86 2.36
N GLU A 30 1.23 4.11 2.80
CA GLU A 30 0.35 4.43 3.91
C GLU A 30 -1.05 4.78 3.40
N LYS A 31 -1.14 4.93 2.08
CA LYS A 31 -2.41 5.26 1.46
C LYS A 31 -3.46 4.22 1.85
N SER A 32 -4.72 4.55 1.61
CA SER A 32 -5.81 3.67 1.93
C SER A 32 -6.68 3.44 0.70
N PHE A 33 -6.11 3.75 -0.46
CA PHE A 33 -6.82 3.59 -1.71
C PHE A 33 -7.78 4.76 -1.96
N VAL A 34 -8.42 5.19 -0.88
CA VAL A 34 -9.36 6.29 -0.97
C VAL A 34 -9.16 7.23 0.24
N ASP A 35 -9.24 6.62 1.42
CA ASP A 35 -9.08 7.38 2.65
C ASP A 35 -7.99 8.44 2.44
N ASP A 36 -7.02 8.09 1.60
CA ASP A 36 -5.92 9.00 1.32
C ASP A 36 -6.09 9.58 -0.09
N LEU A 37 -5.98 8.69 -1.07
CA LEU A 37 -6.11 9.10 -2.46
C LEU A 37 -7.25 10.12 -2.58
N ASP A 38 -8.41 9.72 -2.09
CA ASP A 38 -9.58 10.58 -2.15
C ASP A 38 -10.02 10.76 -3.60
N ILE A 39 -9.43 9.95 -4.46
CA ILE A 39 -9.75 10.01 -5.88
C ILE A 39 -10.89 9.03 -6.17
N ASP A 40 -11.06 8.08 -5.28
CA ASP A 40 -12.11 7.08 -5.43
C ASP A 40 -11.55 5.89 -6.21
N SER A 41 -12.45 4.99 -6.58
CA SER A 41 -12.08 3.81 -7.32
C SER A 41 -12.13 4.09 -8.82
N LEU A 42 -12.44 5.35 -9.15
CA LEU A 42 -12.54 5.76 -10.54
C LEU A 42 -11.14 5.76 -11.16
N SER A 43 -10.34 6.74 -10.73
CA SER A 43 -8.99 6.87 -11.24
C SER A 43 -8.15 5.65 -10.82
N MET A 44 -8.32 5.26 -9.57
CA MET A 44 -7.59 4.12 -9.04
C MET A 44 -7.76 2.89 -9.94
N VAL A 45 -8.92 2.83 -10.57
CA VAL A 45 -9.23 1.72 -11.46
C VAL A 45 -8.22 1.69 -12.61
N GLU A 46 -7.89 2.90 -13.08
CA GLU A 46 -6.95 3.04 -14.17
C GLU A 46 -5.53 2.67 -13.70
N ILE A 47 -5.10 3.36 -12.66
CA ILE A 47 -3.78 3.13 -12.11
C ILE A 47 -3.48 1.62 -12.14
N ALA A 48 -4.49 0.84 -11.76
CA ALA A 48 -4.35 -0.60 -11.75
C ALA A 48 -4.39 -1.14 -13.18
N VAL A 49 -5.38 -0.65 -13.92
CA VAL A 49 -5.56 -1.07 -15.30
C VAL A 49 -4.21 -0.98 -16.02
N GLN A 50 -3.34 -0.14 -15.50
CA GLN A 50 -2.03 0.04 -16.09
C GLN A 50 -1.02 -0.93 -15.46
N THR A 51 -0.86 -0.79 -14.15
CA THR A 51 0.06 -1.64 -13.42
C THR A 51 -0.22 -3.11 -13.73
N GLU A 52 -1.51 -3.43 -13.83
CA GLU A 52 -1.92 -4.80 -14.12
C GLU A 52 -1.66 -5.13 -15.60
N ASP A 53 -1.16 -4.13 -16.31
CA ASP A 53 -0.86 -4.30 -17.72
C ASP A 53 0.64 -4.12 -17.95
N LYS A 54 1.12 -2.92 -17.63
CA LYS A 54 2.53 -2.60 -17.79
C LYS A 54 3.37 -3.78 -17.28
N TYR A 55 2.94 -4.32 -16.15
CA TYR A 55 3.65 -5.44 -15.55
C TYR A 55 2.88 -6.74 -15.76
N GLY A 56 1.60 -6.70 -15.42
CA GLY A 56 0.75 -7.87 -15.56
C GLY A 56 0.47 -8.52 -14.21
N VAL A 57 0.28 -7.66 -13.21
CA VAL A 57 -0.01 -8.14 -11.87
C VAL A 57 -1.44 -8.68 -11.81
N LYS A 58 -1.63 -9.63 -10.90
CA LYS A 58 -2.94 -10.24 -10.74
C LYS A 58 -3.60 -9.69 -9.48
N ILE A 59 -4.68 -8.95 -9.67
CA ILE A 59 -5.40 -8.37 -8.56
C ILE A 59 -6.88 -8.22 -8.94
N PRO A 60 -7.59 -9.38 -8.91
CA PRO A 60 -9.01 -9.40 -9.23
C PRO A 60 -9.85 -8.81 -8.10
N ASP A 61 -11.11 -8.60 -8.40
CA ASP A 61 -12.03 -8.03 -7.42
C ASP A 61 -12.06 -8.94 -6.18
N GLU A 62 -12.05 -10.24 -6.44
CA GLU A 62 -12.07 -11.22 -5.36
C GLU A 62 -11.05 -10.84 -4.28
N ASP A 63 -10.06 -10.07 -4.69
CA ASP A 63 -9.02 -9.64 -3.77
C ASP A 63 -9.11 -8.12 -3.59
N LEU A 64 -9.43 -7.44 -4.69
CA LEU A 64 -9.54 -5.99 -4.66
C LEU A 64 -10.55 -5.58 -3.60
N ALA A 65 -11.38 -6.54 -3.21
CA ALA A 65 -12.39 -6.29 -2.19
C ALA A 65 -11.71 -6.10 -0.84
N GLY A 66 -10.69 -6.91 -0.60
CA GLY A 66 -9.95 -6.84 0.65
C GLY A 66 -8.92 -5.71 0.61
N LEU A 67 -8.21 -5.64 -0.50
CA LEU A 67 -7.20 -4.61 -0.67
C LEU A 67 -7.71 -3.30 -0.07
N ARG A 68 -7.02 -2.85 0.96
CA ARG A 68 -7.39 -1.60 1.62
C ARG A 68 -6.30 -0.55 1.43
N THR A 69 -5.06 -1.02 1.46
CA THR A 69 -3.92 -0.13 1.29
C THR A 69 -2.93 -0.72 0.29
N VAL A 70 -1.96 0.11 -0.09
CA VAL A 70 -0.94 -0.32 -1.04
C VAL A 70 -0.26 -1.59 -0.52
N GLY A 71 0.26 -1.48 0.70
CA GLY A 71 0.94 -2.61 1.32
C GLY A 71 0.16 -3.91 1.09
N ASP A 72 -1.16 -3.77 1.03
CA ASP A 72 -2.03 -4.92 0.82
C ASP A 72 -2.18 -5.16 -0.69
N VAL A 73 -2.26 -4.07 -1.42
CA VAL A 73 -2.41 -4.15 -2.87
C VAL A 73 -1.07 -4.56 -3.50
N VAL A 74 -0.03 -4.53 -2.68
CA VAL A 74 1.29 -4.89 -3.14
C VAL A 74 1.59 -6.34 -2.72
N ALA A 75 1.52 -6.57 -1.43
CA ALA A 75 1.78 -7.89 -0.89
C ALA A 75 0.96 -8.92 -1.67
N TYR A 76 -0.35 -8.70 -1.69
CA TYR A 76 -1.25 -9.59 -2.38
C TYR A 76 -0.67 -10.02 -3.73
N ILE A 77 0.20 -9.17 -4.27
CA ILE A 77 0.83 -9.44 -5.54
C ILE A 77 1.92 -10.51 -5.34
N GLN A 78 2.94 -10.12 -4.60
CA GLN A 78 4.05 -11.02 -4.31
C GLN A 78 3.71 -11.94 -3.14
N LYS A 79 3.50 -11.32 -2.00
CA LYS A 79 3.16 -12.07 -0.80
C LYS A 79 2.28 -13.26 -1.17
N LEU A 80 1.35 -13.00 -2.06
CA LEU A 80 0.43 -14.03 -2.52
C LEU A 80 1.19 -15.02 -3.41
N GLU A 81 1.66 -14.51 -4.54
CA GLU A 81 2.40 -15.33 -5.49
C GLU A 81 3.33 -16.29 -4.73
N GLU A 82 3.76 -15.85 -3.56
CA GLU A 82 4.65 -16.65 -2.74
C GLU A 82 3.88 -17.31 -1.60
N GLU A 83 3.91 -16.66 -0.45
CA GLU A 83 3.21 -17.17 0.72
C GLU A 83 2.88 -16.03 1.68
N ASN A 84 3.90 -15.59 2.41
CA ASN A 84 3.72 -14.52 3.37
C ASN A 84 2.89 -15.01 4.55
N PRO A 85 3.54 -15.84 5.41
CA PRO A 85 2.87 -16.38 6.57
C PRO A 85 2.70 -15.33 7.66
N GLU A 86 2.17 -14.18 7.25
CA GLU A 86 1.96 -13.08 8.17
C GLU A 86 0.66 -12.34 7.84
N ALA A 87 0.68 -11.65 6.71
CA ALA A 87 -0.49 -10.91 6.26
C ALA A 87 -0.19 -10.25 4.92
N ALA A 88 0.64 -9.22 4.98
CA ALA A 88 1.01 -8.48 3.78
C ALA A 88 2.03 -7.40 4.14
N GLN A 89 2.17 -6.44 3.25
CA GLN A 89 3.11 -5.35 3.46
C GLN A 89 2.43 -4.21 4.21
N ALA A 90 1.68 -4.58 5.25
CA ALA A 90 0.98 -3.60 6.05
C ALA A 90 0.58 -4.24 7.39
N LEU A 91 -0.31 -5.22 7.29
CA LEU A 91 -0.79 -5.92 8.46
C LEU A 91 0.39 -6.15 9.43
N ARG A 92 0.05 -6.28 10.70
CA ARG A 92 1.06 -6.50 11.73
C ARG A 92 0.41 -7.02 13.00
N ALA A 93 -0.50 -7.96 12.83
CA ALA A 93 -1.20 -8.55 13.96
C ALA A 93 -2.15 -9.65 13.45
N LYS A 94 -3.10 -9.22 12.63
CA LYS A 94 -4.07 -10.15 12.07
C LYS A 94 -3.90 -10.21 10.56
N ILE A 95 -4.71 -11.05 9.92
CA ILE A 95 -4.65 -11.22 8.49
C ILE A 95 -5.59 -10.21 7.83
N GLU A 96 -6.88 -10.37 8.10
CA GLU A 96 -7.89 -9.49 7.55
C GLU A 96 -8.16 -8.33 8.51
N SER A 97 -8.16 -8.65 9.80
CA SER A 97 -8.40 -7.65 10.82
C SER A 97 -7.26 -6.63 10.85
N GLU A 98 -7.26 -5.76 9.84
CA GLU A 98 -6.24 -4.74 9.74
C GLU A 98 -5.85 -4.22 11.12
N ASN A 99 -4.58 -3.90 11.28
CA ASN A 99 -4.08 -3.40 12.54
C ASN A 99 -5.10 -2.45 13.15
N PRO A 100 -5.87 -2.99 14.13
CA PRO A 100 -6.90 -2.21 14.81
C PRO A 100 -6.26 -1.23 15.79
N ASP A 101 -4.96 -1.36 15.96
CA ASP A 101 -4.22 -0.50 16.88
C ASP A 101 -2.74 -0.53 16.52
N ALA A 102 -2.24 -1.74 16.29
CA ALA A 102 -0.85 -1.92 15.94
C ALA A 102 0.01 -1.81 17.20
N VAL A 103 -0.54 -2.31 18.30
CA VAL A 103 0.16 -2.28 19.57
C VAL A 103 0.20 -3.68 20.17
N ALA A 104 0.40 -3.72 21.48
CA ALA A 104 0.45 -4.99 22.19
C ALA A 104 -0.71 -5.08 23.17
N ASN A 105 -0.70 -4.20 24.16
CA ASN A 105 -1.74 -4.16 25.15
C ASN A 105 -3.11 -4.07 24.45
N VAL A 106 -4.13 -4.52 25.17
CA VAL A 106 -5.48 -4.49 24.63
C VAL A 106 -6.47 -4.24 25.77
N GLN A 107 -7.67 -3.82 25.39
CA GLN A 107 -8.71 -3.55 26.36
C GLN A 107 -10.01 -4.26 25.96
N ALA A 108 -11.12 -3.71 26.43
CA ALA A 108 -12.43 -4.27 26.14
C ALA A 108 -12.70 -5.44 27.09
N ARG A 109 -12.38 -5.22 28.35
CA ARG A 109 -12.58 -6.24 29.36
C ARG A 109 -13.59 -5.76 30.42
N LEU A 110 -14.75 -5.35 29.93
CA LEU A 110 -15.79 -4.86 30.81
C LEU A 110 -17.12 -5.54 30.44
N GLU A 111 -17.82 -5.99 31.48
CA GLU A 111 -19.10 -6.66 31.28
C GLU A 111 -20.03 -6.36 32.45
N ALA A 112 -20.31 -5.07 32.63
CA ALA A 112 -21.19 -4.64 33.69
C ALA A 112 -20.70 -5.22 35.03
N GLU A 113 -21.44 -4.91 36.08
CA GLU A 113 -21.08 -5.39 37.41
C GLU A 113 -22.32 -5.94 38.11
N SER A 114 -23.31 -5.07 38.28
CA SER A 114 -24.55 -5.46 38.94
C SER A 114 -24.24 -6.08 40.31
N LYS A 115 -25.30 -6.31 41.07
CA LYS A 115 -25.17 -6.88 42.39
C LYS A 115 -24.57 -8.29 42.28
N MET A 1 10.09 -10.31 -7.07
CA MET A 1 11.35 -9.81 -7.59
C MET A 1 11.10 -8.77 -8.70
N PRO A 2 10.26 -9.18 -9.68
CA PRO A 2 9.94 -8.31 -10.80
C PRO A 2 8.96 -7.20 -10.37
N VAL A 3 8.47 -7.34 -9.15
CA VAL A 3 7.53 -6.38 -8.61
C VAL A 3 7.84 -6.14 -7.12
N THR A 4 8.90 -5.38 -6.89
CA THR A 4 9.30 -5.08 -5.52
C THR A 4 8.50 -3.89 -4.98
N GLN A 5 8.89 -3.47 -3.78
CA GLN A 5 8.22 -2.35 -3.14
C GLN A 5 8.28 -1.10 -4.03
N GLU A 6 9.49 -0.62 -4.22
CA GLU A 6 9.71 0.55 -5.05
C GLU A 6 9.02 0.38 -6.41
N GLU A 7 8.73 -0.86 -6.74
CA GLU A 7 8.07 -1.18 -7.99
C GLU A 7 6.59 -0.80 -7.93
N ILE A 8 5.97 -1.18 -6.82
CA ILE A 8 4.56 -0.89 -6.62
C ILE A 8 4.41 0.45 -5.89
N ILE A 9 5.55 1.02 -5.54
CA ILE A 9 5.57 2.30 -4.84
C ILE A 9 6.01 3.40 -5.80
N ALA A 10 7.02 3.07 -6.61
CA ALA A 10 7.53 4.02 -7.57
C ALA A 10 6.83 3.80 -8.92
N GLY A 11 6.57 2.54 -9.21
CA GLY A 11 5.91 2.18 -10.45
C GLY A 11 4.46 2.67 -10.47
N ILE A 12 3.80 2.50 -9.33
CA ILE A 12 2.41 2.92 -9.19
C ILE A 12 2.36 4.44 -9.01
N ALA A 13 3.11 4.90 -8.02
CA ALA A 13 3.16 6.32 -7.73
C ALA A 13 3.21 7.11 -9.03
N GLU A 14 4.13 6.70 -9.90
CA GLU A 14 4.30 7.36 -11.18
C GLU A 14 2.99 7.33 -11.97
N ILE A 15 2.35 6.16 -11.94
CA ILE A 15 1.09 5.99 -12.64
C ILE A 15 0.02 6.87 -11.99
N ILE A 16 -0.05 6.80 -10.68
CA ILE A 16 -1.02 7.58 -9.92
C ILE A 16 -0.89 9.05 -10.32
N GLU A 17 0.35 9.45 -10.61
CA GLU A 17 0.61 10.83 -10.99
C GLU A 17 0.19 11.06 -12.45
N GLU A 18 -0.40 10.02 -13.03
CA GLU A 18 -0.86 10.10 -14.41
C GLU A 18 -2.38 10.09 -14.46
N VAL A 19 -2.96 9.16 -13.72
CA VAL A 19 -4.42 9.03 -13.68
C VAL A 19 -4.99 10.13 -12.79
N THR A 20 -4.64 10.07 -11.52
CA THR A 20 -5.11 11.05 -10.55
C THR A 20 -4.30 12.35 -10.67
N GLY A 21 -3.04 12.18 -11.05
CA GLY A 21 -2.16 13.33 -11.21
C GLY A 21 -1.55 13.73 -9.87
N ILE A 22 -1.50 12.76 -8.95
CA ILE A 22 -0.95 13.00 -7.63
C ILE A 22 0.58 12.87 -7.69
N GLU A 23 1.23 13.35 -6.65
CA GLU A 23 2.67 13.30 -6.57
C GLU A 23 3.15 11.84 -6.46
N PRO A 24 4.39 11.61 -6.96
CA PRO A 24 4.97 10.27 -6.94
C PRO A 24 5.41 9.91 -5.52
N SER A 25 6.24 10.75 -4.96
CA SER A 25 6.77 10.53 -3.62
C SER A 25 5.61 10.55 -2.61
N GLU A 26 4.54 11.21 -3.00
CA GLU A 26 3.37 11.30 -2.14
C GLU A 26 2.79 9.91 -1.86
N ILE A 27 2.72 9.12 -2.92
CA ILE A 27 2.20 7.76 -2.80
C ILE A 27 3.05 6.97 -1.81
N THR A 28 2.39 6.11 -1.06
CA THR A 28 3.08 5.30 -0.08
C THR A 28 2.14 4.22 0.47
N PRO A 29 2.74 3.25 1.22
CA PRO A 29 1.96 2.18 1.81
C PRO A 29 1.17 2.67 3.03
N GLU A 30 0.48 3.78 2.83
CA GLU A 30 -0.32 4.37 3.89
C GLU A 30 -1.72 4.71 3.39
N LYS A 31 -1.78 5.01 2.10
CA LYS A 31 -3.05 5.36 1.47
C LYS A 31 -4.10 4.30 1.83
N SER A 32 -5.34 4.63 1.54
CA SER A 32 -6.44 3.73 1.82
C SER A 32 -7.32 3.54 0.58
N PHE A 33 -6.70 3.79 -0.56
CA PHE A 33 -7.40 3.65 -1.83
C PHE A 33 -8.30 4.87 -2.10
N VAL A 34 -8.92 5.35 -1.04
CA VAL A 34 -9.79 6.50 -1.14
C VAL A 34 -9.60 7.40 0.08
N ASP A 35 -9.74 6.80 1.25
CA ASP A 35 -9.58 7.54 2.49
C ASP A 35 -8.43 8.54 2.35
N ASP A 36 -7.46 8.17 1.53
CA ASP A 36 -6.32 9.02 1.29
C ASP A 36 -6.41 9.63 -0.12
N LEU A 37 -6.33 8.75 -1.11
CA LEU A 37 -6.40 9.19 -2.49
C LEU A 37 -7.51 10.24 -2.63
N ASP A 38 -8.71 9.84 -2.22
CA ASP A 38 -9.86 10.73 -2.29
C ASP A 38 -10.23 10.96 -3.76
N ILE A 39 -9.68 10.11 -4.61
CA ILE A 39 -9.95 10.21 -6.03
C ILE A 39 -11.07 9.24 -6.41
N ASP A 40 -11.33 8.31 -5.50
CA ASP A 40 -12.38 7.33 -5.71
C ASP A 40 -11.79 6.10 -6.43
N SER A 41 -12.69 5.21 -6.81
CA SER A 41 -12.27 3.99 -7.50
C SER A 41 -12.26 4.22 -9.01
N LEU A 42 -12.55 5.46 -9.40
CA LEU A 42 -12.59 5.82 -10.80
C LEU A 42 -11.17 5.81 -11.36
N SER A 43 -10.38 6.77 -10.91
CA SER A 43 -9.01 6.87 -11.37
C SER A 43 -8.22 5.62 -10.95
N MET A 44 -8.28 5.33 -9.67
CA MET A 44 -7.59 4.17 -9.14
C MET A 44 -7.75 2.95 -10.06
N VAL A 45 -8.94 2.85 -10.63
CA VAL A 45 -9.25 1.75 -11.52
C VAL A 45 -8.21 1.72 -12.66
N GLU A 46 -7.85 2.90 -13.12
CA GLU A 46 -6.88 3.03 -14.19
C GLU A 46 -5.49 2.63 -13.69
N ILE A 47 -5.08 3.27 -12.61
CA ILE A 47 -3.78 3.00 -12.02
C ILE A 47 -3.52 1.48 -12.04
N ALA A 48 -4.57 0.75 -11.71
CA ALA A 48 -4.47 -0.71 -11.69
C ALA A 48 -4.52 -1.24 -13.13
N VAL A 49 -5.49 -0.74 -13.87
CA VAL A 49 -5.66 -1.16 -15.26
C VAL A 49 -4.31 -1.11 -15.97
N GLN A 50 -3.43 -0.27 -15.44
CA GLN A 50 -2.10 -0.12 -16.02
C GLN A 50 -1.13 -1.09 -15.35
N THR A 51 -0.96 -0.91 -14.04
CA THR A 51 -0.07 -1.76 -13.28
C THR A 51 -0.38 -3.23 -13.51
N GLU A 52 -1.67 -3.51 -13.69
CA GLU A 52 -2.12 -4.87 -13.93
C GLU A 52 -1.87 -5.26 -15.39
N ASP A 53 -1.36 -4.31 -16.14
CA ASP A 53 -1.07 -4.54 -17.55
C ASP A 53 0.44 -4.41 -17.79
N LYS A 54 0.96 -3.22 -17.51
CA LYS A 54 2.37 -2.96 -17.69
C LYS A 54 3.18 -4.15 -17.14
N TYR A 55 2.73 -4.63 -15.99
CA TYR A 55 3.40 -5.75 -15.36
C TYR A 55 2.61 -7.05 -15.56
N GLY A 56 1.31 -6.96 -15.33
CA GLY A 56 0.44 -8.11 -15.48
C GLY A 56 0.11 -8.74 -14.13
N VAL A 57 0.02 -7.87 -13.12
CA VAL A 57 -0.29 -8.33 -11.78
C VAL A 57 -1.77 -8.74 -11.71
N LYS A 58 -2.04 -9.71 -10.85
CA LYS A 58 -3.39 -10.20 -10.68
C LYS A 58 -3.99 -9.62 -9.40
N ILE A 59 -5.05 -8.85 -9.57
CA ILE A 59 -5.72 -8.23 -8.45
C ILE A 59 -7.19 -7.96 -8.81
N PRO A 60 -7.99 -9.06 -8.84
CA PRO A 60 -9.40 -8.95 -9.16
C PRO A 60 -10.19 -8.36 -8.00
N ASP A 61 -11.46 -8.08 -8.27
CA ASP A 61 -12.32 -7.52 -7.25
C ASP A 61 -12.35 -8.43 -6.03
N GLU A 62 -12.37 -9.73 -6.31
CA GLU A 62 -12.39 -10.72 -5.24
C GLU A 62 -11.41 -10.33 -4.13
N ASP A 63 -10.39 -9.58 -4.52
CA ASP A 63 -9.39 -9.13 -3.57
C ASP A 63 -9.43 -7.61 -3.46
N LEU A 64 -9.64 -6.97 -4.60
CA LEU A 64 -9.70 -5.52 -4.65
C LEU A 64 -10.72 -5.03 -3.62
N ALA A 65 -11.62 -5.94 -3.25
CA ALA A 65 -12.66 -5.60 -2.28
C ALA A 65 -12.01 -5.45 -0.89
N GLY A 66 -10.94 -6.21 -0.69
CA GLY A 66 -10.23 -6.16 0.58
C GLY A 66 -9.10 -5.14 0.55
N LEU A 67 -8.21 -5.32 -0.42
CA LEU A 67 -7.09 -4.41 -0.58
C LEU A 67 -7.54 -2.98 -0.31
N ARG A 68 -6.98 -2.41 0.75
CA ARG A 68 -7.32 -1.04 1.11
C ARG A 68 -6.13 -0.11 0.86
N THR A 69 -4.99 -0.50 1.40
CA THR A 69 -3.78 0.29 1.24
C THR A 69 -2.81 -0.40 0.28
N VAL A 70 -1.85 0.37 -0.21
CA VAL A 70 -0.86 -0.17 -1.13
C VAL A 70 -0.21 -1.41 -0.51
N GLY A 71 0.07 -1.31 0.78
CA GLY A 71 0.69 -2.41 1.50
C GLY A 71 -0.14 -3.69 1.38
N ASP A 72 -1.46 -3.50 1.36
CA ASP A 72 -2.37 -4.63 1.24
C ASP A 72 -2.58 -4.95 -0.24
N VAL A 73 -2.50 -3.92 -1.06
CA VAL A 73 -2.67 -4.08 -2.49
C VAL A 73 -1.37 -4.63 -3.11
N VAL A 74 -0.32 -4.59 -2.31
CA VAL A 74 0.97 -5.07 -2.75
C VAL A 74 1.18 -6.51 -2.25
N ALA A 75 0.93 -6.69 -0.96
CA ALA A 75 1.06 -8.00 -0.35
C ALA A 75 0.46 -9.06 -1.26
N TYR A 76 -0.81 -8.86 -1.59
CA TYR A 76 -1.53 -9.78 -2.44
C TYR A 76 -0.72 -10.10 -3.70
N ILE A 77 0.13 -9.15 -4.08
CA ILE A 77 0.96 -9.30 -5.25
C ILE A 77 2.09 -10.28 -4.94
N GLN A 78 3.05 -9.80 -4.15
CA GLN A 78 4.19 -10.62 -3.76
C GLN A 78 3.71 -11.87 -3.03
N LYS A 79 2.90 -11.65 -2.01
CA LYS A 79 2.38 -12.76 -1.22
C LYS A 79 2.07 -13.93 -2.13
N LEU A 80 1.59 -13.61 -3.33
CA LEU A 80 1.25 -14.63 -4.30
C LEU A 80 2.54 -15.14 -4.97
N GLU A 81 3.33 -14.18 -5.44
CA GLU A 81 4.58 -14.51 -6.10
C GLU A 81 5.38 -15.51 -5.26
N GLU A 82 5.40 -15.26 -3.96
CA GLU A 82 6.12 -16.13 -3.05
C GLU A 82 5.18 -16.63 -1.95
N GLU A 83 5.33 -16.05 -0.77
CA GLU A 83 4.51 -16.43 0.36
C GLU A 83 4.50 -15.32 1.42
N ASN A 84 5.63 -15.20 2.10
CA ASN A 84 5.77 -14.18 3.13
C ASN A 84 4.81 -14.50 4.29
N PRO A 85 5.26 -15.43 5.17
CA PRO A 85 4.45 -15.82 6.32
C PRO A 85 4.46 -14.73 7.39
N GLU A 86 4.08 -13.54 6.98
CA GLU A 86 4.05 -12.41 7.90
C GLU A 86 2.82 -11.53 7.60
N ALA A 87 2.92 -10.81 6.50
CA ALA A 87 1.83 -9.93 6.09
C ALA A 87 2.21 -9.22 4.79
N ALA A 88 3.13 -8.28 4.91
CA ALA A 88 3.58 -7.53 3.75
C ALA A 88 4.58 -6.45 4.20
N GLN A 89 4.86 -5.53 3.28
CA GLN A 89 5.78 -4.46 3.58
C GLN A 89 5.05 -3.29 4.23
N ALA A 90 4.83 -3.42 5.53
CA ALA A 90 4.14 -2.40 6.28
C ALA A 90 4.00 -2.84 7.74
N LEU A 91 3.37 -3.99 7.92
CA LEU A 91 3.17 -4.54 9.25
C LEU A 91 4.48 -4.46 10.03
N ARG A 92 4.34 -4.28 11.34
CA ARG A 92 5.50 -4.19 12.20
C ARG A 92 5.08 -4.35 13.67
N ALA A 93 4.27 -5.36 13.92
CA ALA A 93 3.79 -5.63 15.26
C ALA A 93 2.97 -6.92 15.26
N LYS A 94 1.82 -6.85 14.62
CA LYS A 94 0.94 -7.99 14.53
C LYS A 94 1.15 -8.71 13.19
N ILE A 95 0.64 -9.92 13.12
CA ILE A 95 0.76 -10.72 11.91
C ILE A 95 -0.20 -10.18 10.84
N GLU A 96 -1.47 -10.17 11.20
CA GLU A 96 -2.50 -9.69 10.30
C GLU A 96 -2.16 -8.29 9.80
N SER A 97 -2.41 -7.31 10.66
CA SER A 97 -2.13 -5.92 10.32
C SER A 97 -2.33 -5.03 11.55
N GLU A 98 -1.26 -4.33 11.90
CA GLU A 98 -1.31 -3.44 13.05
C GLU A 98 -1.16 -1.98 12.60
N ASN A 99 0.00 -1.69 12.05
CA ASN A 99 0.29 -0.35 11.58
C ASN A 99 1.77 -0.25 11.19
N PRO A 100 2.01 0.39 10.02
CA PRO A 100 3.38 0.56 9.53
C PRO A 100 4.11 1.65 10.31
N ASP A 101 3.36 2.30 11.18
CA ASP A 101 3.92 3.37 12.01
C ASP A 101 2.97 3.67 13.16
N ALA A 102 3.51 3.58 14.37
CA ALA A 102 2.73 3.84 15.57
C ALA A 102 3.64 4.38 16.66
N VAL A 103 4.57 5.23 16.26
CA VAL A 103 5.51 5.83 17.19
C VAL A 103 5.68 7.32 16.85
N ALA A 104 6.79 7.86 17.31
CA ALA A 104 7.09 9.26 17.07
C ALA A 104 6.29 10.12 18.05
N ASN A 105 6.14 9.59 19.26
CA ASN A 105 5.40 10.30 20.28
C ASN A 105 5.32 9.42 21.54
N VAL A 106 5.03 10.07 22.66
CA VAL A 106 4.92 9.37 23.93
C VAL A 106 3.89 10.08 24.81
N GLN A 107 4.12 9.98 26.12
CA GLN A 107 3.24 10.61 27.08
C GLN A 107 1.85 9.96 27.03
N ALA A 108 1.24 9.86 28.21
CA ALA A 108 -0.08 9.26 28.31
C ALA A 108 -1.12 10.37 28.47
N ARG A 109 -0.70 11.58 28.15
CA ARG A 109 -1.59 12.74 28.25
C ARG A 109 -2.39 12.67 29.56
N LEU A 110 -1.66 12.68 30.66
CA LEU A 110 -2.29 12.62 31.98
C LEU A 110 -2.14 13.98 32.67
N GLU A 111 -3.22 14.40 33.30
CA GLU A 111 -3.23 15.68 34.01
C GLU A 111 -3.93 15.54 35.36
N ALA A 112 -4.57 16.62 35.76
CA ALA A 112 -5.30 16.64 37.03
C ALA A 112 -5.75 18.06 37.34
N GLU A 113 -6.64 18.56 36.49
CA GLU A 113 -7.16 19.91 36.66
C GLU A 113 -8.25 19.92 37.74
N SER A 114 -8.95 18.80 37.84
CA SER A 114 -10.02 18.68 38.83
C SER A 114 -10.99 19.84 38.69
N LYS A 115 -11.97 19.86 39.58
CA LYS A 115 -12.98 20.92 39.57
C LYS A 115 -12.29 22.26 39.81
#